data_6Q5S
# 
_entry.id   6Q5S 
# 
_audit_conform.dict_name       mmcif_pdbx.dic 
_audit_conform.dict_version    5.399 
_audit_conform.dict_location   http://mmcif.pdb.org/dictionaries/ascii/mmcif_pdbx.dic 
# 
loop_
_database_2.database_id 
_database_2.database_code 
_database_2.pdbx_database_accession 
_database_2.pdbx_DOI 
PDB   6Q5S         pdb_00006q5s 10.2210/pdb6q5s/pdb 
WWPDB D_1200012740 ?            ?                   
# 
loop_
_pdbx_audit_revision_history.ordinal 
_pdbx_audit_revision_history.data_content_type 
_pdbx_audit_revision_history.major_revision 
_pdbx_audit_revision_history.minor_revision 
_pdbx_audit_revision_history.revision_date 
1 'Structure model' 1 0 2019-05-22 
2 'Structure model' 1 1 2019-06-19 
3 'Structure model' 1 2 2024-11-20 
# 
_pdbx_audit_revision_details.ordinal             1 
_pdbx_audit_revision_details.revision_ordinal    1 
_pdbx_audit_revision_details.data_content_type   'Structure model' 
_pdbx_audit_revision_details.provider            repository 
_pdbx_audit_revision_details.type                'Initial release' 
_pdbx_audit_revision_details.description         ? 
_pdbx_audit_revision_details.details             ? 
# 
loop_
_pdbx_audit_revision_group.ordinal 
_pdbx_audit_revision_group.revision_ordinal 
_pdbx_audit_revision_group.data_content_type 
_pdbx_audit_revision_group.group 
1 2 'Structure model' 'Data collection'     
2 2 'Structure model' 'Database references' 
3 3 'Structure model' 'Data collection'     
4 3 'Structure model' 'Database references' 
5 3 'Structure model' 'Structure summary'   
# 
loop_
_pdbx_audit_revision_category.ordinal 
_pdbx_audit_revision_category.revision_ordinal 
_pdbx_audit_revision_category.data_content_type 
_pdbx_audit_revision_category.category 
1 2 'Structure model' citation                  
2 2 'Structure model' citation_author           
3 2 'Structure model' pdbx_database_proc        
4 3 'Structure model' chem_comp_atom            
5 3 'Structure model' chem_comp_bond            
6 3 'Structure model' database_2                
7 3 'Structure model' pdbx_entry_details        
8 3 'Structure model' pdbx_modification_feature 
# 
loop_
_pdbx_audit_revision_item.ordinal 
_pdbx_audit_revision_item.revision_ordinal 
_pdbx_audit_revision_item.data_content_type 
_pdbx_audit_revision_item.item 
1 2 'Structure model' '_citation.journal_volume'            
2 2 'Structure model' '_citation.page_first'                
3 2 'Structure model' '_citation.page_last'                 
4 2 'Structure model' '_citation.title'                     
5 2 'Structure model' '_citation_author.identifier_ORCID'   
6 2 'Structure model' '_citation_author.name'               
7 3 'Structure model' '_database_2.pdbx_DOI'                
8 3 'Structure model' '_database_2.pdbx_database_accession' 
# 
_pdbx_database_status.status_code                     REL 
_pdbx_database_status.status_code_sf                  REL 
_pdbx_database_status.status_code_mr                  ? 
_pdbx_database_status.entry_id                        6Q5S 
_pdbx_database_status.recvd_initial_deposition_date   2018-12-09 
_pdbx_database_status.SG_entry                        N 
_pdbx_database_status.deposit_site                    PDBE 
_pdbx_database_status.process_site                    PDBE 
_pdbx_database_status.status_code_cs                  ? 
_pdbx_database_status.methods_development_category    ? 
_pdbx_database_status.pdb_format_compatible           Y 
_pdbx_database_status.status_code_nmr_data            ? 
# 
loop_
_audit_author.name 
_audit_author.pdbx_ordinal 
_audit_author.identifier_ORCID 
'Beesley, J.L.'  1 0000-0003-2203-0027 
'Guto, G.R.'     2 0000-0002-0247-9495 
'Wood, C.W.'     3 0000-0003-1243-3105 
'Brady, R.L.'    4 0000-0002-3575-5513 
'Woolfson, D.N.' 5 0000-0002-0394-3202 
# 
_citation.abstract                  ? 
_citation.abstract_id_CAS           ? 
_citation.book_id_ISBN              ? 
_citation.book_publisher            ? 
_citation.book_publisher_city       ? 
_citation.book_title                ? 
_citation.coordinate_linkage        ? 
_citation.country                   US 
_citation.database_id_Medline       ? 
_citation.details                   ? 
_citation.id                        primary 
_citation.journal_abbrev            J.Am.Chem.Soc. 
_citation.journal_id_ASTM           JACSAT 
_citation.journal_id_CSD            ? 
_citation.journal_id_ISSN           1520-5126 
_citation.journal_full              ? 
_citation.journal_issue             ? 
_citation.journal_volume            141 
_citation.language                  ? 
_citation.page_first                8787 
_citation.page_last                 8797 
_citation.title                     'Navigating the Structural Landscape of De Novo alpha-Helical Bundles.' 
_citation.year                      2019 
_citation.database_id_CSD           ? 
_citation.pdbx_database_id_DOI      10.1021/jacs.8b13354 
_citation.pdbx_database_id_PubMed   31066556 
_citation.unpublished_flag          ? 
# 
loop_
_citation_author.citation_id 
_citation_author.name 
_citation_author.ordinal 
_citation_author.identifier_ORCID 
primary 'Rhys, G.G.'     1 0000-0002-0247-9495 
primary 'Wood, C.W.'     2 0000-0003-1243-3105 
primary 'Beesley, J.L.'  3 0000-0003-2203-0027 
primary 'Zaccai, N.R.'   4 0000-0002-1476-2044 
primary 'Burton, A.J.'   5 ?                   
primary 'Brady, R.L.'    6 ?                   
primary 'Thomson, A.R.'  7 0000-0002-1066-1369 
primary 'Woolfson, D.N.' 8 0000-0002-0394-3202 
# 
loop_
_entity.id 
_entity.type 
_entity.src_method 
_entity.pdbx_description 
_entity.formula_weight 
_entity.pdbx_number_of_molecules 
_entity.pdbx_ec 
_entity.pdbx_mutation 
_entity.pdbx_fragment 
_entity.details 
1 polymer syn apCC-Tet 3234.871 4  ? ? ? ? 
2 water   nat water    18.015   76 ? ? ? ? 
# 
_entity_poly.entity_id                      1 
_entity_poly.type                           'polypeptide(L)' 
_entity_poly.nstd_linkage                   no 
_entity_poly.nstd_monomer                   yes 
_entity_poly.pdbx_seq_one_letter_code       '(ACE)GELEALAQELEALAKKLKALAWKLKALAQG(NH2)' 
_entity_poly.pdbx_seq_one_letter_code_can   XGELEALAQELEALAKKLKALAWKLKALAQGX 
_entity_poly.pdbx_strand_id                 A,B,C,D 
_entity_poly.pdbx_target_identifier         ? 
# 
_pdbx_entity_nonpoly.entity_id   2 
_pdbx_entity_nonpoly.name        water 
_pdbx_entity_nonpoly.comp_id     HOH 
# 
loop_
_entity_poly_seq.entity_id 
_entity_poly_seq.num 
_entity_poly_seq.mon_id 
_entity_poly_seq.hetero 
1 1  ACE n 
1 2  GLY n 
1 3  GLU n 
1 4  LEU n 
1 5  GLU n 
1 6  ALA n 
1 7  LEU n 
1 8  ALA n 
1 9  GLN n 
1 10 GLU n 
1 11 LEU n 
1 12 GLU n 
1 13 ALA n 
1 14 LEU n 
1 15 ALA n 
1 16 LYS n 
1 17 LYS n 
1 18 LEU n 
1 19 LYS n 
1 20 ALA n 
1 21 LEU n 
1 22 ALA n 
1 23 TRP n 
1 24 LYS n 
1 25 LEU n 
1 26 LYS n 
1 27 ALA n 
1 28 LEU n 
1 29 ALA n 
1 30 GLN n 
1 31 GLY n 
1 32 NH2 n 
# 
_pdbx_entity_src_syn.entity_id              1 
_pdbx_entity_src_syn.pdbx_src_id            1 
_pdbx_entity_src_syn.pdbx_alt_source_flag   sample 
_pdbx_entity_src_syn.pdbx_beg_seq_num       1 
_pdbx_entity_src_syn.pdbx_end_seq_num       32 
_pdbx_entity_src_syn.organism_scientific    'synthetic construct' 
_pdbx_entity_src_syn.organism_common_name   ? 
_pdbx_entity_src_syn.ncbi_taxonomy_id       32630 
_pdbx_entity_src_syn.details                ? 
# 
loop_
_chem_comp.id 
_chem_comp.type 
_chem_comp.mon_nstd_flag 
_chem_comp.name 
_chem_comp.pdbx_synonyms 
_chem_comp.formula 
_chem_comp.formula_weight 
ACE non-polymer         . 'ACETYL GROUP'  ? 'C2 H4 O'        44.053  
ALA 'L-peptide linking' y ALANINE         ? 'C3 H7 N O2'     89.093  
GLN 'L-peptide linking' y GLUTAMINE       ? 'C5 H10 N2 O3'   146.144 
GLU 'L-peptide linking' y 'GLUTAMIC ACID' ? 'C5 H9 N O4'     147.129 
GLY 'peptide linking'   y GLYCINE         ? 'C2 H5 N O2'     75.067  
HOH non-polymer         . WATER           ? 'H2 O'           18.015  
LEU 'L-peptide linking' y LEUCINE         ? 'C6 H13 N O2'    131.173 
LYS 'L-peptide linking' y LYSINE          ? 'C6 H15 N2 O2 1' 147.195 
NH2 non-polymer         . 'AMINO GROUP'   ? 'H2 N'           16.023  
TRP 'L-peptide linking' y TRYPTOPHAN      ? 'C11 H12 N2 O2'  204.225 
# 
loop_
_pdbx_poly_seq_scheme.asym_id 
_pdbx_poly_seq_scheme.entity_id 
_pdbx_poly_seq_scheme.seq_id 
_pdbx_poly_seq_scheme.mon_id 
_pdbx_poly_seq_scheme.ndb_seq_num 
_pdbx_poly_seq_scheme.pdb_seq_num 
_pdbx_poly_seq_scheme.auth_seq_num 
_pdbx_poly_seq_scheme.pdb_mon_id 
_pdbx_poly_seq_scheme.auth_mon_id 
_pdbx_poly_seq_scheme.pdb_strand_id 
_pdbx_poly_seq_scheme.pdb_ins_code 
_pdbx_poly_seq_scheme.hetero 
A 1 1  ACE 1  0  0  ACE ACE A . n 
A 1 2  GLY 2  1  1  GLY GLY A . n 
A 1 3  GLU 3  2  2  GLU GLU A . n 
A 1 4  LEU 4  3  3  LEU LEU A . n 
A 1 5  GLU 5  4  4  GLU GLU A . n 
A 1 6  ALA 6  5  5  ALA ALA A . n 
A 1 7  LEU 7  6  6  LEU LEU A . n 
A 1 8  ALA 8  7  7  ALA ALA A . n 
A 1 9  GLN 9  8  8  GLN GLN A . n 
A 1 10 GLU 10 9  9  GLU GLU A . n 
A 1 11 LEU 11 10 10 LEU LEU A . n 
A 1 12 GLU 12 11 11 GLU GLU A . n 
A 1 13 ALA 13 12 12 ALA ALA A . n 
A 1 14 LEU 14 13 13 LEU LEU A . n 
A 1 15 ALA 15 14 14 ALA ALA A . n 
A 1 16 LYS 16 15 15 LYS LYS A . n 
A 1 17 LYS 17 16 16 LYS LYS A . n 
A 1 18 LEU 18 17 17 LEU LEU A . n 
A 1 19 LYS 19 18 18 LYS LYS A . n 
A 1 20 ALA 20 19 19 ALA ALA A . n 
A 1 21 LEU 21 20 20 LEU LEU A . n 
A 1 22 ALA 22 21 21 ALA ALA A . n 
A 1 23 TRP 23 22 22 TRP TRP A . n 
A 1 24 LYS 24 23 23 LYS LYS A . n 
A 1 25 LEU 25 24 24 LEU LEU A . n 
A 1 26 LYS 26 25 25 LYS LYS A . n 
A 1 27 ALA 27 26 26 ALA ALA A . n 
A 1 28 LEU 28 27 27 LEU LEU A . n 
A 1 29 ALA 29 28 28 ALA ALA A . n 
A 1 30 GLN 30 29 29 GLN GLN A . n 
A 1 31 GLY 31 30 30 GLY GLY A . n 
A 1 32 NH2 32 31 ?  ?   ?   A . n 
B 1 1  ACE 1  0  ?  ?   ?   B . n 
B 1 2  GLY 2  1  1  GLY GLY B . n 
B 1 3  GLU 3  2  2  GLU GLU B . n 
B 1 4  LEU 4  3  3  LEU LEU B . n 
B 1 5  GLU 5  4  4  GLU GLU B . n 
B 1 6  ALA 6  5  5  ALA ALA B . n 
B 1 7  LEU 7  6  6  LEU LEU B . n 
B 1 8  ALA 8  7  7  ALA ALA B . n 
B 1 9  GLN 9  8  8  GLN GLN B . n 
B 1 10 GLU 10 9  9  GLU GLU B . n 
B 1 11 LEU 11 10 10 LEU LEU B . n 
B 1 12 GLU 12 11 11 GLU GLU B . n 
B 1 13 ALA 13 12 12 ALA ALA B . n 
B 1 14 LEU 14 13 13 LEU LEU B . n 
B 1 15 ALA 15 14 14 ALA ALA B . n 
B 1 16 LYS 16 15 15 LYS LYS B . n 
B 1 17 LYS 17 16 16 LYS LYS B . n 
B 1 18 LEU 18 17 17 LEU LEU B . n 
B 1 19 LYS 19 18 18 LYS LYS B . n 
B 1 20 ALA 20 19 19 ALA ALA B . n 
B 1 21 LEU 21 20 20 LEU LEU B . n 
B 1 22 ALA 22 21 21 ALA ALA B . n 
B 1 23 TRP 23 22 22 TRP TRP B . n 
B 1 24 LYS 24 23 23 LYS LYS B . n 
B 1 25 LEU 25 24 24 LEU LEU B . n 
B 1 26 LYS 26 25 25 LYS LYS B . n 
B 1 27 ALA 27 26 26 ALA ALA B . n 
B 1 28 LEU 28 27 27 LEU LEU B . n 
B 1 29 ALA 29 28 28 ALA ALA B . n 
B 1 30 GLN 30 29 29 GLN GLN B . n 
B 1 31 GLY 31 30 30 GLY GLY B . n 
B 1 32 NH2 32 31 ?  ?   ?   B . n 
C 1 1  ACE 1  0  0  ACE ACE C . n 
C 1 2  GLY 2  1  1  GLY GLY C . n 
C 1 3  GLU 3  2  2  GLU GLU C . n 
C 1 4  LEU 4  3  3  LEU LEU C . n 
C 1 5  GLU 5  4  4  GLU GLU C . n 
C 1 6  ALA 6  5  5  ALA ALA C . n 
C 1 7  LEU 7  6  6  LEU LEU C . n 
C 1 8  ALA 8  7  7  ALA ALA C . n 
C 1 9  GLN 9  8  8  GLN GLN C . n 
C 1 10 GLU 10 9  9  GLU GLU C . n 
C 1 11 LEU 11 10 10 LEU LEU C . n 
C 1 12 GLU 12 11 11 GLU GLU C . n 
C 1 13 ALA 13 12 12 ALA ALA C . n 
C 1 14 LEU 14 13 13 LEU LEU C . n 
C 1 15 ALA 15 14 14 ALA ALA C . n 
C 1 16 LYS 16 15 15 LYS LYS C . n 
C 1 17 LYS 17 16 16 LYS LYS C . n 
C 1 18 LEU 18 17 17 LEU LEU C . n 
C 1 19 LYS 19 18 18 LYS LYS C . n 
C 1 20 ALA 20 19 19 ALA ALA C . n 
C 1 21 LEU 21 20 20 LEU LEU C . n 
C 1 22 ALA 22 21 21 ALA ALA C . n 
C 1 23 TRP 23 22 22 TRP TRP C . n 
C 1 24 LYS 24 23 23 LYS LYS C . n 
C 1 25 LEU 25 24 24 LEU LEU C . n 
C 1 26 LYS 26 25 25 LYS LYS C . n 
C 1 27 ALA 27 26 26 ALA ALA C . n 
C 1 28 LEU 28 27 27 LEU LEU C . n 
C 1 29 ALA 29 28 28 ALA ALA C . n 
C 1 30 GLN 30 29 29 GLN GLN C . n 
C 1 31 GLY 31 30 30 GLY GLY C . n 
C 1 32 NH2 32 31 31 NH2 NH2 C . n 
D 1 1  ACE 1  0  0  ACE ACE D . n 
D 1 2  GLY 2  1  1  GLY GLY D . n 
D 1 3  GLU 3  2  2  GLU GLU D . n 
D 1 4  LEU 4  3  3  LEU LEU D . n 
D 1 5  GLU 5  4  4  GLU GLU D . n 
D 1 6  ALA 6  5  5  ALA ALA D . n 
D 1 7  LEU 7  6  6  LEU LEU D . n 
D 1 8  ALA 8  7  7  ALA ALA D . n 
D 1 9  GLN 9  8  8  GLN GLN D . n 
D 1 10 GLU 10 9  9  GLU GLU D . n 
D 1 11 LEU 11 10 10 LEU LEU D . n 
D 1 12 GLU 12 11 11 GLU GLU D . n 
D 1 13 ALA 13 12 12 ALA ALA D . n 
D 1 14 LEU 14 13 13 LEU LEU D . n 
D 1 15 ALA 15 14 14 ALA ALA D . n 
D 1 16 LYS 16 15 15 LYS LYS D . n 
D 1 17 LYS 17 16 16 LYS LYS D . n 
D 1 18 LEU 18 17 17 LEU LEU D . n 
D 1 19 LYS 19 18 18 LYS LYS D . n 
D 1 20 ALA 20 19 19 ALA ALA D . n 
D 1 21 LEU 21 20 20 LEU LEU D . n 
D 1 22 ALA 22 21 21 ALA ALA D . n 
D 1 23 TRP 23 22 22 TRP TRP D . n 
D 1 24 LYS 24 23 23 LYS LYS D . n 
D 1 25 LEU 25 24 24 LEU LEU D . n 
D 1 26 LYS 26 25 25 LYS LYS D . n 
D 1 27 ALA 27 26 26 ALA ALA D . n 
D 1 28 LEU 28 27 27 LEU LEU D . n 
D 1 29 ALA 29 28 28 ALA ALA D . n 
D 1 30 GLN 30 29 29 GLN GLN D . n 
D 1 31 GLY 31 30 30 GLY GLY D . n 
D 1 32 NH2 32 31 ?  ?   ?   D . n 
# 
loop_
_pdbx_nonpoly_scheme.asym_id 
_pdbx_nonpoly_scheme.entity_id 
_pdbx_nonpoly_scheme.mon_id 
_pdbx_nonpoly_scheme.ndb_seq_num 
_pdbx_nonpoly_scheme.pdb_seq_num 
_pdbx_nonpoly_scheme.auth_seq_num 
_pdbx_nonpoly_scheme.pdb_mon_id 
_pdbx_nonpoly_scheme.auth_mon_id 
_pdbx_nonpoly_scheme.pdb_strand_id 
_pdbx_nonpoly_scheme.pdb_ins_code 
E 2 HOH 1  101 35 HOH HOH A . 
E 2 HOH 2  102 29 HOH HOH A . 
E 2 HOH 3  103 49 HOH HOH A . 
E 2 HOH 4  104 15 HOH HOH A . 
E 2 HOH 5  105 54 HOH HOH A . 
E 2 HOH 6  106 13 HOH HOH A . 
E 2 HOH 7  107 17 HOH HOH A . 
E 2 HOH 8  108 25 HOH HOH A . 
E 2 HOH 9  109 3  HOH HOH A . 
E 2 HOH 10 110 69 HOH HOH A . 
E 2 HOH 11 111 5  HOH HOH A . 
E 2 HOH 12 112 27 HOH HOH A . 
E 2 HOH 13 113 31 HOH HOH A . 
E 2 HOH 14 114 44 HOH HOH A . 
E 2 HOH 15 115 62 HOH HOH A . 
E 2 HOH 16 116 64 HOH HOH A . 
E 2 HOH 17 117 14 HOH HOH A . 
E 2 HOH 18 118 33 HOH HOH A . 
E 2 HOH 19 119 26 HOH HOH A . 
E 2 HOH 20 120 74 HOH HOH A . 
E 2 HOH 21 121 47 HOH HOH A . 
E 2 HOH 22 122 22 HOH HOH A . 
F 2 HOH 1  101 73 HOH HOH B . 
F 2 HOH 2  102 75 HOH HOH B . 
F 2 HOH 3  103 30 HOH HOH B . 
F 2 HOH 4  104 46 HOH HOH B . 
F 2 HOH 5  105 12 HOH HOH B . 
F 2 HOH 6  106 34 HOH HOH B . 
F 2 HOH 7  107 53 HOH HOH B . 
F 2 HOH 8  108 42 HOH HOH B . 
F 2 HOH 9  109 57 HOH HOH B . 
F 2 HOH 10 110 2  HOH HOH B . 
F 2 HOH 11 111 4  HOH HOH B . 
F 2 HOH 12 112 50 HOH HOH B . 
F 2 HOH 13 113 55 HOH HOH B . 
F 2 HOH 14 114 52 HOH HOH B . 
F 2 HOH 15 115 60 HOH HOH B . 
F 2 HOH 16 116 70 HOH HOH B . 
F 2 HOH 17 117 59 HOH HOH B . 
G 2 HOH 1  101 40 HOH HOH C . 
G 2 HOH 2  102 23 HOH HOH C . 
G 2 HOH 3  103 7  HOH HOH C . 
G 2 HOH 4  104 20 HOH HOH C . 
G 2 HOH 5  105 37 HOH HOH C . 
G 2 HOH 6  106 6  HOH HOH C . 
G 2 HOH 7  107 10 HOH HOH C . 
G 2 HOH 8  108 21 HOH HOH C . 
G 2 HOH 9  109 45 HOH HOH C . 
G 2 HOH 10 110 8  HOH HOH C . 
G 2 HOH 11 111 24 HOH HOH C . 
G 2 HOH 12 112 66 HOH HOH C . 
G 2 HOH 13 113 61 HOH HOH C . 
G 2 HOH 14 114 67 HOH HOH C . 
G 2 HOH 15 115 38 HOH HOH C . 
G 2 HOH 16 116 72 HOH HOH C . 
G 2 HOH 17 117 68 HOH HOH C . 
G 2 HOH 18 118 36 HOH HOH C . 
G 2 HOH 19 119 32 HOH HOH C . 
G 2 HOH 20 120 48 HOH HOH C . 
G 2 HOH 21 121 76 HOH HOH C . 
G 2 HOH 22 122 63 HOH HOH C . 
G 2 HOH 23 123 65 HOH HOH C . 
G 2 HOH 24 124 39 HOH HOH C . 
G 2 HOH 25 125 71 HOH HOH C . 
G 2 HOH 26 126 56 HOH HOH C . 
H 2 HOH 1  101 18 HOH HOH D . 
H 2 HOH 2  102 9  HOH HOH D . 
H 2 HOH 3  103 43 HOH HOH D . 
H 2 HOH 4  104 51 HOH HOH D . 
H 2 HOH 5  105 41 HOH HOH D . 
H 2 HOH 6  106 19 HOH HOH D . 
H 2 HOH 7  107 11 HOH HOH D . 
H 2 HOH 8  108 16 HOH HOH D . 
H 2 HOH 9  109 28 HOH HOH D . 
H 2 HOH 10 110 58 HOH HOH D . 
H 2 HOH 11 111 1  HOH HOH D . 
# 
loop_
_software.citation_id 
_software.classification 
_software.compiler_name 
_software.compiler_version 
_software.contact_author 
_software.contact_author_email 
_software.date 
_software.description 
_software.dependencies 
_software.hardware 
_software.language 
_software.location 
_software.mods 
_software.name 
_software.os 
_software.os_version 
_software.type 
_software.version 
_software.pdbx_ordinal 
? refinement       ? ? ? ? ? ? ? ? ? ? ? PHENIX  ? ? ? '(1.13_2998: ???)' 1 
? 'data reduction' ? ? ? ? ? ? ? ? ? ? ? XDS     ? ? ? 20171111           2 
? 'data scaling'   ? ? ? ? ? ? ? ? ? ? ? Aimless ? ? ? 0.5.32             3 
? phasing          ? ? ? ? ? ? ? ? ? ? ? PHENIX  ? ? ? 1.13_2998          4 
# 
_cell.angle_alpha                  90.00 
_cell.angle_alpha_esd              ? 
_cell.angle_beta                   90.00 
_cell.angle_beta_esd               ? 
_cell.angle_gamma                  90.00 
_cell.angle_gamma_esd              ? 
_cell.entry_id                     6Q5S 
_cell.details                      ? 
_cell.formula_units_Z              ? 
_cell.length_a                     58.490 
_cell.length_a_esd                 ? 
_cell.length_b                     58.490 
_cell.length_b_esd                 ? 
_cell.length_c                     89.470 
_cell.length_c_esd                 ? 
_cell.volume                       ? 
_cell.volume_esd                   ? 
_cell.Z_PDB                        32 
_cell.reciprocal_angle_alpha       ? 
_cell.reciprocal_angle_beta        ? 
_cell.reciprocal_angle_gamma       ? 
_cell.reciprocal_angle_alpha_esd   ? 
_cell.reciprocal_angle_beta_esd    ? 
_cell.reciprocal_angle_gamma_esd   ? 
_cell.reciprocal_length_a          ? 
_cell.reciprocal_length_b          ? 
_cell.reciprocal_length_c          ? 
_cell.reciprocal_length_a_esd      ? 
_cell.reciprocal_length_b_esd      ? 
_cell.reciprocal_length_c_esd      ? 
_cell.pdbx_unique_axis             ? 
# 
_symmetry.entry_id                         6Q5S 
_symmetry.cell_setting                     ? 
_symmetry.Int_Tables_number                92 
_symmetry.space_group_name_Hall            ? 
_symmetry.space_group_name_H-M             'P 41 21 2' 
_symmetry.pdbx_full_space_group_name_H-M   ? 
# 
_exptl.absorpt_coefficient_mu     ? 
_exptl.absorpt_correction_T_max   ? 
_exptl.absorpt_correction_T_min   ? 
_exptl.absorpt_correction_type    ? 
_exptl.absorpt_process_details    ? 
_exptl.entry_id                   6Q5S 
_exptl.crystals_number            1 
_exptl.details                    ? 
_exptl.method                     'X-RAY DIFFRACTION' 
_exptl.method_details             ? 
# 
_exptl_crystal.colour                      ? 
_exptl_crystal.density_diffrn              ? 
_exptl_crystal.density_Matthews            2.96 
_exptl_crystal.density_method              ? 
_exptl_crystal.density_percent_sol         58.40 
_exptl_crystal.description                 ? 
_exptl_crystal.F_000                       ? 
_exptl_crystal.id                          1 
_exptl_crystal.preparation                 ? 
_exptl_crystal.size_max                    ? 
_exptl_crystal.size_mid                    ? 
_exptl_crystal.size_min                    ? 
_exptl_crystal.size_rad                    ? 
_exptl_crystal.colour_lustre               ? 
_exptl_crystal.colour_modifier             ? 
_exptl_crystal.colour_primary              ? 
_exptl_crystal.density_meas                ? 
_exptl_crystal.density_meas_esd            ? 
_exptl_crystal.density_meas_gt             ? 
_exptl_crystal.density_meas_lt             ? 
_exptl_crystal.density_meas_temp           ? 
_exptl_crystal.density_meas_temp_esd       ? 
_exptl_crystal.density_meas_temp_gt        ? 
_exptl_crystal.density_meas_temp_lt        ? 
_exptl_crystal.pdbx_crystal_image_url      ? 
_exptl_crystal.pdbx_crystal_image_format   ? 
_exptl_crystal.pdbx_mosaicity              ? 
_exptl_crystal.pdbx_mosaicity_esd          ? 
# 
_exptl_crystal_grow.apparatus       ? 
_exptl_crystal_grow.atmosphere      ? 
_exptl_crystal_grow.crystal_id      1 
_exptl_crystal_grow.details         ? 
_exptl_crystal_grow.method          'VAPOR DIFFUSION, SITTING DROP' 
_exptl_crystal_grow.method_ref      ? 
_exptl_crystal_grow.pH              7.5 
_exptl_crystal_grow.pressure        ? 
_exptl_crystal_grow.pressure_esd    ? 
_exptl_crystal_grow.seeding         ? 
_exptl_crystal_grow.seeding_ref     ? 
_exptl_crystal_grow.temp            293 
_exptl_crystal_grow.temp_details    ? 
_exptl_crystal_grow.temp_esd        ? 
_exptl_crystal_grow.time            ? 
_exptl_crystal_grow.pdbx_details    '2.15 M sodium chloride, 50 mM sodium HEPES' 
_exptl_crystal_grow.pdbx_pH_range   ? 
# 
_diffrn.ambient_environment              ? 
_diffrn.ambient_temp                     80 
_diffrn.ambient_temp_details             ? 
_diffrn.ambient_temp_esd                 ? 
_diffrn.crystal_id                       1 
_diffrn.crystal_support                  ? 
_diffrn.crystal_treatment                ? 
_diffrn.details                          ? 
_diffrn.id                               1 
_diffrn.ambient_pressure                 ? 
_diffrn.ambient_pressure_esd             ? 
_diffrn.ambient_pressure_gt              ? 
_diffrn.ambient_pressure_lt              ? 
_diffrn.ambient_temp_gt                  ? 
_diffrn.ambient_temp_lt                  ? 
_diffrn.pdbx_serial_crystal_experiment   N 
# 
_diffrn_detector.details                      ? 
_diffrn_detector.detector                     PIXEL 
_diffrn_detector.diffrn_id                    1 
_diffrn_detector.type                         'DECTRIS PILATUS 6M' 
_diffrn_detector.area_resol_mean              ? 
_diffrn_detector.dtime                        ? 
_diffrn_detector.pdbx_frames_total            ? 
_diffrn_detector.pdbx_collection_time_total   ? 
_diffrn_detector.pdbx_collection_date         2018-03-04 
_diffrn_detector.pdbx_frequency               ? 
# 
_diffrn_radiation.collimation                      ? 
_diffrn_radiation.diffrn_id                        1 
_diffrn_radiation.filter_edge                      ? 
_diffrn_radiation.inhomogeneity                    ? 
_diffrn_radiation.monochromator                    ? 
_diffrn_radiation.polarisn_norm                    ? 
_diffrn_radiation.polarisn_ratio                   ? 
_diffrn_radiation.probe                            ? 
_diffrn_radiation.type                             ? 
_diffrn_radiation.xray_symbol                      ? 
_diffrn_radiation.wavelength_id                    1 
_diffrn_radiation.pdbx_monochromatic_or_laue_m_l   M 
_diffrn_radiation.pdbx_wavelength_list             ? 
_diffrn_radiation.pdbx_wavelength                  ? 
_diffrn_radiation.pdbx_diffrn_protocol             'SINGLE WAVELENGTH' 
_diffrn_radiation.pdbx_analyzer                    ? 
_diffrn_radiation.pdbx_scattering_type             x-ray 
# 
_diffrn_radiation_wavelength.id           1 
_diffrn_radiation_wavelength.wavelength   0.97628 
_diffrn_radiation_wavelength.wt           1.0 
# 
_diffrn_source.current                     ? 
_diffrn_source.details                     ? 
_diffrn_source.diffrn_id                   1 
_diffrn_source.power                       ? 
_diffrn_source.size                        ? 
_diffrn_source.source                      SYNCHROTRON 
_diffrn_source.target                      ? 
_diffrn_source.type                        'DIAMOND BEAMLINE I03' 
_diffrn_source.voltage                     ? 
_diffrn_source.take-off_angle              ? 
_diffrn_source.pdbx_wavelength_list        0.97628 
_diffrn_source.pdbx_wavelength             ? 
_diffrn_source.pdbx_synchrotron_beamline   I03 
_diffrn_source.pdbx_synchrotron_site       Diamond 
# 
_reflns.B_iso_Wilson_estimate            24.020 
_reflns.entry_id                         6Q5S 
_reflns.data_reduction_details           ? 
_reflns.data_reduction_method            ? 
_reflns.d_resolution_high                1.89 
_reflns.d_resolution_low                 48.96 
_reflns.details                          ? 
_reflns.limit_h_max                      ? 
_reflns.limit_h_min                      ? 
_reflns.limit_k_max                      ? 
_reflns.limit_k_min                      ? 
_reflns.limit_l_max                      ? 
_reflns.limit_l_min                      ? 
_reflns.number_all                       ? 
_reflns.number_obs                       13052 
_reflns.observed_criterion               ? 
_reflns.observed_criterion_F_max         ? 
_reflns.observed_criterion_F_min         ? 
_reflns.observed_criterion_I_max         ? 
_reflns.observed_criterion_I_min         ? 
_reflns.observed_criterion_sigma_F       ? 
_reflns.observed_criterion_sigma_I       ? 
_reflns.percent_possible_obs             100 
_reflns.R_free_details                   ? 
_reflns.Rmerge_F_all                     ? 
_reflns.Rmerge_F_obs                     ? 
_reflns.Friedel_coverage                 ? 
_reflns.number_gt                        ? 
_reflns.threshold_expression             ? 
_reflns.pdbx_redundancy                  25.2 
_reflns.pdbx_Rmerge_I_obs                0.143 
_reflns.pdbx_Rmerge_I_all                ? 
_reflns.pdbx_Rsym_value                  ? 
_reflns.pdbx_netI_over_av_sigmaI         ? 
_reflns.pdbx_netI_over_sigmaI            15.1 
_reflns.pdbx_res_netI_over_av_sigmaI_2   ? 
_reflns.pdbx_res_netI_over_sigmaI_2      ? 
_reflns.pdbx_chi_squared                 ? 
_reflns.pdbx_scaling_rejects             ? 
_reflns.pdbx_d_res_high_opt              ? 
_reflns.pdbx_d_res_low_opt               ? 
_reflns.pdbx_d_res_opt_method            ? 
_reflns.phase_calculation_details        ? 
_reflns.pdbx_Rrim_I_all                  0.149 
_reflns.pdbx_Rpim_I_all                  0.040 
_reflns.pdbx_d_opt                       ? 
_reflns.pdbx_number_measured_all         ? 
_reflns.pdbx_diffrn_id                   1 
_reflns.pdbx_ordinal                     1 
_reflns.pdbx_CC_half                     0.999 
_reflns.pdbx_R_split                     ? 
# 
loop_
_reflns_shell.d_res_high 
_reflns_shell.d_res_low 
_reflns_shell.meanI_over_sigI_all 
_reflns_shell.meanI_over_sigI_obs 
_reflns_shell.number_measured_all 
_reflns_shell.number_measured_obs 
_reflns_shell.number_possible 
_reflns_shell.number_unique_all 
_reflns_shell.number_unique_obs 
_reflns_shell.percent_possible_all 
_reflns_shell.percent_possible_obs 
_reflns_shell.Rmerge_F_all 
_reflns_shell.Rmerge_F_obs 
_reflns_shell.Rmerge_I_all 
_reflns_shell.Rmerge_I_obs 
_reflns_shell.meanI_over_sigI_gt 
_reflns_shell.meanI_over_uI_all 
_reflns_shell.meanI_over_uI_gt 
_reflns_shell.number_measured_gt 
_reflns_shell.number_unique_gt 
_reflns_shell.percent_possible_gt 
_reflns_shell.Rmerge_F_gt 
_reflns_shell.Rmerge_I_gt 
_reflns_shell.pdbx_redundancy 
_reflns_shell.pdbx_Rsym_value 
_reflns_shell.pdbx_chi_squared 
_reflns_shell.pdbx_netI_over_sigmaI_all 
_reflns_shell.pdbx_netI_over_sigmaI_obs 
_reflns_shell.pdbx_Rrim_I_all 
_reflns_shell.pdbx_Rpim_I_all 
_reflns_shell.pdbx_rejects 
_reflns_shell.pdbx_ordinal 
_reflns_shell.pdbx_diffrn_id 
_reflns_shell.pdbx_CC_half 
_reflns_shell.pdbx_R_split 
1.89 1.92  ? 1.1  ? ? ? ? 940 100  ? ? ? ? 3.429 ? ? ? ? ? ? ? ? 26.5 ? ? ? ? 3.559 0.951 ? 1 1 0.553 ? 
8.45 48.96 ? 45.7 ? ? ? ? 196 99.2 ? ? ? ? 0.044 ? ? ? ? ? ? ? ? 18.6 ? ? ? ? 0.046 0.012 ? 2 1 1.000 ? 
# 
_refine.aniso_B[1][1]                            ? 
_refine.aniso_B[1][2]                            ? 
_refine.aniso_B[1][3]                            ? 
_refine.aniso_B[2][2]                            ? 
_refine.aniso_B[2][3]                            ? 
_refine.aniso_B[3][3]                            ? 
_refine.B_iso_max                                ? 
_refine.B_iso_mean                               ? 
_refine.B_iso_min                                ? 
_refine.correlation_coeff_Fo_to_Fc               ? 
_refine.correlation_coeff_Fo_to_Fc_free          ? 
_refine.details                                  ? 
_refine.diff_density_max                         ? 
_refine.diff_density_max_esd                     ? 
_refine.diff_density_min                         ? 
_refine.diff_density_min_esd                     ? 
_refine.diff_density_rms                         ? 
_refine.diff_density_rms_esd                     ? 
_refine.entry_id                                 6Q5S 
_refine.pdbx_refine_id                           'X-RAY DIFFRACTION' 
_refine.ls_abs_structure_details                 ? 
_refine.ls_abs_structure_Flack                   ? 
_refine.ls_abs_structure_Flack_esd               ? 
_refine.ls_abs_structure_Rogers                  ? 
_refine.ls_abs_structure_Rogers_esd              ? 
_refine.ls_d_res_high                            1.890 
_refine.ls_d_res_low                             48.957 
_refine.ls_extinction_coef                       ? 
_refine.ls_extinction_coef_esd                   ? 
_refine.ls_extinction_expression                 ? 
_refine.ls_extinction_method                     ? 
_refine.ls_goodness_of_fit_all                   ? 
_refine.ls_goodness_of_fit_all_esd               ? 
_refine.ls_goodness_of_fit_obs                   ? 
_refine.ls_goodness_of_fit_obs_esd               ? 
_refine.ls_hydrogen_treatment                    ? 
_refine.ls_matrix_type                           ? 
_refine.ls_number_constraints                    ? 
_refine.ls_number_parameters                     ? 
_refine.ls_number_reflns_all                     ? 
_refine.ls_number_reflns_obs                     13002 
_refine.ls_number_reflns_R_free                  616 
_refine.ls_number_reflns_R_work                  ? 
_refine.ls_number_restraints                     ? 
_refine.ls_percent_reflns_obs                    99.89 
_refine.ls_percent_reflns_R_free                 4.74 
_refine.ls_R_factor_all                          ? 
_refine.ls_R_factor_obs                          0.1998 
_refine.ls_R_factor_R_free                       0.2319 
_refine.ls_R_factor_R_free_error                 ? 
_refine.ls_R_factor_R_free_error_details         ? 
_refine.ls_R_factor_R_work                       0.1982 
_refine.ls_R_Fsqd_factor_obs                     ? 
_refine.ls_R_I_factor_obs                        ? 
_refine.ls_redundancy_reflns_all                 ? 
_refine.ls_redundancy_reflns_obs                 ? 
_refine.ls_restrained_S_all                      ? 
_refine.ls_restrained_S_obs                      ? 
_refine.ls_shift_over_esd_max                    ? 
_refine.ls_shift_over_esd_mean                   ? 
_refine.ls_structure_factor_coef                 ? 
_refine.ls_weighting_details                     ? 
_refine.ls_weighting_scheme                      ? 
_refine.ls_wR_factor_all                         ? 
_refine.ls_wR_factor_obs                         ? 
_refine.ls_wR_factor_R_free                      ? 
_refine.ls_wR_factor_R_work                      ? 
_refine.occupancy_max                            ? 
_refine.occupancy_min                            ? 
_refine.solvent_model_details                    'FLAT BULK SOLVENT MODEL' 
_refine.solvent_model_param_bsol                 ? 
_refine.solvent_model_param_ksol                 ? 
_refine.ls_R_factor_gt                           ? 
_refine.ls_goodness_of_fit_gt                    ? 
_refine.ls_goodness_of_fit_ref                   ? 
_refine.ls_shift_over_su_max                     ? 
_refine.ls_shift_over_su_max_lt                  ? 
_refine.ls_shift_over_su_mean                    ? 
_refine.ls_shift_over_su_mean_lt                 ? 
_refine.pdbx_ls_sigma_I                          ? 
_refine.pdbx_ls_sigma_F                          1.34 
_refine.pdbx_ls_sigma_Fsqd                       ? 
_refine.pdbx_data_cutoff_high_absF               ? 
_refine.pdbx_data_cutoff_high_rms_absF           ? 
_refine.pdbx_data_cutoff_low_absF                ? 
_refine.pdbx_isotropic_thermal_model             ? 
_refine.pdbx_ls_cross_valid_method               THROUGHOUT 
_refine.pdbx_method_to_determine_struct          'MOLECULAR REPLACEMENT' 
_refine.pdbx_starting_model                      ? 
_refine.pdbx_stereochemistry_target_values       ML 
_refine.pdbx_R_Free_selection_details            RANDOM 
_refine.pdbx_stereochem_target_val_spec_case     ? 
_refine.pdbx_overall_ESU_R                       ? 
_refine.pdbx_overall_ESU_R_Free                  ? 
_refine.pdbx_solvent_vdw_probe_radii             1.11 
_refine.pdbx_solvent_ion_probe_radii             ? 
_refine.pdbx_solvent_shrinkage_radii             0.90 
_refine.pdbx_real_space_R                        ? 
_refine.pdbx_density_correlation                 ? 
_refine.pdbx_pd_number_of_powder_patterns        ? 
_refine.pdbx_pd_number_of_points                 ? 
_refine.pdbx_pd_meas_number_of_points            ? 
_refine.pdbx_pd_proc_ls_prof_R_factor            ? 
_refine.pdbx_pd_proc_ls_prof_wR_factor           ? 
_refine.pdbx_pd_Marquardt_correlation_coeff      ? 
_refine.pdbx_pd_Fsqrd_R_factor                   ? 
_refine.pdbx_pd_ls_matrix_band_width             ? 
_refine.pdbx_overall_phase_error                 25.62 
_refine.pdbx_overall_SU_R_free_Cruickshank_DPI   ? 
_refine.pdbx_overall_SU_R_free_Blow_DPI          ? 
_refine.pdbx_overall_SU_R_Blow_DPI               ? 
_refine.pdbx_TLS_residual_ADP_flag               ? 
_refine.pdbx_diffrn_id                           1 
_refine.overall_SU_B                             ? 
_refine.overall_SU_ML                            0.23 
_refine.overall_SU_R_Cruickshank_DPI             ? 
_refine.overall_SU_R_free                        ? 
_refine.overall_FOM_free_R_set                   ? 
_refine.overall_FOM_work_R_set                   ? 
_refine.pdbx_average_fsc_overall                 ? 
_refine.pdbx_average_fsc_work                    ? 
_refine.pdbx_average_fsc_free                    ? 
# 
_refine_hist.pdbx_refine_id                   'X-RAY DIFFRACTION' 
_refine_hist.cycle_id                         LAST 
_refine_hist.pdbx_number_atoms_protein        910 
_refine_hist.pdbx_number_atoms_nucleic_acid   0 
_refine_hist.pdbx_number_atoms_ligand         0 
_refine_hist.number_atoms_solvent             76 
_refine_hist.number_atoms_total               986 
_refine_hist.d_res_high                       1.890 
_refine_hist.d_res_low                        48.957 
# 
loop_
_refine_ls_restr.pdbx_refine_id 
_refine_ls_restr.criterion 
_refine_ls_restr.dev_ideal 
_refine_ls_restr.dev_ideal_target 
_refine_ls_restr.number 
_refine_ls_restr.rejects 
_refine_ls_restr.type 
_refine_ls_restr.weight 
_refine_ls_restr.pdbx_restraint_function 
'X-RAY DIFFRACTION' ? 0.005 ? 924  ? f_bond_d           ? ? 
'X-RAY DIFFRACTION' ? 0.762 ? 1231 ? f_angle_d          ? ? 
'X-RAY DIFFRACTION' ? 1.908 ? 630  ? f_dihedral_angle_d ? ? 
'X-RAY DIFFRACTION' ? 0.033 ? 145  ? f_chiral_restr     ? ? 
'X-RAY DIFFRACTION' ? 0.003 ? 150  ? f_plane_restr      ? ? 
# 
loop_
_refine_ls_shell.pdbx_refine_id 
_refine_ls_shell.d_res_high 
_refine_ls_shell.d_res_low 
_refine_ls_shell.number_reflns_all 
_refine_ls_shell.number_reflns_obs 
_refine_ls_shell.number_reflns_R_free 
_refine_ls_shell.number_reflns_R_work 
_refine_ls_shell.percent_reflns_obs 
_refine_ls_shell.percent_reflns_R_free 
_refine_ls_shell.R_factor_all 
_refine_ls_shell.R_factor_obs 
_refine_ls_shell.R_factor_R_free 
_refine_ls_shell.R_factor_R_free_error 
_refine_ls_shell.R_factor_R_work 
_refine_ls_shell.redundancy_reflns_all 
_refine_ls_shell.redundancy_reflns_obs 
_refine_ls_shell.wR_factor_all 
_refine_ls_shell.wR_factor_obs 
_refine_ls_shell.wR_factor_R_free 
_refine_ls_shell.wR_factor_R_work 
_refine_ls_shell.pdbx_total_number_of_bins_used 
_refine_ls_shell.pdbx_phase_error 
_refine_ls_shell.pdbx_fsc_work 
_refine_ls_shell.pdbx_fsc_free 
'X-RAY DIFFRACTION' 1.8902 2.0805  . . 143 3028 100.00 . . . 0.3000 . 0.2546 . . . . . . . . . . 
'X-RAY DIFFRACTION' 2.0805 2.3815  . . 130 3061 100.00 . . . 0.2213 . 0.2114 . . . . . . . . . . 
'X-RAY DIFFRACTION' 2.3815 3.0004  . . 170 3058 100.00 . . . 0.2234 . 0.2073 . . . . . . . . . . 
'X-RAY DIFFRACTION' 3.0004 48.9732 . . 173 3239 100.00 . . . 0.2299 . 0.1847 . . . . . . . . . . 
# 
_struct.entry_id                     6Q5S 
_struct.title                        'Crystal structure of a de novo designed antiparallel four-helix coiled coil apCC-Tet' 
_struct.pdbx_model_details           ? 
_struct.pdbx_formula_weight          ? 
_struct.pdbx_formula_weight_method   ? 
_struct.pdbx_model_type_details      ? 
_struct.pdbx_CASP_flag               N 
# 
_struct_keywords.entry_id        6Q5S 
_struct_keywords.text            'coiled coil, synthetic, antiparallel, tetramer, DE NOVO PROTEIN' 
_struct_keywords.pdbx_keywords   'DE NOVO PROTEIN' 
# 
loop_
_struct_asym.id 
_struct_asym.pdbx_blank_PDB_chainid_flag 
_struct_asym.pdbx_modified 
_struct_asym.entity_id 
_struct_asym.details 
A N N 1 ? 
B N N 1 ? 
C N N 1 ? 
D N N 1 ? 
E N N 2 ? 
F N N 2 ? 
G N N 2 ? 
H N N 2 ? 
# 
_struct_ref.id                         1 
_struct_ref.db_name                    PDB 
_struct_ref.db_code                    6Q5S 
_struct_ref.pdbx_db_accession          6Q5S 
_struct_ref.pdbx_db_isoform            ? 
_struct_ref.entity_id                  1 
_struct_ref.pdbx_seq_one_letter_code   ? 
_struct_ref.pdbx_align_begin           1 
# 
loop_
_struct_ref_seq.align_id 
_struct_ref_seq.ref_id 
_struct_ref_seq.pdbx_PDB_id_code 
_struct_ref_seq.pdbx_strand_id 
_struct_ref_seq.seq_align_beg 
_struct_ref_seq.pdbx_seq_align_beg_ins_code 
_struct_ref_seq.seq_align_end 
_struct_ref_seq.pdbx_seq_align_end_ins_code 
_struct_ref_seq.pdbx_db_accession 
_struct_ref_seq.db_align_beg 
_struct_ref_seq.pdbx_db_align_beg_ins_code 
_struct_ref_seq.db_align_end 
_struct_ref_seq.pdbx_db_align_end_ins_code 
_struct_ref_seq.pdbx_auth_seq_align_beg 
_struct_ref_seq.pdbx_auth_seq_align_end 
1 1 6Q5S A 1 ? 32 ? 6Q5S 0 ? 31 ? 0 31 
2 1 6Q5S B 1 ? 32 ? 6Q5S 0 ? 31 ? 0 31 
3 1 6Q5S C 1 ? 32 ? 6Q5S 0 ? 31 ? 0 31 
4 1 6Q5S D 1 ? 32 ? 6Q5S 0 ? 31 ? 0 31 
# 
_pdbx_struct_assembly.id                   1 
_pdbx_struct_assembly.details              author_and_software_defined_assembly 
_pdbx_struct_assembly.method_details       PISA 
_pdbx_struct_assembly.oligomeric_details   tetrameric 
_pdbx_struct_assembly.oligomeric_count     4 
# 
loop_
_pdbx_struct_assembly_prop.biol_id 
_pdbx_struct_assembly_prop.type 
_pdbx_struct_assembly_prop.value 
_pdbx_struct_assembly_prop.details 
1 'ABSA (A^2)' 6540 ? 
1 MORE         -69  ? 
1 'SSA (A^2)'  6490 ? 
# 
_pdbx_struct_assembly_gen.assembly_id       1 
_pdbx_struct_assembly_gen.oper_expression   1 
_pdbx_struct_assembly_gen.asym_id_list      A,B,C,D,E,F,G,H 
# 
_pdbx_struct_assembly_auth_evidence.id                     1 
_pdbx_struct_assembly_auth_evidence.assembly_id            1 
_pdbx_struct_assembly_auth_evidence.experimental_support   'equilibrium centrifugation' 
_pdbx_struct_assembly_auth_evidence.details                ? 
# 
_pdbx_struct_oper_list.id                   1 
_pdbx_struct_oper_list.type                 'identity operation' 
_pdbx_struct_oper_list.name                 1_555 
_pdbx_struct_oper_list.symmetry_operation   x,y,z 
_pdbx_struct_oper_list.matrix[1][1]         1.0000000000 
_pdbx_struct_oper_list.matrix[1][2]         0.0000000000 
_pdbx_struct_oper_list.matrix[1][3]         0.0000000000 
_pdbx_struct_oper_list.vector[1]            0.0000000000 
_pdbx_struct_oper_list.matrix[2][1]         0.0000000000 
_pdbx_struct_oper_list.matrix[2][2]         1.0000000000 
_pdbx_struct_oper_list.matrix[2][3]         0.0000000000 
_pdbx_struct_oper_list.vector[2]            0.0000000000 
_pdbx_struct_oper_list.matrix[3][1]         0.0000000000 
_pdbx_struct_oper_list.matrix[3][2]         0.0000000000 
_pdbx_struct_oper_list.matrix[3][3]         1.0000000000 
_pdbx_struct_oper_list.vector[3]            0.0000000000 
# 
loop_
_struct_conf.conf_type_id 
_struct_conf.id 
_struct_conf.pdbx_PDB_helix_id 
_struct_conf.beg_label_comp_id 
_struct_conf.beg_label_asym_id 
_struct_conf.beg_label_seq_id 
_struct_conf.pdbx_beg_PDB_ins_code 
_struct_conf.end_label_comp_id 
_struct_conf.end_label_asym_id 
_struct_conf.end_label_seq_id 
_struct_conf.pdbx_end_PDB_ins_code 
_struct_conf.beg_auth_comp_id 
_struct_conf.beg_auth_asym_id 
_struct_conf.beg_auth_seq_id 
_struct_conf.end_auth_comp_id 
_struct_conf.end_auth_asym_id 
_struct_conf.end_auth_seq_id 
_struct_conf.pdbx_PDB_helix_class 
_struct_conf.details 
_struct_conf.pdbx_PDB_helix_length 
HELX_P HELX_P1 AA1 GLY A 2 ? GLY A 31 ? GLY A 1 GLY A 30 1 ? 30 
HELX_P HELX_P2 AA2 GLU B 3 ? GLY B 31 ? GLU B 2 GLY B 30 1 ? 29 
HELX_P HELX_P3 AA3 GLY C 2 ? GLY C 31 ? GLY C 1 GLY C 30 1 ? 30 
HELX_P HELX_P4 AA4 GLY D 2 ? GLY D 31 ? GLY D 1 GLY D 30 1 ? 30 
# 
_struct_conf_type.id          HELX_P 
_struct_conf_type.criteria    ? 
_struct_conf_type.reference   ? 
# 
loop_
_struct_conn.id 
_struct_conn.conn_type_id 
_struct_conn.pdbx_leaving_atom_flag 
_struct_conn.pdbx_PDB_id 
_struct_conn.ptnr1_label_asym_id 
_struct_conn.ptnr1_label_comp_id 
_struct_conn.ptnr1_label_seq_id 
_struct_conn.ptnr1_label_atom_id 
_struct_conn.pdbx_ptnr1_label_alt_id 
_struct_conn.pdbx_ptnr1_PDB_ins_code 
_struct_conn.pdbx_ptnr1_standard_comp_id 
_struct_conn.ptnr1_symmetry 
_struct_conn.ptnr2_label_asym_id 
_struct_conn.ptnr2_label_comp_id 
_struct_conn.ptnr2_label_seq_id 
_struct_conn.ptnr2_label_atom_id 
_struct_conn.pdbx_ptnr2_label_alt_id 
_struct_conn.pdbx_ptnr2_PDB_ins_code 
_struct_conn.ptnr1_auth_asym_id 
_struct_conn.ptnr1_auth_comp_id 
_struct_conn.ptnr1_auth_seq_id 
_struct_conn.ptnr2_auth_asym_id 
_struct_conn.ptnr2_auth_comp_id 
_struct_conn.ptnr2_auth_seq_id 
_struct_conn.ptnr2_symmetry 
_struct_conn.pdbx_ptnr3_label_atom_id 
_struct_conn.pdbx_ptnr3_label_seq_id 
_struct_conn.pdbx_ptnr3_label_comp_id 
_struct_conn.pdbx_ptnr3_label_asym_id 
_struct_conn.pdbx_ptnr3_label_alt_id 
_struct_conn.pdbx_ptnr3_PDB_ins_code 
_struct_conn.details 
_struct_conn.pdbx_dist_value 
_struct_conn.pdbx_value_order 
_struct_conn.pdbx_role 
covale1 covale both ? A ACE 1  C ? ? ? 1_555 A GLY 2  N ? ? A ACE 0  A GLY 1  1_555 ? ? ? ? ? ? ? 1.340 ? ? 
covale2 covale both ? C ACE 1  C ? ? ? 1_555 C GLY 2  N ? ? C ACE 0  C GLY 1  1_555 ? ? ? ? ? ? ? 1.335 ? ? 
covale3 covale both ? C GLY 31 C ? ? ? 1_555 C NH2 32 N ? ? C GLY 30 C NH2 31 1_555 ? ? ? ? ? ? ? 1.430 ? ? 
covale4 covale both ? D ACE 1  C ? ? ? 1_555 D GLY 2  N ? ? D ACE 0  D GLY 1  1_555 ? ? ? ? ? ? ? 1.338 ? ? 
# 
_struct_conn_type.id          covale 
_struct_conn_type.criteria    ? 
_struct_conn_type.reference   ? 
# 
loop_
_pdbx_modification_feature.ordinal 
_pdbx_modification_feature.label_comp_id 
_pdbx_modification_feature.label_asym_id 
_pdbx_modification_feature.label_seq_id 
_pdbx_modification_feature.label_alt_id 
_pdbx_modification_feature.modified_residue_label_comp_id 
_pdbx_modification_feature.modified_residue_label_asym_id 
_pdbx_modification_feature.modified_residue_label_seq_id 
_pdbx_modification_feature.modified_residue_label_alt_id 
_pdbx_modification_feature.auth_comp_id 
_pdbx_modification_feature.auth_asym_id 
_pdbx_modification_feature.auth_seq_id 
_pdbx_modification_feature.PDB_ins_code 
_pdbx_modification_feature.symmetry 
_pdbx_modification_feature.modified_residue_auth_comp_id 
_pdbx_modification_feature.modified_residue_auth_asym_id 
_pdbx_modification_feature.modified_residue_auth_seq_id 
_pdbx_modification_feature.modified_residue_PDB_ins_code 
_pdbx_modification_feature.modified_residue_symmetry 
_pdbx_modification_feature.comp_id_linking_atom 
_pdbx_modification_feature.modified_residue_id_linking_atom 
_pdbx_modification_feature.modified_residue_id 
_pdbx_modification_feature.ref_pcm_id 
_pdbx_modification_feature.ref_comp_id 
_pdbx_modification_feature.type 
_pdbx_modification_feature.category 
1 ACE A 1  ? GLY A 2  ? ACE A 0  ? 1_555 GLY A 1  ? 1_555 . . GLY 12 ACE None 'Terminal acetylation' 
2 ACE C 1  ? GLY C 2  ? ACE C 0  ? 1_555 GLY C 1  ? 1_555 . . GLY 12 ACE None 'Terminal acetylation' 
3 ACE D 1  ? GLY D 2  ? ACE D 0  ? 1_555 GLY D 1  ? 1_555 . . GLY 12 ACE None 'Terminal acetylation' 
4 NH2 C 32 ? GLY C 31 ? NH2 C 31 ? 1_555 GLY C 30 ? 1_555 . . GLY 12 NH2 None 'Terminal amidation'   
# 
_pdbx_entry_details.entry_id                   6Q5S 
_pdbx_entry_details.compound_details           ? 
_pdbx_entry_details.source_details             ? 
_pdbx_entry_details.nonpolymer_details         ? 
_pdbx_entry_details.sequence_details           ? 
_pdbx_entry_details.has_ligand_of_interest     ? 
_pdbx_entry_details.has_protein_modification   Y 
# 
loop_
_pdbx_validate_close_contact.id 
_pdbx_validate_close_contact.PDB_model_num 
_pdbx_validate_close_contact.auth_atom_id_1 
_pdbx_validate_close_contact.auth_asym_id_1 
_pdbx_validate_close_contact.auth_comp_id_1 
_pdbx_validate_close_contact.auth_seq_id_1 
_pdbx_validate_close_contact.PDB_ins_code_1 
_pdbx_validate_close_contact.label_alt_id_1 
_pdbx_validate_close_contact.auth_atom_id_2 
_pdbx_validate_close_contact.auth_asym_id_2 
_pdbx_validate_close_contact.auth_comp_id_2 
_pdbx_validate_close_contact.auth_seq_id_2 
_pdbx_validate_close_contact.PDB_ins_code_2 
_pdbx_validate_close_contact.label_alt_id_2 
_pdbx_validate_close_contact.dist 
1 1 O   B HOH 115 ? ? O B HOH 117 ? ? 2.06 
2 1 OE2 D GLU 11  ? ? O D HOH 101 ? ? 2.13 
# 
_pdbx_validate_symm_contact.id                1 
_pdbx_validate_symm_contact.PDB_model_num     1 
_pdbx_validate_symm_contact.auth_atom_id_1    O 
_pdbx_validate_symm_contact.auth_asym_id_1    A 
_pdbx_validate_symm_contact.auth_comp_id_1    HOH 
_pdbx_validate_symm_contact.auth_seq_id_1     116 
_pdbx_validate_symm_contact.PDB_ins_code_1    ? 
_pdbx_validate_symm_contact.label_alt_id_1    ? 
_pdbx_validate_symm_contact.site_symmetry_1   1_555 
_pdbx_validate_symm_contact.auth_atom_id_2    O 
_pdbx_validate_symm_contact.auth_asym_id_2    C 
_pdbx_validate_symm_contact.auth_comp_id_2    HOH 
_pdbx_validate_symm_contact.auth_seq_id_2     122 
_pdbx_validate_symm_contact.PDB_ins_code_2    ? 
_pdbx_validate_symm_contact.label_alt_id_2    ? 
_pdbx_validate_symm_contact.site_symmetry_2   5_445 
_pdbx_validate_symm_contact.dist              1.91 
# 
_pdbx_refine_tls.pdbx_refine_id   'X-RAY DIFFRACTION' 
_pdbx_refine_tls.id               1 
_pdbx_refine_tls.details          ? 
_pdbx_refine_tls.method           refined 
_pdbx_refine_tls.origin_x         -0.1022 
_pdbx_refine_tls.origin_y         0.0172 
_pdbx_refine_tls.origin_z         0.0670 
_pdbx_refine_tls.T[1][1]          0.2613 
_pdbx_refine_tls.T[2][2]          0.2426 
_pdbx_refine_tls.T[3][3]          0.3330 
_pdbx_refine_tls.T[1][2]          0.0005 
_pdbx_refine_tls.T[1][3]          -0.0136 
_pdbx_refine_tls.T[2][3]          0.0286 
_pdbx_refine_tls.L[1][1]          0.2472 
_pdbx_refine_tls.L[2][2]          0.5016 
_pdbx_refine_tls.L[3][3]          0.3242 
_pdbx_refine_tls.L[1][2]          0.0094 
_pdbx_refine_tls.L[1][3]          0.0559 
_pdbx_refine_tls.L[2][3]          -0.0557 
_pdbx_refine_tls.S[1][1]          -0.0115 
_pdbx_refine_tls.S[1][2]          0.0250 
_pdbx_refine_tls.S[1][3]          0.0551 
_pdbx_refine_tls.S[2][1]          0.0375 
_pdbx_refine_tls.S[2][2]          0.1310 
_pdbx_refine_tls.S[2][3]          -0.0054 
_pdbx_refine_tls.S[3][1]          -0.0046 
_pdbx_refine_tls.S[3][2]          -0.0132 
_pdbx_refine_tls.S[3][3]          -0.0343 
# 
_pdbx_refine_tls_group.pdbx_refine_id      'X-RAY DIFFRACTION' 
_pdbx_refine_tls_group.id                  1 
_pdbx_refine_tls_group.refine_tls_id       1 
_pdbx_refine_tls_group.beg_auth_asym_id    ? 
_pdbx_refine_tls_group.beg_auth_seq_id     ? 
_pdbx_refine_tls_group.beg_label_asym_id   ? 
_pdbx_refine_tls_group.beg_label_seq_id    ? 
_pdbx_refine_tls_group.end_auth_asym_id    ? 
_pdbx_refine_tls_group.end_auth_seq_id     ? 
_pdbx_refine_tls_group.end_label_asym_id   ? 
_pdbx_refine_tls_group.end_label_seq_id    ? 
_pdbx_refine_tls_group.selection           ? 
_pdbx_refine_tls_group.selection_details   all 
# 
loop_
_pdbx_unobs_or_zero_occ_residues.id 
_pdbx_unobs_or_zero_occ_residues.PDB_model_num 
_pdbx_unobs_or_zero_occ_residues.polymer_flag 
_pdbx_unobs_or_zero_occ_residues.occupancy_flag 
_pdbx_unobs_or_zero_occ_residues.auth_asym_id 
_pdbx_unobs_or_zero_occ_residues.auth_comp_id 
_pdbx_unobs_or_zero_occ_residues.auth_seq_id 
_pdbx_unobs_or_zero_occ_residues.PDB_ins_code 
_pdbx_unobs_or_zero_occ_residues.label_asym_id 
_pdbx_unobs_or_zero_occ_residues.label_comp_id 
_pdbx_unobs_or_zero_occ_residues.label_seq_id 
1 1 Y 1 A NH2 31 ? A NH2 32 
2 1 Y 1 B ACE 0  ? B ACE 1  
3 1 Y 1 B NH2 31 ? B NH2 32 
4 1 Y 1 D NH2 31 ? D NH2 32 
# 
loop_
_chem_comp_atom.comp_id 
_chem_comp_atom.atom_id 
_chem_comp_atom.type_symbol 
_chem_comp_atom.pdbx_aromatic_flag 
_chem_comp_atom.pdbx_stereo_config 
_chem_comp_atom.pdbx_ordinal 
ACE C    C N N 1   
ACE O    O N N 2   
ACE CH3  C N N 3   
ACE H    H N N 4   
ACE H1   H N N 5   
ACE H2   H N N 6   
ACE H3   H N N 7   
ALA N    N N N 8   
ALA CA   C N S 9   
ALA C    C N N 10  
ALA O    O N N 11  
ALA CB   C N N 12  
ALA OXT  O N N 13  
ALA H    H N N 14  
ALA H2   H N N 15  
ALA HA   H N N 16  
ALA HB1  H N N 17  
ALA HB2  H N N 18  
ALA HB3  H N N 19  
ALA HXT  H N N 20  
GLN N    N N N 21  
GLN CA   C N S 22  
GLN C    C N N 23  
GLN O    O N N 24  
GLN CB   C N N 25  
GLN CG   C N N 26  
GLN CD   C N N 27  
GLN OE1  O N N 28  
GLN NE2  N N N 29  
GLN OXT  O N N 30  
GLN H    H N N 31  
GLN H2   H N N 32  
GLN HA   H N N 33  
GLN HB2  H N N 34  
GLN HB3  H N N 35  
GLN HG2  H N N 36  
GLN HG3  H N N 37  
GLN HE21 H N N 38  
GLN HE22 H N N 39  
GLN HXT  H N N 40  
GLU N    N N N 41  
GLU CA   C N S 42  
GLU C    C N N 43  
GLU O    O N N 44  
GLU CB   C N N 45  
GLU CG   C N N 46  
GLU CD   C N N 47  
GLU OE1  O N N 48  
GLU OE2  O N N 49  
GLU OXT  O N N 50  
GLU H    H N N 51  
GLU H2   H N N 52  
GLU HA   H N N 53  
GLU HB2  H N N 54  
GLU HB3  H N N 55  
GLU HG2  H N N 56  
GLU HG3  H N N 57  
GLU HE2  H N N 58  
GLU HXT  H N N 59  
GLY N    N N N 60  
GLY CA   C N N 61  
GLY C    C N N 62  
GLY O    O N N 63  
GLY OXT  O N N 64  
GLY H    H N N 65  
GLY H2   H N N 66  
GLY HA2  H N N 67  
GLY HA3  H N N 68  
GLY HXT  H N N 69  
HOH O    O N N 70  
HOH H1   H N N 71  
HOH H2   H N N 72  
LEU N    N N N 73  
LEU CA   C N S 74  
LEU C    C N N 75  
LEU O    O N N 76  
LEU CB   C N N 77  
LEU CG   C N N 78  
LEU CD1  C N N 79  
LEU CD2  C N N 80  
LEU OXT  O N N 81  
LEU H    H N N 82  
LEU H2   H N N 83  
LEU HA   H N N 84  
LEU HB2  H N N 85  
LEU HB3  H N N 86  
LEU HG   H N N 87  
LEU HD11 H N N 88  
LEU HD12 H N N 89  
LEU HD13 H N N 90  
LEU HD21 H N N 91  
LEU HD22 H N N 92  
LEU HD23 H N N 93  
LEU HXT  H N N 94  
LYS N    N N N 95  
LYS CA   C N S 96  
LYS C    C N N 97  
LYS O    O N N 98  
LYS CB   C N N 99  
LYS CG   C N N 100 
LYS CD   C N N 101 
LYS CE   C N N 102 
LYS NZ   N N N 103 
LYS OXT  O N N 104 
LYS H    H N N 105 
LYS H2   H N N 106 
LYS HA   H N N 107 
LYS HB2  H N N 108 
LYS HB3  H N N 109 
LYS HG2  H N N 110 
LYS HG3  H N N 111 
LYS HD2  H N N 112 
LYS HD3  H N N 113 
LYS HE2  H N N 114 
LYS HE3  H N N 115 
LYS HZ1  H N N 116 
LYS HZ2  H N N 117 
LYS HZ3  H N N 118 
LYS HXT  H N N 119 
NH2 N    N N N 120 
NH2 HN1  H N N 121 
NH2 HN2  H N N 122 
TRP N    N N N 123 
TRP CA   C N S 124 
TRP C    C N N 125 
TRP O    O N N 126 
TRP CB   C N N 127 
TRP CG   C Y N 128 
TRP CD1  C Y N 129 
TRP CD2  C Y N 130 
TRP NE1  N Y N 131 
TRP CE2  C Y N 132 
TRP CE3  C Y N 133 
TRP CZ2  C Y N 134 
TRP CZ3  C Y N 135 
TRP CH2  C Y N 136 
TRP OXT  O N N 137 
TRP H    H N N 138 
TRP H2   H N N 139 
TRP HA   H N N 140 
TRP HB2  H N N 141 
TRP HB3  H N N 142 
TRP HD1  H N N 143 
TRP HE1  H N N 144 
TRP HE3  H N N 145 
TRP HZ2  H N N 146 
TRP HZ3  H N N 147 
TRP HH2  H N N 148 
TRP HXT  H N N 149 
# 
loop_
_chem_comp_bond.comp_id 
_chem_comp_bond.atom_id_1 
_chem_comp_bond.atom_id_2 
_chem_comp_bond.value_order 
_chem_comp_bond.pdbx_aromatic_flag 
_chem_comp_bond.pdbx_stereo_config 
_chem_comp_bond.pdbx_ordinal 
ACE C   O    doub N N 1   
ACE C   CH3  sing N N 2   
ACE C   H    sing N N 3   
ACE CH3 H1   sing N N 4   
ACE CH3 H2   sing N N 5   
ACE CH3 H3   sing N N 6   
ALA N   CA   sing N N 7   
ALA N   H    sing N N 8   
ALA N   H2   sing N N 9   
ALA CA  C    sing N N 10  
ALA CA  CB   sing N N 11  
ALA CA  HA   sing N N 12  
ALA C   O    doub N N 13  
ALA C   OXT  sing N N 14  
ALA CB  HB1  sing N N 15  
ALA CB  HB2  sing N N 16  
ALA CB  HB3  sing N N 17  
ALA OXT HXT  sing N N 18  
GLN N   CA   sing N N 19  
GLN N   H    sing N N 20  
GLN N   H2   sing N N 21  
GLN CA  C    sing N N 22  
GLN CA  CB   sing N N 23  
GLN CA  HA   sing N N 24  
GLN C   O    doub N N 25  
GLN C   OXT  sing N N 26  
GLN CB  CG   sing N N 27  
GLN CB  HB2  sing N N 28  
GLN CB  HB3  sing N N 29  
GLN CG  CD   sing N N 30  
GLN CG  HG2  sing N N 31  
GLN CG  HG3  sing N N 32  
GLN CD  OE1  doub N N 33  
GLN CD  NE2  sing N N 34  
GLN NE2 HE21 sing N N 35  
GLN NE2 HE22 sing N N 36  
GLN OXT HXT  sing N N 37  
GLU N   CA   sing N N 38  
GLU N   H    sing N N 39  
GLU N   H2   sing N N 40  
GLU CA  C    sing N N 41  
GLU CA  CB   sing N N 42  
GLU CA  HA   sing N N 43  
GLU C   O    doub N N 44  
GLU C   OXT  sing N N 45  
GLU CB  CG   sing N N 46  
GLU CB  HB2  sing N N 47  
GLU CB  HB3  sing N N 48  
GLU CG  CD   sing N N 49  
GLU CG  HG2  sing N N 50  
GLU CG  HG3  sing N N 51  
GLU CD  OE1  doub N N 52  
GLU CD  OE2  sing N N 53  
GLU OE2 HE2  sing N N 54  
GLU OXT HXT  sing N N 55  
GLY N   CA   sing N N 56  
GLY N   H    sing N N 57  
GLY N   H2   sing N N 58  
GLY CA  C    sing N N 59  
GLY CA  HA2  sing N N 60  
GLY CA  HA3  sing N N 61  
GLY C   O    doub N N 62  
GLY C   OXT  sing N N 63  
GLY OXT HXT  sing N N 64  
HOH O   H1   sing N N 65  
HOH O   H2   sing N N 66  
LEU N   CA   sing N N 67  
LEU N   H    sing N N 68  
LEU N   H2   sing N N 69  
LEU CA  C    sing N N 70  
LEU CA  CB   sing N N 71  
LEU CA  HA   sing N N 72  
LEU C   O    doub N N 73  
LEU C   OXT  sing N N 74  
LEU CB  CG   sing N N 75  
LEU CB  HB2  sing N N 76  
LEU CB  HB3  sing N N 77  
LEU CG  CD1  sing N N 78  
LEU CG  CD2  sing N N 79  
LEU CG  HG   sing N N 80  
LEU CD1 HD11 sing N N 81  
LEU CD1 HD12 sing N N 82  
LEU CD1 HD13 sing N N 83  
LEU CD2 HD21 sing N N 84  
LEU CD2 HD22 sing N N 85  
LEU CD2 HD23 sing N N 86  
LEU OXT HXT  sing N N 87  
LYS N   CA   sing N N 88  
LYS N   H    sing N N 89  
LYS N   H2   sing N N 90  
LYS CA  C    sing N N 91  
LYS CA  CB   sing N N 92  
LYS CA  HA   sing N N 93  
LYS C   O    doub N N 94  
LYS C   OXT  sing N N 95  
LYS CB  CG   sing N N 96  
LYS CB  HB2  sing N N 97  
LYS CB  HB3  sing N N 98  
LYS CG  CD   sing N N 99  
LYS CG  HG2  sing N N 100 
LYS CG  HG3  sing N N 101 
LYS CD  CE   sing N N 102 
LYS CD  HD2  sing N N 103 
LYS CD  HD3  sing N N 104 
LYS CE  NZ   sing N N 105 
LYS CE  HE2  sing N N 106 
LYS CE  HE3  sing N N 107 
LYS NZ  HZ1  sing N N 108 
LYS NZ  HZ2  sing N N 109 
LYS NZ  HZ3  sing N N 110 
LYS OXT HXT  sing N N 111 
NH2 N   HN1  sing N N 112 
NH2 N   HN2  sing N N 113 
TRP N   CA   sing N N 114 
TRP N   H    sing N N 115 
TRP N   H2   sing N N 116 
TRP CA  C    sing N N 117 
TRP CA  CB   sing N N 118 
TRP CA  HA   sing N N 119 
TRP C   O    doub N N 120 
TRP C   OXT  sing N N 121 
TRP CB  CG   sing N N 122 
TRP CB  HB2  sing N N 123 
TRP CB  HB3  sing N N 124 
TRP CG  CD1  doub Y N 125 
TRP CG  CD2  sing Y N 126 
TRP CD1 NE1  sing Y N 127 
TRP CD1 HD1  sing N N 128 
TRP CD2 CE2  doub Y N 129 
TRP CD2 CE3  sing Y N 130 
TRP NE1 CE2  sing Y N 131 
TRP NE1 HE1  sing N N 132 
TRP CE2 CZ2  sing Y N 133 
TRP CE3 CZ3  doub Y N 134 
TRP CE3 HE3  sing N N 135 
TRP CZ2 CH2  doub Y N 136 
TRP CZ2 HZ2  sing N N 137 
TRP CZ3 CH2  sing Y N 138 
TRP CZ3 HZ3  sing N N 139 
TRP CH2 HH2  sing N N 140 
TRP OXT HXT  sing N N 141 
# 
loop_
_pdbx_audit_support.funding_organization 
_pdbx_audit_support.country 
_pdbx_audit_support.grant_number 
_pdbx_audit_support.ordinal 
'Biotechnology and Biological Sciences Research Council' 'United Kingdom' BB/J014400/1 1 
'Engineering and Physical Sciences Research Council'     'United Kingdom' EP/G036764/1 2 
'European Research Council'                              Belgium          340764       3 
'Biotechnology and Biological Sciences Research Council' 'United Kingdom' BB/R00661X/1 4 
'Engineering and Physical Sciences Research Council'     'United Kingdom' EP/K03927X/1 5 
# 
_atom_sites.entry_id                    6Q5S 
_atom_sites.fract_transf_matrix[1][1]   -0.01591552 
_atom_sites.fract_transf_matrix[1][2]   0.00402038 
_atom_sites.fract_transf_matrix[1][3]   0.00477913 
_atom_sites.fract_transf_matrix[2][1]   -0.00546358 
_atom_sites.fract_transf_matrix[2][2]   -0.01530100 
_atom_sites.fract_transf_matrix[2][3]   -0.00532315 
_atom_sites.fract_transf_matrix[3][1]   0.00197779 
_atom_sites.fract_transf_matrix[3][2]   -0.00423790 
_atom_sites.fract_transf_matrix[3][3]   0.01015155 
_atom_sites.fract_transf_vector[1]      -0.324817 
_atom_sites.fract_transf_vector[2]      0.046897 
_atom_sites.fract_transf_vector[3]      0.164206 
# 
loop_
_atom_type.symbol 
C 
N 
O 
# 
loop_
_atom_site.group_PDB 
_atom_site.id 
_atom_site.type_symbol 
_atom_site.label_atom_id 
_atom_site.label_alt_id 
_atom_site.label_comp_id 
_atom_site.label_asym_id 
_atom_site.label_entity_id 
_atom_site.label_seq_id 
_atom_site.pdbx_PDB_ins_code 
_atom_site.Cartn_x 
_atom_site.Cartn_y 
_atom_site.Cartn_z 
_atom_site.occupancy 
_atom_site.B_iso_or_equiv 
_atom_site.pdbx_formal_charge 
_atom_site.auth_seq_id 
_atom_site.auth_comp_id 
_atom_site.auth_asym_id 
_atom_site.auth_atom_id 
_atom_site.pdbx_PDB_model_num 
HETATM 1   C C   . ACE A 1 1  ? -9.698  3.806   -19.031 1.00 71.11  ? 0   ACE A C   1 
HETATM 2   O O   . ACE A 1 1  ? -9.048  2.792   -18.775 1.00 65.90  ? 0   ACE A O   1 
HETATM 3   C CH3 . ACE A 1 1  ? -9.012  5.105   -19.353 1.00 75.02  ? 0   ACE A CH3 1 
ATOM   4   N N   . GLY A 1 2  ? -11.037 3.857   -19.045 1.00 70.23  ? 1   GLY A N   1 
ATOM   5   C CA  . GLY A 1 2  ? -11.930 2.741   -18.770 1.00 59.62  ? 1   GLY A CA  1 
ATOM   6   C C   . GLY A 1 2  ? -11.664 2.070   -17.437 1.00 48.09  ? 1   GLY A C   1 
ATOM   7   O O   . GLY A 1 2  ? -11.678 2.721   -16.389 1.00 35.80  ? 1   GLY A O   1 
ATOM   8   N N   A GLU A 1 3  ? -11.414 0.758   -17.472 0.55 43.78  ? 2   GLU A N   1 
ATOM   9   N N   B GLU A 1 3  ? -11.408 0.760   -17.484 0.45 43.86  ? 2   GLU A N   1 
ATOM   10  C CA  A GLU A 1 3  ? -11.113 0.040   -16.238 0.55 40.79  ? 2   GLU A CA  1 
ATOM   11  C CA  B GLU A 1 3  ? -11.111 0.025   -16.262 0.45 40.85  ? 2   GLU A CA  1 
ATOM   12  C C   A GLU A 1 3  ? -9.758  0.444   -15.669 0.55 39.49  ? 2   GLU A C   1 
ATOM   13  C C   B GLU A 1 3  ? -9.762  0.429   -15.678 0.45 39.46  ? 2   GLU A C   1 
ATOM   14  O O   A GLU A 1 3  ? -9.599  0.521   -14.445 0.55 34.85  ? 2   GLU A O   1 
ATOM   15  O O   B GLU A 1 3  ? -9.614  0.498   -14.452 0.45 35.99  ? 2   GLU A O   1 
ATOM   16  C CB  A GLU A 1 3  ? -11.160 -1.470  -16.480 0.55 41.43  ? 2   GLU A CB  1 
ATOM   17  C CB  B GLU A 1 3  ? -11.149 -1.479  -16.536 0.45 41.44  ? 2   GLU A CB  1 
ATOM   18  C CG  A GLU A 1 3  ? -12.400 -2.167  -15.906 0.55 44.31  ? 2   GLU A CG  1 
ATOM   19  C CG  B GLU A 1 3  ? -12.276 -2.218  -15.808 0.45 46.06  ? 2   GLU A CG  1 
ATOM   20  C CD  A GLU A 1 3  ? -12.512 -2.058  -14.388 0.55 49.78  ? 2   GLU A CD  1 
ATOM   21  C CD  B GLU A 1 3  ? -13.530 -2.368  -16.647 0.45 48.54  ? 2   GLU A CD  1 
ATOM   22  O OE1 A GLU A 1 3  ? -13.653 -2.042  -13.885 0.55 56.62  ? 2   GLU A OE1 1 
ATOM   23  O OE1 B GLU A 1 3  ? -13.411 -2.465  -17.884 0.45 47.91  ? 2   GLU A OE1 1 
ATOM   24  O OE2 A GLU A 1 3  ? -11.471 -2.002  -13.692 0.55 43.86  ? 2   GLU A OE2 1 
ATOM   25  O OE2 B GLU A 1 3  ? -14.639 -2.396  -16.073 0.45 55.25  ? 2   GLU A OE2 1 
ATOM   26  N N   . LEU A 1 4  ? -8.773  0.711   -16.529 1.00 40.41  ? 3   LEU A N   1 
ATOM   27  C CA  . LEU A 1 4  ? -7.453  1.079   -16.031 1.00 36.59  ? 3   LEU A CA  1 
ATOM   28  C C   . LEU A 1 4  ? -7.503  2.398   -15.261 1.00 32.75  ? 3   LEU A C   1 
ATOM   29  O O   . LEU A 1 4  ? -6.849  2.536   -14.224 1.00 38.50  ? 3   LEU A O   1 
ATOM   30  C CB  . LEU A 1 4  ? -6.458  1.144   -17.189 1.00 37.38  ? 3   LEU A CB  1 
ATOM   31  C CG  . LEU A 1 4  ? -4.987  1.182   -16.813 1.00 53.17  ? 3   LEU A CG  1 
ATOM   32  C CD1 . LEU A 1 4  ? -4.637  -0.134  -16.164 1.00 59.85  ? 3   LEU A CD1 1 
ATOM   33  C CD2 . LEU A 1 4  ? -4.136  1.405   -18.043 1.00 57.28  ? 3   LEU A CD2 1 
ATOM   34  N N   . GLU A 1 5  ? -8.300  3.364   -15.727 1.00 37.71  ? 4   GLU A N   1 
ATOM   35  C CA  . GLU A 1 5  ? -8.467  4.603   -14.969 1.00 42.77  ? 4   GLU A CA  1 
ATOM   36  C C   . GLU A 1 5  ? -9.170  4.341   -13.639 1.00 40.25  ? 4   GLU A C   1 
ATOM   37  O O   . GLU A 1 5  ? -8.778  4.891   -12.601 1.00 34.35  ? 4   GLU A O   1 
ATOM   38  C CB  . GLU A 1 5  ? -9.235  5.628   -15.806 1.00 40.66  ? 4   GLU A CB  1 
ATOM   39  C CG  . GLU A 1 5  ? -9.630  6.917   -15.075 1.00 52.36  ? 4   GLU A CG  1 
ATOM   40  C CD  . GLU A 1 5  ? -8.440  7.810   -14.740 1.00 66.31  ? 4   GLU A CD  1 
ATOM   41  O OE1 . GLU A 1 5  ? -7.482  7.856   -15.541 1.00 68.05  ? 4   GLU A OE1 1 
ATOM   42  O OE2 . GLU A 1 5  ? -8.464  8.474   -13.679 1.00 67.76  ? 4   GLU A OE2 1 
ATOM   43  N N   . ALA A 1 6  ? -10.198 3.488   -13.642 1.00 39.16  ? 5   ALA A N   1 
ATOM   44  C CA  . ALA A 1 6  ? -10.830 3.109   -12.383 1.00 37.54  ? 5   ALA A CA  1 
ATOM   45  C C   . ALA A 1 6  ? -9.813  2.502   -11.420 1.00 29.53  ? 5   ALA A C   1 
ATOM   46  O O   . ALA A 1 6  ? -9.803  2.833   -10.230 1.00 30.69  ? 5   ALA A O   1 
ATOM   47  C CB  . ALA A 1 6  ? -11.974 2.126   -12.635 1.00 40.20  ? 5   ALA A CB  1 
ATOM   48  N N   . LEU A 1 7  ? -8.947  1.619   -11.919 1.00 29.51  ? 6   LEU A N   1 
ATOM   49  C CA  . LEU A 1 7  ? -7.966  0.981   -11.051 1.00 31.99  ? 6   LEU A CA  1 
ATOM   50  C C   . LEU A 1 7  ? -6.945  1.988   -10.535 1.00 29.82  ? 6   LEU A C   1 
ATOM   51  O O   . LEU A 1 7  ? -6.453  1.851   -9.408  1.00 35.86  ? 6   LEU A O   1 
ATOM   52  C CB  . LEU A 1 7  ? -7.275  -0.162  -11.792 1.00 33.32  ? 6   LEU A CB  1 
ATOM   53  C CG  . LEU A 1 7  ? -8.176  -1.380  -12.042 1.00 35.84  ? 6   LEU A CG  1 
ATOM   54  C CD1 . LEU A 1 7  ? -7.453  -2.408  -12.900 1.00 36.24  ? 6   LEU A CD1 1 
ATOM   55  C CD2 . LEU A 1 7  ? -8.618  -1.997  -10.728 1.00 37.46  ? 6   LEU A CD2 1 
ATOM   56  N N   . ALA A 1 8  ? -6.625  3.004   -11.338 1.00 32.26  ? 7   ALA A N   1 
ATOM   57  C CA  . ALA A 1 8  ? -5.669  4.018   -10.904 1.00 29.09  ? 7   ALA A CA  1 
ATOM   58  C C   . ALA A 1 8  ? -6.253  4.874   -9.791  1.00 26.96  ? 7   ALA A C   1 
ATOM   59  O O   . ALA A 1 8  ? -5.562  5.196   -8.819  1.00 30.86  ? 7   ALA A O   1 
ATOM   60  C CB  . ALA A 1 8  ? -5.253  4.887   -12.093 1.00 31.82  ? 7   ALA A CB  1 
ATOM   61  N N   . GLN A 1 9  ? -7.530  5.248   -9.915  1.00 31.98  ? 8   GLN A N   1 
ATOM   62  C CA  . GLN A 1 9  ? -8.190  5.992   -8.850  1.00 32.80  ? 8   GLN A CA  1 
ATOM   63  C C   . GLN A 1 9  ? -8.337  5.162   -7.585  1.00 31.63  ? 8   GLN A C   1 
ATOM   64  O O   . GLN A 1 9  ? -8.229  5.704   -6.479  1.00 36.07  ? 8   GLN A O   1 
ATOM   65  C CB  . GLN A 1 9  ? -9.555  6.484   -9.323  1.00 39.50  ? 8   GLN A CB  1 
ATOM   66  C CG  . GLN A 1 9  ? -9.466  7.556   -10.407 1.00 54.48  ? 8   GLN A CG  1 
ATOM   67  C CD  . GLN A 1 9  ? -10.752 7.686   -11.205 1.00 76.06  ? 8   GLN A CD  1 
ATOM   68  O OE1 . GLN A 1 9  ? -11.747 7.013   -10.918 1.00 90.02  ? 8   GLN A OE1 1 
ATOM   69  N NE2 . GLN A 1 9  ? -10.737 8.547   -12.217 1.00 77.04  ? 8   GLN A NE2 1 
ATOM   70  N N   . GLU A 1 10 ? -8.575  3.849   -7.710  1.00 29.50  ? 9   GLU A N   1 
ATOM   71  C CA  . GLU A 1 10 ? -8.608  3.028   -6.507  1.00 30.29  ? 9   GLU A CA  1 
ATOM   72  C C   . GLU A 1 10 ? -7.242  2.981   -5.838  1.00 35.83  ? 9   GLU A C   1 
ATOM   73  O O   . GLU A 1 10 ? -7.146  3.025   -4.603  1.00 28.78  ? 9   GLU A O   1 
ATOM   74  C CB  . GLU A 1 10 ? -9.087  1.614   -6.815  1.00 32.25  ? 9   GLU A CB  1 
ATOM   75  C CG  . GLU A 1 10 ? -9.295  0.812   -5.520  1.00 47.82  ? 9   GLU A CG  1 
ATOM   76  C CD  . GLU A 1 10 ? -9.425  -0.679  -5.728  1.00 53.84  ? 9   GLU A CD  1 
ATOM   77  O OE1 . GLU A 1 10 ? -9.691  -1.101  -6.878  1.00 47.12  ? 9   GLU A OE1 1 
ATOM   78  O OE2 . GLU A 1 10 ? -9.273  -1.423  -4.726  1.00 45.76  ? 9   GLU A OE2 1 
ATOM   79  N N   . LEU A 1 11 ? -6.171  2.904   -6.636  1.00 31.11  ? 10  LEU A N   1 
ATOM   80  C CA  . LEU A 1 11 ? -4.832  2.854   -6.061  1.00 34.97  ? 10  LEU A CA  1 
ATOM   81  C C   . LEU A 1 11 ? -4.489  4.149   -5.343  1.00 26.99  ? 10  LEU A C   1 
ATOM   82  O O   . LEU A 1 11 ? -3.815  4.134   -4.302  1.00 33.99  ? 10  LEU A O   1 
ATOM   83  C CB  . LEU A 1 11 ? -3.800  2.579   -7.154  1.00 30.75  ? 10  LEU A CB  1 
ATOM   84  C CG  . LEU A 1 11 ? -2.375  2.337   -6.654  1.00 28.15  ? 10  LEU A CG  1 
ATOM   85  C CD1 . LEU A 1 11 ? -2.319  1.138   -5.711  1.00 31.95  ? 10  LEU A CD1 1 
ATOM   86  C CD2 . LEU A 1 11 ? -1.446  2.138   -7.851  1.00 29.99  ? 10  LEU A CD2 1 
ATOM   87  N N   . GLU A 1 12 ? -4.893  5.283   -5.910  1.00 29.41  ? 11  GLU A N   1 
ATOM   88  C CA  . GLU A 1 12 ? -4.695  6.551   -5.223  1.00 36.63  ? 11  GLU A CA  1 
ATOM   89  C C   . GLU A 1 12 ? -5.442  6.576   -3.896  1.00 35.16  ? 11  GLU A C   1 
ATOM   90  O O   . GLU A 1 12 ? -4.897  7.020   -2.884  1.00 32.87  ? 11  GLU A O   1 
ATOM   91  C CB  . GLU A 1 12 ? -5.143  7.706   -6.106  1.00 43.68  ? 11  GLU A CB  1 
ATOM   92  C CG  . GLU A 1 12 ? -4.746  9.046   -5.551  1.00 53.37  ? 11  GLU A CG  1 
ATOM   93  C CD  . GLU A 1 12 ? -5.184  10.185  -6.441  1.00 70.81  ? 11  GLU A CD  1 
ATOM   94  O OE1 . GLU A 1 12 ? -6.025  9.946   -7.339  1.00 70.57  ? 11  GLU A OE1 1 
ATOM   95  O OE2 . GLU A 1 12 ? -4.685  11.314  -6.240  1.00 77.30  ? 11  GLU A OE2 1 
ATOM   96  N N   . ALA A 1 13 ? -6.686  6.081   -3.883  1.00 34.73  ? 12  ALA A N   1 
ATOM   97  C CA  . ALA A 1 13 ? -7.433  5.967   -2.631  1.00 28.93  ? 12  ALA A CA  1 
ATOM   98  C C   . ALA A 1 13 ? -6.692  5.104   -1.616  1.00 31.56  ? 12  ALA A C   1 
ATOM   99  O O   . ALA A 1 13 ? -6.606  5.447   -0.427  1.00 29.02  ? 12  ALA A O   1 
ATOM   100 C CB  . ALA A 1 13 ? -8.822  5.399   -2.913  1.00 34.23  ? 12  ALA A CB  1 
ATOM   101 N N   . LEU A 1 14 ? -6.147  3.972   -2.064  1.00 34.00  ? 13  LEU A N   1 
ATOM   102 C CA  . LEU A 1 14 ? -5.387  3.113   -1.165  1.00 29.70  ? 13  LEU A CA  1 
ATOM   103 C C   . LEU A 1 14 ? -4.129  3.809   -0.658  1.00 29.11  ? 13  LEU A C   1 
ATOM   104 O O   . LEU A 1 14 ? -3.756  3.664   0.511   1.00 29.40  ? 13  LEU A O   1 
ATOM   105 C CB  . LEU A 1 14 ? -5.030  1.812   -1.872  1.00 27.90  ? 13  LEU A CB  1 
ATOM   106 C CG  . LEU A 1 14 ? -6.221  0.882   -2.124  1.00 31.66  ? 13  LEU A CG  1 
ATOM   107 C CD1 . LEU A 1 14 ? -5.783  -0.243  -3.001  1.00 33.67  ? 13  LEU A CD1 1 
ATOM   108 C CD2 . LEU A 1 14 ? -6.745  0.355   -0.811  1.00 32.28  ? 13  LEU A CD2 1 
ATOM   109 N N   . ALA A 1 15 ? -3.445  4.553   -1.529  1.00 32.86  ? 14  ALA A N   1 
ATOM   110 C CA  . ALA A 1 15 ? -2.271  5.289   -1.080  1.00 31.91  ? 14  ALA A CA  1 
ATOM   111 C C   . ALA A 1 15 ? -2.638  6.302   -0.004  1.00 26.97  ? 14  ALA A C   1 
ATOM   112 O O   . ALA A 1 15 ? -1.937  6.434   1.005   1.00 31.50  ? 14  ALA A O   1 
ATOM   113 C CB  . ALA A 1 15 ? -1.620  5.991   -2.263  1.00 27.17  ? 14  ALA A CB  1 
ATOM   114 N N   . LYS A 1 16 ? -3.721  7.047   -0.223  1.00 27.53  ? 15  LYS A N   1 
ATOM   115 C CA  . LYS A 1 16 ? -4.189  7.975   0.800   1.00 34.02  ? 15  LYS A CA  1 
ATOM   116 C C   . LYS A 1 16 ? -4.496  7.246   2.094   1.00 28.82  ? 15  LYS A C   1 
ATOM   117 O O   . LYS A 1 16 ? -4.200  7.745   3.190   1.00 31.03  ? 15  LYS A O   1 
ATOM   118 C CB  . LYS A 1 16 ? -5.430  8.706   0.305   1.00 35.42  ? 15  LYS A CB  1 
ATOM   119 C CG  . LYS A 1 16 ? -5.174  9.597   -0.897  1.00 53.60  ? 15  LYS A CG  1 
ATOM   120 C CD  . LYS A 1 16 ? -6.187  10.726  -0.957  1.00 63.58  ? 15  LYS A CD  1 
ATOM   121 C CE  . LYS A 1 16 ? -6.036  11.548  -2.226  1.00 63.09  ? 15  LYS A CE  1 
ATOM   122 N NZ  . LYS A 1 16 ? -6.857  10.993  -3.333  1.00 68.40  ? 15  LYS A NZ  1 
ATOM   123 N N   . LYS A 1 17 ? -5.094  6.059   1.985   1.00 26.83  ? 16  LYS A N   1 
ATOM   124 C CA  . LYS A 1 17 ? -5.419  5.288   3.180   1.00 28.17  ? 16  LYS A CA  1 
ATOM   125 C C   . LYS A 1 17 ? -4.150  4.884   3.913   1.00 35.53  ? 16  LYS A C   1 
ATOM   126 O O   . LYS A 1 17 ? -4.094  4.936   5.149   1.00 27.76  ? 16  LYS A O   1 
ATOM   127 C CB  . LYS A 1 17 ? -6.241  4.054   2.801   1.00 26.91  ? 16  LYS A CB  1 
ATOM   128 C CG  . LYS A 1 17 ? -6.541  3.120   3.959   1.00 36.57  ? 16  LYS A CG  1 
ATOM   129 C CD  . LYS A 1 17 ? -7.608  3.667   4.876   1.00 54.08  ? 16  LYS A CD  1 
ATOM   130 C CE  . LYS A 1 17 ? -8.372  2.535   5.542   1.00 62.43  ? 16  LYS A CE  1 
ATOM   131 N NZ  . LYS A 1 17 ? -9.158  1.742   4.553   1.00 74.26  ? 16  LYS A NZ  1 
ATOM   132 N N   . LEU A 1 18 ? -3.107  4.508   3.163   1.00 24.94  ? 17  LEU A N   1 
ATOM   133 C CA  . LEU A 1 18 ? -1.862  4.098   3.813   1.00 31.75  ? 17  LEU A CA  1 
ATOM   134 C C   . LEU A 1 18 ? -1.229  5.262   4.567   1.00 28.97  ? 17  LEU A C   1 
ATOM   135 O O   . LEU A 1 18 ? -0.737  5.088   5.690   1.00 30.37  ? 17  LEU A O   1 
ATOM   136 C CB  . LEU A 1 18 ? -0.872  3.547   2.790   1.00 30.57  ? 17  LEU A CB  1 
ATOM   137 C CG  . LEU A 1 18 ? 0.434   3.017   3.399   1.00 27.31  ? 17  LEU A CG  1 
ATOM   138 C CD1 . LEU A 1 18 ? 0.122   1.991   4.464   1.00 31.39  ? 17  LEU A CD1 1 
ATOM   139 C CD2 . LEU A 1 18 ? 1.274   2.402   2.304   1.00 25.63  ? 17  LEU A CD2 1 
ATOM   140 N N   . LYS A 1 19 ? -1.233  6.451   3.960   1.00 28.62  ? 18  LYS A N   1 
ATOM   141 C CA  . LYS A 1 19 ? -0.715  7.630   4.642   1.00 30.87  ? 18  LYS A CA  1 
ATOM   142 C C   . LYS A 1 19 ? -1.475  7.886   5.934   1.00 26.66  ? 18  LYS A C   1 
ATOM   143 O O   . LYS A 1 19 ? -0.872  8.214   6.962   1.00 31.94  ? 18  LYS A O   1 
ATOM   144 C CB  . LYS A 1 19 ? -0.808  8.846   3.727   1.00 35.06  ? 18  LYS A CB  1 
ATOM   145 C CG  . LYS A 1 19 ? -0.344  10.136  4.387   1.00 37.55  ? 18  LYS A CG  1 
ATOM   146 C CD  . LYS A 1 19 ? -0.809  11.347  3.605   1.00 39.87  ? 18  LYS A CD  1 
ATOM   147 C CE  . LYS A 1 19 ? -0.077  12.609  4.033   1.00 51.99  ? 18  LYS A CE  1 
ATOM   148 N NZ  . LYS A 1 19 ? -0.675  13.799  3.368   1.00 49.26  ? 18  LYS A NZ  1 
ATOM   149 N N   . ALA A 1 20 ? -2.802  7.742   5.899   1.00 31.94  ? 19  ALA A N   1 
ATOM   150 C CA  . ALA A 1 20 ? -3.602  7.909   7.111   1.00 33.02  ? 19  ALA A CA  1 
ATOM   151 C C   . ALA A 1 20 ? -3.202  6.897   8.177   1.00 28.63  ? 19  ALA A C   1 
ATOM   152 O O   . ALA A 1 20 ? -3.069  7.243   9.360   1.00 29.82  ? 19  ALA A O   1 
ATOM   153 C CB  . ALA A 1 20 ? -5.085  7.784   6.775   1.00 30.18  ? 19  ALA A CB  1 
ATOM   154 N N   . LEU A 1 21 ? -2.999  5.636   7.780   1.00 25.68  ? 20  LEU A N   1 
ATOM   155 C CA  . LEU A 1 21 ? -2.583  4.619   8.740   1.00 26.92  ? 20  LEU A CA  1 
ATOM   156 C C   . LEU A 1 21 ? -1.207  4.936   9.311   1.00 33.07  ? 20  LEU A C   1 
ATOM   157 O O   . LEU A 1 21 ? -0.967  4.748   10.512  1.00 31.60  ? 20  LEU A O   1 
ATOM   158 C CB  . LEU A 1 21 ? -2.584  3.236   8.084   1.00 31.34  ? 20  LEU A CB  1 
ATOM   159 C CG  . LEU A 1 21 ? -3.988  2.756   7.715   1.00 34.79  ? 20  LEU A CG  1 
ATOM   160 C CD1 . LEU A 1 21 ? -3.953  1.436   6.959   1.00 33.10  ? 20  LEU A CD1 1 
ATOM   161 C CD2 . LEU A 1 21 ? -4.802  2.615   8.958   1.00 32.23  ? 20  LEU A CD2 1 
ATOM   162 N N   . ALA A 1 22 ? -0.298  5.444   8.473   1.00 28.35  ? 21  ALA A N   1 
ATOM   163 C CA  . ALA A 1 22 ? 1.011   5.851   8.976   1.00 32.83  ? 21  ALA A CA  1 
ATOM   164 C C   . ALA A 1 22 ? 0.866   6.878   10.088  1.00 33.75  ? 21  ALA A C   1 
ATOM   165 O O   . ALA A 1 22 ? 1.507   6.773   11.140  1.00 31.90  ? 21  ALA A O   1 
ATOM   166 C CB  . ALA A 1 22 ? 1.859   6.426   7.839   1.00 28.21  ? 21  ALA A CB  1 
ATOM   167 N N   . TRP A 1 23 ? 0.012   7.876   9.874   1.00 30.60  ? 22  TRP A N   1 
ATOM   168 C CA  . TRP A 1 23 ? -0.096  8.953   10.842  1.00 26.77  ? 22  TRP A CA  1 
ATOM   169 C C   . TRP A 1 23 ? -0.871  8.511   12.075  1.00 30.48  ? 22  TRP A C   1 
ATOM   170 O O   . TRP A 1 23 ? -0.612  9.014   13.176  1.00 33.43  ? 22  TRP A O   1 
ATOM   171 C CB  . TRP A 1 23 ? -0.707  10.189  10.162  1.00 25.19  ? 22  TRP A CB  1 
ATOM   172 C CG  . TRP A 1 23 ? 0.388   10.947  9.454   1.00 30.90  ? 22  TRP A CG  1 
ATOM   173 C CD1 . TRP A 1 23 ? 0.885   10.704  8.194   1.00 32.83  ? 22  TRP A CD1 1 
ATOM   174 C CD2 . TRP A 1 23 ? 1.190   12.005  10.002  1.00 32.52  ? 22  TRP A CD2 1 
ATOM   175 N NE1 . TRP A 1 23 ? 1.924   11.569  7.922   1.00 28.19  ? 22  TRP A NE1 1 
ATOM   176 C CE2 . TRP A 1 23 ? 2.126   12.375  9.012   1.00 34.52  ? 22  TRP A CE2 1 
ATOM   177 C CE3 . TRP A 1 23 ? 1.190   12.684  11.227  1.00 32.75  ? 22  TRP A CE3 1 
ATOM   178 C CZ2 . TRP A 1 23 ? 3.058   13.398  9.216   1.00 38.34  ? 22  TRP A CZ2 1 
ATOM   179 C CZ3 . TRP A 1 23 ? 2.114   13.701  11.424  1.00 35.95  ? 22  TRP A CZ3 1 
ATOM   180 C CH2 . TRP A 1 23 ? 3.039   14.043  10.425  1.00 33.33  ? 22  TRP A CH2 1 
ATOM   181 N N   . LYS A 1 24 ? -1.785  7.548   11.932  1.00 33.33  ? 23  LYS A N   1 
ATOM   182 C CA  . LYS A 1 24 ? -2.391  6.953   13.118  1.00 28.02  ? 23  LYS A CA  1 
ATOM   183 C C   . LYS A 1 24 ? -1.329  6.277   13.977  1.00 33.85  ? 23  LYS A C   1 
ATOM   184 O O   . LYS A 1 24 ? -1.359  6.377   15.212  1.00 33.72  ? 23  LYS A O   1 
ATOM   185 C CB  . LYS A 1 24 ? -3.486  5.961   12.728  1.00 40.38  ? 23  LYS A CB  1 
ATOM   186 C CG  . LYS A 1 24 ? -4.181  5.302   13.934  1.00 44.97  ? 23  LYS A CG  1 
ATOM   187 C CD  . LYS A 1 24 ? -5.634  4.952   13.627  1.00 58.02  ? 23  LYS A CD  1 
ATOM   188 C CE  . LYS A 1 24 ? -5.777  4.180   12.320  1.00 63.10  ? 23  LYS A CE  1 
ATOM   189 N NZ  . LYS A 1 24 ? -7.163  4.253   11.763  1.00 64.02  ? 23  LYS A NZ  1 
ATOM   190 N N   . LEU A 1 25 ? -0.367  5.610   13.340  1.00 30.45  ? 24  LEU A N   1 
ATOM   191 C CA  . LEU A 1 25 ? 0.726   4.987   14.085  1.00 33.70  ? 24  LEU A CA  1 
ATOM   192 C C   . LEU A 1 25 ? 1.602   6.043   14.735  1.00 41.34  ? 24  LEU A C   1 
ATOM   193 O O   . LEU A 1 25 ? 2.008   5.897   15.897  1.00 36.74  ? 24  LEU A O   1 
ATOM   194 C CB  . LEU A 1 25 ? 1.559   4.104   13.160  1.00 33.29  ? 24  LEU A CB  1 
ATOM   195 C CG  . LEU A 1 25 ? 2.777   3.398   13.772  1.00 35.89  ? 24  LEU A CG  1 
ATOM   196 C CD1 . LEU A 1 25 ? 2.391   2.559   14.978  1.00 34.02  ? 24  LEU A CD1 1 
ATOM   197 C CD2 . LEU A 1 25 ? 3.452   2.547   12.717  1.00 30.56  ? 24  LEU A CD2 1 
ATOM   198 N N   . LYS A 1 26 ? 1.905   7.116   13.999  1.00 37.27  ? 25  LYS A N   1 
ATOM   199 C CA  . LYS A 1 26 ? 2.613   8.242   14.589  1.00 41.00  ? 25  LYS A CA  1 
ATOM   200 C C   . LYS A 1 26 ? 1.888   8.746   15.823  1.00 43.30  ? 25  LYS A C   1 
ATOM   201 O O   . LYS A 1 26 ? 2.507   8.987   16.866  1.00 42.95  ? 25  LYS A O   1 
ATOM   202 C CB  . LYS A 1 26 ? 2.753   9.361   13.564  1.00 40.38  ? 25  LYS A CB  1 
ATOM   203 C CG  . LYS A 1 26 ? 3.960   9.240   12.684  1.00 41.16  ? 25  LYS A CG  1 
ATOM   204 C CD  . LYS A 1 26 ? 3.936   10.304  11.616  1.00 40.81  ? 25  LYS A CD  1 
ATOM   205 C CE  . LYS A 1 26 ? 5.278   10.397  10.934  1.00 51.26  ? 25  LYS A CE  1 
ATOM   206 N NZ  . LYS A 1 26 ? 6.289   11.173  11.705  1.00 62.52  ? 25  LYS A NZ  1 
ATOM   207 N N   . ALA A 1 27 ? 0.567   8.885   15.727  1.00 32.97  ? 26  ALA A N   1 
ATOM   208 C CA  . ALA A 1 27 ? -0.221  9.338   16.866  1.00 40.06  ? 26  ALA A CA  1 
ATOM   209 C C   . ALA A 1 27 ? -0.068  8.392   18.052  1.00 51.03  ? 26  ALA A C   1 
ATOM   210 O O   . ALA A 1 27 ? 0.254   8.825   19.166  1.00 54.76  ? 26  ALA A O   1 
ATOM   211 C CB  . ALA A 1 27 ? -1.685  9.468   16.451  1.00 34.58  ? 26  ALA A CB  1 
ATOM   212 N N   . LEU A 1 28 ? -0.277  7.087   17.829  1.00 46.90  ? 27  LEU A N   1 
ATOM   213 C CA  . LEU A 1 28 ? -0.088  6.118   18.910  1.00 41.76  ? 27  LEU A CA  1 
ATOM   214 C C   . LEU A 1 28 ? 1.319   6.188   19.484  1.00 47.73  ? 27  LEU A C   1 
ATOM   215 O O   . LEU A 1 28 ? 1.503   6.008   20.693  1.00 58.55  ? 27  LEU A O   1 
ATOM   216 C CB  . LEU A 1 28 ? -0.383  4.693   18.428  1.00 37.31  ? 27  LEU A CB  1 
ATOM   217 C CG  . LEU A 1 28 ? -1.779  4.385   17.883  1.00 40.24  ? 27  LEU A CG  1 
ATOM   218 C CD1 . LEU A 1 28 ? -1.838  2.955   17.379  1.00 49.90  ? 27  LEU A CD1 1 
ATOM   219 C CD2 . LEU A 1 28 ? -2.844  4.635   18.932  1.00 47.78  ? 27  LEU A CD2 1 
ATOM   220 N N   . ALA A 1 29 ? 2.318   6.476   18.645  1.00 44.66  ? 28  ALA A N   1 
ATOM   221 C CA  . ALA A 1 29 ? 3.702   6.486   19.112  1.00 46.72  ? 28  ALA A CA  1 
ATOM   222 C C   . ALA A 1 29 ? 3.987   7.639   20.071  1.00 67.42  ? 28  ALA A C   1 
ATOM   223 O O   . ALA A 1 29 ? 4.841   7.499   20.954  1.00 77.14  ? 28  ALA A O   1 
ATOM   224 C CB  . ALA A 1 29 ? 4.664   6.544   17.927  1.00 40.60  ? 28  ALA A CB  1 
ATOM   225 N N   . GLN A 1 30 ? 3.308   8.784   19.919  1.00 52.66  ? 29  GLN A N   1 
ATOM   226 C CA  . GLN A 1 30 ? 3.584   9.904   20.818  1.00 56.83  ? 29  GLN A CA  1 
ATOM   227 C C   . GLN A 1 30 ? 3.131   9.600   22.240  1.00 70.48  ? 29  GLN A C   1 
ATOM   228 O O   . GLN A 1 30 ? 3.814   9.963   23.204  1.00 74.08  ? 29  GLN A O   1 
ATOM   229 C CB  . GLN A 1 30 ? 2.926   11.189  20.314  1.00 57.42  ? 29  GLN A CB  1 
ATOM   230 C CG  . GLN A 1 30 ? 2.804   11.305  18.813  1.00 65.02  ? 29  GLN A CG  1 
ATOM   231 C CD  . GLN A 1 30 ? 4.134   11.608  18.142  1.00 74.58  ? 29  GLN A CD  1 
ATOM   232 O OE1 . GLN A 1 30 ? 4.783   12.610  18.446  1.00 71.30  ? 29  GLN A OE1 1 
ATOM   233 N NE2 . GLN A 1 30 ? 4.541   10.744  17.212  1.00 73.30  ? 29  GLN A NE2 1 
ATOM   234 N N   . GLY A 1 31 ? 1.994   8.935   22.393  1.00 73.78  ? 30  GLY A N   1 
ATOM   235 C CA  . GLY A 1 31 ? 1.520   8.548   23.708  1.00 83.60  ? 30  GLY A CA  1 
ATOM   236 C C   . GLY A 1 31 ? 0.439   7.490   23.648  1.00 88.07  ? 30  GLY A C   1 
ATOM   237 O O   . GLY A 1 31 ? -0.512  7.619   22.879  1.00 89.49  ? 30  GLY A O   1 
ATOM   238 N N   . GLY B 1 2  ? 3.927   -4.980  -21.274 1.00 66.59  ? 1   GLY B N   1 
ATOM   239 C CA  . GLY B 1 2  ? 5.146   -4.275  -20.928 1.00 53.70  ? 1   GLY B CA  1 
ATOM   240 C C   . GLY B 1 2  ? 5.023   -3.460  -19.654 1.00 47.59  ? 1   GLY B C   1 
ATOM   241 O O   . GLY B 1 2  ? 5.226   -3.977  -18.558 1.00 50.38  ? 1   GLY B O   1 
ATOM   242 N N   . GLU B 1 3  ? 4.664   -2.183  -19.803 1.00 43.83  ? 2   GLU B N   1 
ATOM   243 C CA  . GLU B 1 3  ? 4.678   -1.274  -18.664 1.00 48.54  ? 2   GLU B CA  1 
ATOM   244 C C   . GLU B 1 3  ? 3.662   -1.682  -17.607 1.00 41.72  ? 2   GLU B C   1 
ATOM   245 O O   . GLU B 1 3  ? 3.946   -1.604  -16.408 1.00 37.44  ? 2   GLU B O   1 
ATOM   246 C CB  . GLU B 1 3  ? 4.407   0.154   -19.131 1.00 50.14  ? 2   GLU B CB  1 
ATOM   247 C CG  . GLU B 1 3  ? 5.607   1.077   -19.047 1.00 65.87  ? 2   GLU B CG  1 
ATOM   248 C CD  . GLU B 1 3  ? 5.375   2.380   -19.781 1.00 76.08  ? 2   GLU B CD  1 
ATOM   249 O OE1 . GLU B 1 3  ? 4.763   2.346   -20.871 1.00 84.48  ? 2   GLU B OE1 1 
ATOM   250 O OE2 . GLU B 1 3  ? 5.804   3.437   -19.272 1.00 84.55  ? 2   GLU B OE2 1 
ATOM   251 N N   . LEU B 1 4  ? 2.468   -2.108  -18.028 1.00 38.29  ? 3   LEU B N   1 
ATOM   252 C CA  . LEU B 1 4  ? 1.431   -2.467  -17.062 1.00 40.41  ? 3   LEU B CA  1 
ATOM   253 C C   . LEU B 1 4  ? 1.829   -3.689  -16.243 1.00 42.75  ? 3   LEU B C   1 
ATOM   254 O O   . LEU B 1 4  ? 1.601   -3.732  -15.027 1.00 34.17  ? 3   LEU B O   1 
ATOM   255 C CB  . LEU B 1 4  ? 0.109   -2.724  -17.782 1.00 34.98  ? 3   LEU B CB  1 
ATOM   256 C CG  . LEU B 1 4  ? -1.145  -2.616  -16.930 1.00 44.23  ? 3   LEU B CG  1 
ATOM   257 C CD1 . LEU B 1 4  ? -1.279  -1.207  -16.422 1.00 46.16  ? 3   LEU B CD1 1 
ATOM   258 C CD2 . LEU B 1 4  ? -2.371  -3.011  -17.741 1.00 46.57  ? 3   LEU B CD2 1 
ATOM   259 N N   . GLU B 1 5  ? 2.399   -4.702  -16.902 1.00 37.62  ? 4   GLU B N   1 
ATOM   260 C CA  . GLU B 1 5  ? 2.894   -5.875  -16.190 1.00 38.13  ? 4   GLU B CA  1 
ATOM   261 C C   . GLU B 1 5  ? 3.986   -5.497  -15.199 1.00 36.22  ? 4   GLU B C   1 
ATOM   262 O O   . GLU B 1 5  ? 4.038   -6.032  -14.085 1.00 39.70  ? 4   GLU B O   1 
ATOM   263 C CB  . GLU B 1 5  ? 3.427   -6.908  -17.185 1.00 47.33  ? 4   GLU B CB  1 
ATOM   264 C CG  . GLU B 1 5  ? 2.370   -7.778  -17.824 1.00 69.78  ? 4   GLU B CG  1 
ATOM   265 C CD  . GLU B 1 5  ? 2.673   -9.255  -17.666 1.00 91.65  ? 4   GLU B CD  1 
ATOM   266 O OE1 . GLU B 1 5  ? 3.856   -9.605  -17.454 1.00 97.32  ? 4   GLU B OE1 1 
ATOM   267 O OE2 . GLU B 1 5  ? 1.726   -10.065 -17.752 1.00 97.93  ? 4   GLU B OE2 1 
ATOM   268 N N   . ALA B 1 6  ? 4.883   -4.591  -15.593 1.00 33.92  ? 5   ALA B N   1 
ATOM   269 C CA  . ALA B 1 6  ? 5.961   -4.198  -14.691 1.00 38.97  ? 5   ALA B CA  1 
ATOM   270 C C   . ALA B 1 6  ? 5.421   -3.443  -13.479 1.00 35.98  ? 5   ALA B C   1 
ATOM   271 O O   . ALA B 1 6  ? 5.915   -3.612  -12.354 1.00 34.72  ? 5   ALA B O   1 
ATOM   272 C CB  . ALA B 1 6  ? 6.992   -3.356  -15.440 1.00 41.23  ? 5   ALA B CB  1 
ATOM   273 N N   . LEU B 1 7  ? 4.416   -2.594  -13.691 1.00 34.71  ? 6   LEU B N   1 
ATOM   274 C CA  . LEU B 1 7  ? 3.821   -1.864  -12.576 1.00 32.72  ? 6   LEU B CA  1 
ATOM   275 C C   . LEU B 1 7  ? 3.091   -2.817  -11.636 1.00 30.70  ? 6   LEU B C   1 
ATOM   276 O O   . LEU B 1 7  ? 3.112   -2.631  -10.411 1.00 32.10  ? 6   LEU B O   1 
ATOM   277 C CB  . LEU B 1 7  ? 2.875   -0.782  -13.116 1.00 35.73  ? 6   LEU B CB  1 
ATOM   278 C CG  . LEU B 1 7  ? 2.242   0.296   -12.213 1.00 59.89  ? 6   LEU B CG  1 
ATOM   279 C CD1 . LEU B 1 7  ? 1.605   1.371   -13.093 1.00 68.97  ? 6   LEU B CD1 1 
ATOM   280 C CD2 . LEU B 1 7  ? 1.206   -0.228  -11.222 1.00 65.23  ? 6   LEU B CD2 1 
ATOM   281 N N   . ALA B 1 8  ? 2.406   -3.816  -12.193 1.00 27.92  ? 7   ALA B N   1 
ATOM   282 C CA  . ALA B 1 8  ? 1.739   -4.805  -11.351 1.00 28.89  ? 7   ALA B CA  1 
ATOM   283 C C   . ALA B 1 8  ? 2.744   -5.557  -10.479 1.00 38.15  ? 7   ALA B C   1 
ATOM   284 O O   . ALA B 1 8  ? 2.460   -5.876  -9.318  1.00 32.28  ? 7   ALA B O   1 
ATOM   285 C CB  . ALA B 1 8  ? 0.940   -5.772  -12.224 1.00 30.52  ? 7   ALA B CB  1 
ATOM   286 N N   . GLN B 1 9  ? 3.932   -5.841  -11.021 1.00 32.72  ? 8   GLN B N   1 
ATOM   287 C CA  . GLN B 1 9  ? 4.972   -6.503  -10.235 1.00 35.05  ? 8   GLN B CA  1 
ATOM   288 C C   . GLN B 1 9  ? 5.463   -5.609  -9.105  1.00 32.35  ? 8   GLN B C   1 
ATOM   289 O O   . GLN B 1 9  ? 5.665   -6.078  -7.980  1.00 33.91  ? 8   GLN B O   1 
ATOM   290 C CB  . GLN B 1 9  ? 6.143   -6.897  -11.140 1.00 36.11  ? 8   GLN B CB  1 
ATOM   291 C CG  . GLN B 1 9  ? 5.848   -8.034  -12.087 1.00 55.27  ? 8   GLN B CG  1 
ATOM   292 C CD  . GLN B 1 9  ? 5.813   -9.384  -11.391 1.00 72.45  ? 8   GLN B CD  1 
ATOM   293 O OE1 . GLN B 1 9  ? 4.749   -10.001 -11.262 1.00 74.10  ? 8   GLN B OE1 1 
ATOM   294 N NE2 . GLN B 1 9  ? 6.979   -9.853  -10.935 1.00 63.78  ? 8   GLN B NE2 1 
ATOM   295 N N   . GLU B 1 10 ? 5.669   -4.321  -9.393  1.00 35.07  ? 9   GLU B N   1 
ATOM   296 C CA  . GLU B 1 10 ? 6.042   -3.365  -8.357  1.00 31.20  ? 9   GLU B CA  1 
ATOM   297 C C   . GLU B 1 10 ? 4.997   -3.311  -7.260  1.00 34.62  ? 9   GLU B C   1 
ATOM   298 O O   . GLU B 1 10 ? 5.331   -3.227  -6.074  1.00 28.53  ? 9   GLU B O   1 
ATOM   299 C CB  . GLU B 1 10 ? 6.210   -1.972  -8.957  1.00 37.13  ? 9   GLU B CB  1 
ATOM   300 C CG  . GLU B 1 10 ? 7.616   -1.592  -9.335  1.00 51.92  ? 9   GLU B CG  1 
ATOM   301 C CD  . GLU B 1 10 ? 7.719   -0.121  -9.702  1.00 63.86  ? 9   GLU B CD  1 
ATOM   302 O OE1 . GLU B 1 10 ? 7.479   0.220   -10.881 1.00 67.53  ? 9   GLU B OE1 1 
ATOM   303 O OE2 . GLU B 1 10 ? 8.020   0.697   -8.806  1.00 65.85  ? 9   GLU B OE2 1 
ATOM   304 N N   . LEU B 1 11 ? 3.720   -3.323  -7.643  1.00 27.53  ? 10  LEU B N   1 
ATOM   305 C CA  . LEU B 1 11 ? 2.652   -3.283  -6.653  1.00 28.56  ? 10  LEU B CA  1 
ATOM   306 C C   . LEU B 1 11 ? 2.644   -4.537  -5.791  1.00 29.47  ? 10  LEU B C   1 
ATOM   307 O O   . LEU B 1 11 ? 2.353   -4.469  -4.591  1.00 30.31  ? 10  LEU B O   1 
ATOM   308 C CB  . LEU B 1 11 ? 1.312   -3.106  -7.368  1.00 31.10  ? 10  LEU B CB  1 
ATOM   309 C CG  . LEU B 1 11 ? 0.077   -2.735  -6.558  1.00 43.27  ? 10  LEU B CG  1 
ATOM   310 C CD1 . LEU B 1 11 ? 0.408   -1.622  -5.583  1.00 47.68  ? 10  LEU B CD1 1 
ATOM   311 C CD2 . LEU B 1 11 ? -1.054  -2.303  -7.513  1.00 33.65  ? 10  LEU B CD2 1 
ATOM   312 N N   . GLU B 1 12 ? 2.935   -5.694  -6.387  1.00 29.61  ? 11  GLU B N   1 
ATOM   313 C CA  . GLU B 1 12 ? 2.969   -6.932  -5.613  1.00 23.15  ? 11  GLU B CA  1 
ATOM   314 C C   . GLU B 1 12 ? 4.130   -6.928  -4.634  1.00 23.17  ? 11  GLU B C   1 
ATOM   315 O O   . GLU B 1 12 ? 3.991   -7.375  -3.492  1.00 29.46  ? 11  GLU B O   1 
ATOM   316 C CB  . GLU B 1 12 ? 3.066   -8.132  -6.549  1.00 27.33  ? 11  GLU B CB  1 
ATOM   317 C CG  . GLU B 1 12 ? 1.771   -8.406  -7.295  1.00 31.73  ? 11  GLU B CG  1 
ATOM   318 C CD  . GLU B 1 12 ? 1.901   -9.588  -8.232  1.00 47.67  ? 11  GLU B CD  1 
ATOM   319 O OE1 . GLU B 1 12 ? 2.964   -10.244 -8.209  1.00 52.81  ? 11  GLU B OE1 1 
ATOM   320 O OE2 . GLU B 1 12 ? 0.947   -9.858  -8.991  1.00 51.52  ? 11  GLU B OE2 1 
ATOM   321 N N   . ALA B 1 13 ? 5.272   -6.386  -5.053  1.00 25.28  ? 12  ALA B N   1 
ATOM   322 C CA  . ALA B 1 13 ? 6.394   -6.257  -4.137  1.00 30.64  ? 12  ALA B CA  1 
ATOM   323 C C   . ALA B 1 13 ? 6.052   -5.319  -2.987  1.00 29.46  ? 12  ALA B C   1 
ATOM   324 O O   . ALA B 1 13 ? 6.436   -5.565  -1.839  1.00 30.33  ? 12  ALA B O   1 
ATOM   325 C CB  . ALA B 1 13 ? 7.619   -5.752  -4.892  1.00 34.48  ? 12  ALA B CB  1 
ATOM   326 N N   . LEU B 1 14 ? 5.338   -4.231  -3.277  1.00 26.39  ? 13  LEU B N   1 
ATOM   327 C CA  . LEU B 1 14 ? 5.014   -3.266  -2.227  1.00 25.33  ? 13  LEU B CA  1 
ATOM   328 C C   . LEU B 1 14 ? 3.992   -3.828  -1.249  1.00 26.43  ? 13  LEU B C   1 
ATOM   329 O O   . LEU B 1 14 ? 4.062   -3.557  -0.043  1.00 26.45  ? 13  LEU B O   1 
ATOM   330 C CB  . LEU B 1 14 ? 4.516   -1.968  -2.850  1.00 29.36  ? 13  LEU B CB  1 
ATOM   331 C CG  . LEU B 1 14 ? 5.576   -1.213  -3.672  1.00 46.61  ? 13  LEU B CG  1 
ATOM   332 C CD1 . LEU B 1 14 ? 5.005   0.063   -4.274  1.00 44.60  ? 13  LEU B CD1 1 
ATOM   333 C CD2 . LEU B 1 14 ? 6.838   -0.896  -2.870  1.00 45.29  ? 13  LEU B CD2 1 
ATOM   334 N N   . ALA B 1 15 ? 3.043   -4.624  -1.739  1.00 28.42  ? 14  ALA B N   1 
ATOM   335 C CA  . ALA B 1 15 ? 2.119   -5.293  -0.829  1.00 25.03  ? 14  ALA B CA  1 
ATOM   336 C C   . ALA B 1 15 ? 2.859   -6.235  0.116   1.00 29.20  ? 14  ALA B C   1 
ATOM   337 O O   . ALA B 1 15 ? 2.516   -6.344  1.298   1.00 29.49  ? 14  ALA B O   1 
ATOM   338 C CB  . ALA B 1 15 ? 1.075   -6.061  -1.630  1.00 26.49  ? 14  ALA B CB  1 
ATOM   339 N N   . LYS B 1 16 ? 3.880   -6.925  -0.388  1.00 27.14  ? 15  LYS B N   1 
ATOM   340 C CA  . LYS B 1 16 ? 4.666   -7.811  0.463   1.00 27.33  ? 15  LYS B CA  1 
ATOM   341 C C   . LYS B 1 16 ? 5.450   -7.013  1.494   1.00 26.61  ? 15  LYS B C   1 
ATOM   342 O O   . LYS B 1 16 ? 5.545   -7.418  2.654   1.00 26.80  ? 15  LYS B O   1 
ATOM   343 C CB  . LYS B 1 16 ? 5.594   -8.666  -0.398  1.00 25.58  ? 15  LYS B CB  1 
ATOM   344 C CG  . LYS B 1 16 ? 4.837   -9.684  -1.251  1.00 29.77  ? 15  LYS B CG  1 
ATOM   345 C CD  . LYS B 1 16 ? 5.751   -10.382 -2.239  1.00 31.40  ? 15  LYS B CD  1 
ATOM   346 C CE  . LYS B 1 16 ? 4.969   -11.423 -3.044  1.00 37.37  ? 15  LYS B CE  1 
ATOM   347 N NZ  . LYS B 1 16 ? 5.720   -11.891 -4.242  1.00 35.95  ? 15  LYS B NZ  1 
ATOM   348 N N   . LYS B 1 17 ? 6.015   -5.872  1.092   1.00 25.14  ? 16  LYS B N   1 
ATOM   349 C CA  . LYS B 1 17 ? 6.675   -5.014  2.068   1.00 28.66  ? 16  LYS B CA  1 
ATOM   350 C C   . LYS B 1 17 ? 5.683   -4.515  3.117   1.00 29.96  ? 16  LYS B C   1 
ATOM   351 O O   . LYS B 1 17 ? 6.024   -4.405  4.298   1.00 24.17  ? 16  LYS B O   1 
ATOM   352 C CB  . LYS B 1 17 ? 7.370   -3.860  1.343   1.00 33.52  ? 16  LYS B CB  1 
ATOM   353 C CG  . LYS B 1 17 ? 8.289   -3.037  2.201   1.00 45.31  ? 16  LYS B CG  1 
ATOM   354 C CD  . LYS B 1 17 ? 9.548   -2.639  1.444   1.00 62.29  ? 16  LYS B CD  1 
ATOM   355 C CE  . LYS B 1 17 ? 10.462  -1.793  2.324   1.00 67.06  ? 16  LYS B CE  1 
ATOM   356 N NZ  . LYS B 1 17 ? 10.576  -2.370  3.697   1.00 72.35  ? 16  LYS B NZ  1 
ATOM   357 N N   . LEU B 1 18 ? 4.432   -4.250  2.717   1.00 25.76  ? 17  LEU B N   1 
ATOM   358 C CA  . LEU B 1 18 ? 3.428   -3.829  3.698   1.00 22.44  ? 17  LEU B CA  1 
ATOM   359 C C   . LEU B 1 18 ? 3.126   -4.943  4.698   1.00 27.13  ? 17  LEU B C   1 
ATOM   360 O O   . LEU B 1 18 ? 3.017   -4.696  5.906   1.00 25.93  ? 17  LEU B O   1 
ATOM   361 C CB  . LEU B 1 18 ? 2.153   -3.389  2.968   1.00 24.76  ? 17  LEU B CB  1 
ATOM   362 C CG  . LEU B 1 18 ? 1.129   -2.554  3.715   1.00 37.25  ? 17  LEU B CG  1 
ATOM   363 C CD1 . LEU B 1 18 ? 1.813   -1.428  4.455   1.00 47.38  ? 17  LEU B CD1 1 
ATOM   364 C CD2 . LEU B 1 18 ? 0.133   -1.996  2.730   1.00 29.73  ? 17  LEU B CD2 1 
ATOM   365 N N   . LYS B 1 19 ? 2.988   -6.180  4.218   1.00 27.50  ? 18  LYS B N   1 
ATOM   366 C CA  . LYS B 1 19 ? 2.766   -7.305  5.132   1.00 22.55  ? 18  LYS B CA  1 
ATOM   367 C C   . LYS B 1 19 ? 3.928   -7.465  6.103   1.00 24.65  ? 18  LYS B C   1 
ATOM   368 O O   . LYS B 1 19 ? 3.721   -7.787  7.281   1.00 26.98  ? 18  LYS B O   1 
ATOM   369 C CB  . LYS B 1 19 ? 2.567   -8.593  4.343   1.00 29.65  ? 18  LYS B CB  1 
ATOM   370 C CG  . LYS B 1 19 ? 1.254   -8.660  3.576   1.00 33.46  ? 18  LYS B CG  1 
ATOM   371 C CD  . LYS B 1 19 ? 1.088   -10.005 2.873   1.00 36.19  ? 18  LYS B CD  1 
ATOM   372 C CE  . LYS B 1 19 ? -0.092  -9.972  1.898   1.00 39.53  ? 18  LYS B CE  1 
ATOM   373 N NZ  . LYS B 1 19 ? -0.164  -11.179 1.006   1.00 40.92  ? 18  LYS B NZ  1 
ATOM   374 N N   . ALA B 1 20 ? 5.157   -7.256  5.619   1.00 29.05  ? 19  ALA B N   1 
ATOM   375 C CA  . ALA B 1 20 ? 6.332   -7.322  6.489   1.00 28.11  ? 19  ALA B CA  1 
ATOM   376 C C   . ALA B 1 20 ? 6.244   -6.301  7.615   1.00 27.78  ? 19  ALA B C   1 
ATOM   377 O O   . ALA B 1 20 ? 6.549   -6.610  8.774   1.00 29.43  ? 19  ALA B O   1 
ATOM   378 C CB  . ALA B 1 20 ? 7.600   -7.081  5.673   1.00 27.50  ? 19  ALA B CB  1 
ATOM   379 N N   . LEU B 1 21 ? 5.833   -5.076  7.295   1.00 27.10  ? 20  LEU B N   1 
ATOM   380 C CA  . LEU B 1 21 ? 5.735   -4.062  8.336   1.00 30.60  ? 20  LEU B CA  1 
ATOM   381 C C   . LEU B 1 21 ? 4.604   -4.372  9.307   1.00 29.57  ? 20  LEU B C   1 
ATOM   382 O O   . LEU B 1 21 ? 4.714   -4.080  10.505  1.00 31.46  ? 20  LEU B O   1 
ATOM   383 C CB  . LEU B 1 21 ? 5.543   -2.686  7.700   1.00 23.63  ? 20  LEU B CB  1 
ATOM   384 C CG  . LEU B 1 21 ? 6.717   -2.207  6.852   1.00 31.85  ? 20  LEU B CG  1 
ATOM   385 C CD1 . LEU B 1 21 ? 6.317   -1.013  6.007   1.00 34.95  ? 20  LEU B CD1 1 
ATOM   386 C CD2 . LEU B 1 21 ? 7.925   -1.880  7.730   1.00 33.80  ? 20  LEU B CD2 1 
ATOM   387 N N   . ALA B 1 22 ? 3.521   -4.972  8.811   1.00 26.24  ? 21  ALA B N   1 
ATOM   388 C CA  . ALA B 1 22 ? 2.424   -5.365  9.684   1.00 29.12  ? 21  ALA B CA  1 
ATOM   389 C C   . ALA B 1 22 ? 2.865   -6.448  10.659  1.00 27.45  ? 21  ALA B C   1 
ATOM   390 O O   . ALA B 1 22 ? 2.507   -6.410  11.842  1.00 26.98  ? 21  ALA B O   1 
ATOM   391 C CB  . ALA B 1 22 ? 1.232   -5.846  8.849   1.00 28.12  ? 21  ALA B CB  1 
ATOM   392 N N   . TRP B 1 23 ? 3.658   -7.419  10.190  1.00 26.01  ? 22  TRP B N   1 
ATOM   393 C CA  . TRP B 1 23 ? 4.193   -8.421  11.103  1.00 24.66  ? 22  TRP B CA  1 
ATOM   394 C C   . TRP B 1 23 ? 5.192   -7.804  12.071  1.00 26.20  ? 22  TRP B C   1 
ATOM   395 O O   . TRP B 1 23 ? 5.260   -8.201  13.240  1.00 27.34  ? 22  TRP B O   1 
ATOM   396 C CB  . TRP B 1 23 ? 4.843   -9.566  10.321  1.00 28.97  ? 22  TRP B CB  1 
ATOM   397 C CG  . TRP B 1 23 ? 3.830   -10.534 9.814   1.00 29.93  ? 22  TRP B CG  1 
ATOM   398 C CD1 . TRP B 1 23 ? 3.431   -10.707 8.514   1.00 34.10  ? 22  TRP B CD1 1 
ATOM   399 C CD2 . TRP B 1 23 ? 3.063   -11.457 10.598  1.00 38.29  ? 22  TRP B CD2 1 
ATOM   400 N NE1 . TRP B 1 23 ? 2.465   -11.685 8.447   1.00 46.03  ? 22  TRP B NE1 1 
ATOM   401 C CE2 . TRP B 1 23 ? 2.222   -12.160 9.711   1.00 40.70  ? 22  TRP B CE2 1 
ATOM   402 C CE3 . TRP B 1 23 ? 3.004   -11.756 11.965  1.00 34.48  ? 22  TRP B CE3 1 
ATOM   403 C CZ2 . TRP B 1 23 ? 1.338   -13.149 10.145  1.00 40.21  ? 22  TRP B CZ2 1 
ATOM   404 C CZ3 . TRP B 1 23 ? 2.127   -12.740 12.393  1.00 36.79  ? 22  TRP B CZ3 1 
ATOM   405 C CH2 . TRP B 1 23 ? 1.302   -13.420 11.486  1.00 39.10  ? 22  TRP B CH2 1 
ATOM   406 N N   . LYS B 1 24 ? 5.979   -6.828  11.614  1.00 26.61  ? 23  LYS B N   1 
ATOM   407 C CA  . LYS B 1 24 ? 6.884   -6.176  12.552  1.00 26.82  ? 23  LYS B CA  1 
ATOM   408 C C   . LYS B 1 24 ? 6.094   -5.442  13.627  1.00 29.94  ? 23  LYS B C   1 
ATOM   409 O O   . LYS B 1 24 ? 6.465   -5.449  14.808  1.00 28.23  ? 23  LYS B O   1 
ATOM   410 C CB  . LYS B 1 24 ? 7.833   -5.223  11.807  1.00 30.08  ? 23  LYS B CB  1 
ATOM   411 C CG  . LYS B 1 24 ? 8.779   -4.481  12.741  1.00 46.92  ? 23  LYS B CG  1 
ATOM   412 C CD  . LYS B 1 24 ? 9.796   -5.407  13.413  1.00 69.63  ? 23  LYS B CD  1 
ATOM   413 C CE  . LYS B 1 24 ? 11.049  -4.650  13.859  1.00 77.35  ? 23  LYS B CE  1 
ATOM   414 N NZ  . LYS B 1 24 ? 12.129  -5.569  14.300  1.00 74.24  ? 23  LYS B NZ  1 
ATOM   415 N N   . LEU B 1 25 ? 4.995   -4.794  13.231  1.00 29.51  ? 24  LEU B N   1 
ATOM   416 C CA  . LEU B 1 25 ? 4.131   -4.122  14.193  1.00 32.58  ? 24  LEU B CA  1 
ATOM   417 C C   . LEU B 1 25 ? 3.533   -5.112  15.194  1.00 26.68  ? 24  LEU B C   1 
ATOM   418 O O   . LEU B 1 25 ? 3.462   -4.823  16.397  1.00 33.25  ? 24  LEU B O   1 
ATOM   419 C CB  . LEU B 1 25 ? 3.029   -3.370  13.438  1.00 26.03  ? 24  LEU B CB  1 
ATOM   420 C CG  . LEU B 1 25 ? 2.231   -2.383  14.279  1.00 32.09  ? 24  LEU B CG  1 
ATOM   421 C CD1 . LEU B 1 25 ? 3.137   -1.497  15.132  1.00 31.30  ? 24  LEU B CD1 1 
ATOM   422 C CD2 . LEU B 1 25 ? 1.371   -1.557  13.330  1.00 31.97  ? 24  LEU B CD2 1 
ATOM   423 N N   . LYS B 1 26 ? 3.101   -6.286  14.722  1.00 28.69  ? 25  LYS B N   1 
ATOM   424 C CA  . LYS B 1 26 ? 2.578   -7.300  15.639  1.00 27.94  ? 25  LYS B CA  1 
ATOM   425 C C   . LYS B 1 26 ? 3.638   -7.752  16.634  1.00 35.65  ? 25  LYS B C   1 
ATOM   426 O O   . LYS B 1 26 ? 3.337   -7.985  17.813  1.00 33.74  ? 25  LYS B O   1 
ATOM   427 C CB  . LYS B 1 26 ? 2.048   -8.503  14.863  1.00 28.85  ? 25  LYS B CB  1 
ATOM   428 C CG  . LYS B 1 26 ? 0.819   -8.215  14.010  1.00 35.72  ? 25  LYS B CG  1 
ATOM   429 C CD  . LYS B 1 26 ? 0.459   -9.450  13.196  1.00 37.03  ? 25  LYS B CD  1 
ATOM   430 C CE  . LYS B 1 26 ? -0.807  -9.245  12.375  1.00 40.92  ? 25  LYS B CE  1 
ATOM   431 N NZ  . LYS B 1 26 ? -1.018  -10.442 11.525  1.00 38.05  ? 25  LYS B NZ  1 
ATOM   432 N N   . ALA B 1 27 ? 4.881   -7.893  16.173  1.00 31.82  ? 26  ALA B N   1 
ATOM   433 C CA  . ALA B 1 27 ? 5.965   -8.294  17.066  1.00 30.19  ? 26  ALA B CA  1 
ATOM   434 C C   . ALA B 1 27 ? 6.209   -7.232  18.130  1.00 32.42  ? 26  ALA B C   1 
ATOM   435 O O   . ALA B 1 27 ? 6.333   -7.549  19.321  1.00 35.99  ? 26  ALA B O   1 
ATOM   436 C CB  . ALA B 1 27 ? 7.238   -8.552  16.258  1.00 33.01  ? 26  ALA B CB  1 
ATOM   437 N N   . LEU B 1 28 ? 6.270   -5.959  17.716  1.00 35.13  ? 27  LEU B N   1 
ATOM   438 C CA  . LEU B 1 28 ? 6.449   -4.863  18.666  1.00 33.01  ? 27  LEU B CA  1 
ATOM   439 C C   . LEU B 1 28 ? 5.294   -4.790  19.660  1.00 46.95  ? 27  LEU B C   1 
ATOM   440 O O   . LEU B 1 28 ? 5.509   -4.552  20.856  1.00 40.98  ? 27  LEU B O   1 
ATOM   441 C CB  . LEU B 1 28 ? 6.596   -3.538  17.914  1.00 30.78  ? 27  LEU B CB  1 
ATOM   442 C CG  . LEU B 1 28 ? 7.849   -3.443  17.041  1.00 35.20  ? 27  LEU B CG  1 
ATOM   443 C CD1 . LEU B 1 28 ? 7.886   -2.163  16.240  1.00 36.26  ? 27  LEU B CD1 1 
ATOM   444 C CD2 . LEU B 1 28 ? 9.123   -3.593  17.876  1.00 47.82  ? 27  LEU B CD2 1 
ATOM   445 N N   . ALA B 1 29 ? 4.060   -5.001  19.186  1.00 41.73  ? 28  ALA B N   1 
ATOM   446 C CA  . ALA B 1 29 ? 2.903   -4.940  20.076  1.00 44.09  ? 28  ALA B CA  1 
ATOM   447 C C   . ALA B 1 29 ? 3.006   -5.960  21.201  1.00 51.44  ? 28  ALA B C   1 
ATOM   448 O O   . ALA B 1 29 ? 2.516   -5.715  22.309  1.00 59.66  ? 28  ALA B O   1 
ATOM   449 C CB  . ALA B 1 29 ? 1.616   -5.163  19.285  1.00 44.62  ? 28  ALA B CB  1 
ATOM   450 N N   . GLN B 1 30 ? 3.642   -7.098  20.941  1.00 50.78  ? 29  GLN B N   1 
ATOM   451 C CA  . GLN B 1 30 ? 3.803   -8.145  21.943  1.00 52.98  ? 29  GLN B CA  1 
ATOM   452 C C   . GLN B 1 30 ? 5.152   -8.101  22.649  1.00 66.99  ? 29  GLN B C   1 
ATOM   453 O O   . GLN B 1 30 ? 5.246   -8.523  23.808  1.00 76.04  ? 29  GLN B O   1 
ATOM   454 C CB  . GLN B 1 30 ? 3.611   -9.512  21.286  1.00 45.20  ? 29  GLN B CB  1 
ATOM   455 C CG  . GLN B 1 30 ? 3.836   -10.708 22.186  1.00 40.60  ? 29  GLN B CG  1 
ATOM   456 C CD  . GLN B 1 30 ? 3.348   -11.962 21.529  1.00 42.72  ? 29  GLN B CD  1 
ATOM   457 O OE1 . GLN B 1 30 ? 3.565   -12.164 20.335  1.00 43.41  ? 29  GLN B OE1 1 
ATOM   458 N NE2 . GLN B 1 30 ? 2.671   -12.818 22.293  1.00 46.46  ? 29  GLN B NE2 1 
ATOM   459 N N   . GLY B 1 31 ? 6.191   -7.590  21.993  1.00 67.14  ? 30  GLY B N   1 
ATOM   460 C CA  . GLY B 1 31 ? 7.528   -7.582  22.562  1.00 76.78  ? 30  GLY B CA  1 
ATOM   461 C C   . GLY B 1 31 ? 7.690   -6.661  23.756  1.00 80.87  ? 30  GLY B C   1 
ATOM   462 O O   . GLY B 1 31 ? 7.251   -5.513  23.727  1.00 83.93  ? 30  GLY B O   1 
HETATM 463 C C   . ACE C 1 1  ? -1.913  -3.595  21.338  1.00 63.38  ? 0   ACE C C   1 
HETATM 464 O O   . ACE C 1 1  ? -1.843  -4.186  20.259  1.00 54.54  ? 0   ACE C O   1 
HETATM 465 C CH3 . ACE C 1 1  ? -0.685  -3.140  22.074  1.00 63.97  ? 0   ACE C CH3 1 
ATOM   466 N N   . GLY C 1 2  ? -3.076  -3.327  21.937  1.00 68.78  ? 1   GLY C N   1 
ATOM   467 C CA  . GLY C 1 2  ? -4.356  -3.687  21.350  1.00 54.57  ? 1   GLY C CA  1 
ATOM   468 C C   . GLY C 1 2  ? -4.625  -2.808  20.143  1.00 49.13  ? 1   GLY C C   1 
ATOM   469 O O   . GLY C 1 2  ? -5.085  -3.285  19.102  1.00 43.09  ? 1   GLY C O   1 
ATOM   470 N N   . GLU C 1 3  ? -4.317  -1.513  20.291  1.00 42.12  ? 2   GLU C N   1 
ATOM   471 C CA  . GLU C 1 3  ? -4.411  -0.585  19.167  1.00 42.25  ? 2   GLU C CA  1 
ATOM   472 C C   . GLU C 1 3  ? -3.328  -0.856  18.129  1.00 42.44  ? 2   GLU C C   1 
ATOM   473 O O   . GLU C 1 3  ? -3.570  -0.721  16.925  1.00 39.89  ? 2   GLU C O   1 
ATOM   474 C CB  . GLU C 1 3  ? -4.306  0.856   19.653  1.00 50.37  ? 2   GLU C CB  1 
ATOM   475 C CG  . GLU C 1 3  ? -5.624  1.507   19.999  1.00 70.32  ? 2   GLU C CG  1 
ATOM   476 C CD  . GLU C 1 3  ? -5.428  2.885   20.593  1.00 90.52  ? 2   GLU C CD  1 
ATOM   477 O OE1 . GLU C 1 3  ? -4.506  3.040   21.423  1.00 100.00 ? 2   GLU C OE1 1 
ATOM   478 O OE2 . GLU C 1 3  ? -6.183  3.811   20.225  1.00 94.75  ? 2   GLU C OE2 1 
ATOM   479 N N   . LEU C 1 4  ? -2.121  -1.223  18.577  1.00 35.33  ? 3   LEU C N   1 
ATOM   480 C CA  . LEU C 1 4  ? -1.074  -1.584  17.627  1.00 36.41  ? 3   LEU C CA  1 
ATOM   481 C C   . LEU C 1 4  ? -1.476  -2.806  16.812  1.00 36.62  ? 3   LEU C C   1 
ATOM   482 O O   . LEU C 1 4  ? -1.282  -2.847  15.592  1.00 28.78  ? 3   LEU C O   1 
ATOM   483 C CB  . LEU C 1 4  ? 0.235   -1.838  18.373  1.00 36.98  ? 3   LEU C CB  1 
ATOM   484 C CG  . LEU C 1 4  ? 0.827   -0.611  19.058  1.00 40.17  ? 3   LEU C CG  1 
ATOM   485 C CD1 . LEU C 1 4  ? 2.180   -0.946  19.633  1.00 38.82  ? 3   LEU C CD1 1 
ATOM   486 C CD2 . LEU C 1 4  ? 0.937   0.534   18.067  1.00 41.31  ? 3   LEU C CD2 1 
ATOM   487 N N   . GLU C 1 5  ? -2.030  -3.820  17.473  1.00 34.55  ? 4   GLU C N   1 
ATOM   488 C CA  . GLU C 1 5  ? -2.464  -5.008  16.747  1.00 33.80  ? 4   GLU C CA  1 
ATOM   489 C C   . GLU C 1 5  ? -3.600  -4.680  15.785  1.00 33.26  ? 4   GLU C C   1 
ATOM   490 O O   . GLU C 1 5  ? -3.651  -5.205  14.668  1.00 31.86  ? 4   GLU C O   1 
ATOM   491 C CB  . GLU C 1 5  ? -2.882  -6.100  17.737  1.00 39.64  ? 4   GLU C CB  1 
ATOM   492 C CG  . GLU C 1 5  ? -1.919  -7.279  17.812  1.00 54.06  ? 4   GLU C CG  1 
ATOM   493 C CD  . GLU C 1 5  ? -2.099  -8.279  16.668  1.00 76.04  ? 4   GLU C CD  1 
ATOM   494 O OE1 . GLU C 1 5  ? -1.697  -9.451  16.834  1.00 84.37  ? 4   GLU C OE1 1 
ATOM   495 O OE2 . GLU C 1 5  ? -2.636  -7.902  15.600  1.00 85.01  ? 4   GLU C OE2 1 
ATOM   496 N N   . ALA C 1 6  ? -4.520  -3.805  16.194  1.00 32.00  ? 5   ALA C N   1 
ATOM   497 C CA  . ALA C 1 6  ? -5.601  -3.408  15.296  1.00 34.65  ? 5   ALA C CA  1 
ATOM   498 C C   . ALA C 1 6  ? -5.058  -2.675  14.077  1.00 40.34  ? 5   ALA C C   1 
ATOM   499 O O   . ALA C 1 6  ? -5.520  -2.897  12.951  1.00 35.38  ? 5   ALA C O   1 
ATOM   500 C CB  . ALA C 1 6  ? -6.614  -2.529  16.029  1.00 35.96  ? 5   ALA C CB  1 
ATOM   501 N N   . LEU C 1 7  ? -4.076  -1.798  14.280  1.00 30.44  ? 6   LEU C N   1 
ATOM   502 C CA  . LEU C 1 7  ? -3.475  -1.098  13.152  1.00 28.49  ? 6   LEU C CA  1 
ATOM   503 C C   . LEU C 1 7  ? -2.801  -2.077  12.202  1.00 26.98  ? 6   LEU C C   1 
ATOM   504 O O   . LEU C 1 7  ? -2.921  -1.953  10.977  1.00 29.06  ? 6   LEU C O   1 
ATOM   505 C CB  . LEU C 1 7  ? -2.476  -0.066  13.665  1.00 39.27  ? 6   LEU C CB  1 
ATOM   506 C CG  . LEU C 1 7  ? -2.136  1.119   12.775  1.00 37.64  ? 6   LEU C CG  1 
ATOM   507 C CD1 . LEU C 1 7  ? -1.401  2.145   13.611  1.00 42.31  ? 6   LEU C CD1 1 
ATOM   508 C CD2 . LEU C 1 7  ? -1.286  0.720   11.590  1.00 41.54  ? 6   LEU C CD2 1 
ATOM   509 N N   . ALA C 1 8  ? -2.095  -3.070  12.752  1.00 30.47  ? 7   ALA C N   1 
ATOM   510 C CA  . ALA C 1 8  ? -1.441  -4.067  11.913  1.00 28.92  ? 7   ALA C CA  1 
ATOM   511 C C   . ALA C 1 8  ? -2.449  -4.795  11.040  1.00 32.57  ? 7   ALA C C   1 
ATOM   512 O O   . ALA C 1 8  ? -2.193  -5.046  9.853   1.00 29.65  ? 7   ALA C O   1 
ATOM   513 C CB  . ALA C 1 8  ? -0.668  -5.063  12.787  1.00 30.80  ? 7   ALA C CB  1 
ATOM   514 N N   . GLN C 1 9  ? -3.598  -5.167  11.615  1.00 32.11  ? 8   GLN C N   1 
ATOM   515 C CA  . GLN C 1 9  ? -4.637  -5.814  10.821  1.00 35.25  ? 8   GLN C CA  1 
ATOM   516 C C   . GLN C 1 9  ? -5.139  -4.897  9.710   1.00 31.37  ? 8   GLN C C   1 
ATOM   517 O O   . GLN C 1 9  ? -5.451  -5.368  8.609   1.00 29.25  ? 8   GLN C O   1 
ATOM   518 C CB  . GLN C 1 9  ? -5.789  -6.258  11.731  1.00 37.25  ? 8   GLN C CB  1 
ATOM   519 C CG  . GLN C 1 9  ? -5.387  -7.405  12.682  1.00 49.53  ? 8   GLN C CG  1 
ATOM   520 C CD  . GLN C 1 9  ? -6.414  -7.687  13.787  1.00 66.90  ? 8   GLN C CD  1 
ATOM   521 O OE1 . GLN C 1 9  ? -7.463  -7.044  13.868  1.00 71.09  ? 8   GLN C OE1 1 
ATOM   522 N NE2 . GLN C 1 9  ? -6.104  -8.661  14.641  1.00 65.51  ? 8   GLN C NE2 1 
ATOM   523 N N   . GLU C 1 10 ? -5.210  -3.587  9.967   1.00 32.92  ? 9   GLU C N   1 
ATOM   524 C CA  . GLU C 1 10 ? -5.561  -2.656  8.899   1.00 30.08  ? 9   GLU C CA  1 
ATOM   525 C C   . GLU C 1 10 ? -4.505  -2.674  7.797   1.00 31.03  ? 9   GLU C C   1 
ATOM   526 O O   . GLU C 1 10 ? -4.836  -2.638  6.603   1.00 26.03  ? 9   GLU C O   1 
ATOM   527 C CB  . GLU C 1 10 ? -5.727  -1.237  9.449   1.00 36.59  ? 9   GLU C CB  1 
ATOM   528 C CG  . GLU C 1 10 ? -7.005  -0.999  10.257  1.00 36.16  ? 9   GLU C CG  1 
ATOM   529 C CD  . GLU C 1 10 ? -7.247  0.478   10.538  1.00 52.61  ? 9   GLU C CD  1 
ATOM   530 O OE1 . GLU C 1 10 ? -7.912  1.145   9.713   1.00 55.53  ? 9   GLU C OE1 1 
ATOM   531 O OE2 . GLU C 1 10 ? -6.764  0.974   11.580  1.00 58.16  ? 9   GLU C OE2 1 
ATOM   532 N N   . LEU C 1 11 ? -3.225  -2.732  8.174   1.00 27.51  ? 10  LEU C N   1 
ATOM   533 C CA  . LEU C 1 11 ? -2.179  -2.777  7.159   1.00 25.27  ? 10  LEU C CA  1 
ATOM   534 C C   . LEU C 1 11 ? -2.293  -4.043  6.321   1.00 26.10  ? 10  LEU C C   1 
ATOM   535 O O   . LEU C 1 11 ? -2.079  -4.012  5.106   1.00 28.32  ? 10  LEU C O   1 
ATOM   536 C CB  . LEU C 1 11 ? -0.795  -2.682  7.808   1.00 27.64  ? 10  LEU C CB  1 
ATOM   537 C CG  . LEU C 1 11 ? -0.531  -1.399  8.603   1.00 30.30  ? 10  LEU C CG  1 
ATOM   538 C CD1 . LEU C 1 11 ? 0.807   -1.496  9.355   1.00 30.02  ? 10  LEU C CD1 1 
ATOM   539 C CD2 . LEU C 1 11 ? -0.555  -0.180  7.718   1.00 34.02  ? 10  LEU C CD2 1 
ATOM   540 N N   . GLU C 1 12 ? -2.645  -5.169  6.955   1.00 29.40  ? 11  GLU C N   1 
ATOM   541 C CA  . GLU C 1 12 ? -2.819  -6.420  6.218   1.00 27.78  ? 11  GLU C CA  1 
ATOM   542 C C   . GLU C 1 12 ? -3.995  -6.339  5.254   1.00 33.60  ? 11  GLU C C   1 
ATOM   543 O O   . GLU C 1 12 ? -3.890  -6.781  4.104   1.00 34.94  ? 11  GLU C O   1 
ATOM   544 C CB  . GLU C 1 12 ? -3.030  -7.581  7.190   1.00 31.68  ? 11  GLU C CB  1 
ATOM   545 C CG  . GLU C 1 12 ? -1.854  -7.880  8.083   1.00 39.77  ? 11  GLU C CG  1 
ATOM   546 C CD  . GLU C 1 12 ? -2.103  -9.102  8.936   1.00 65.09  ? 11  GLU C CD  1 
ATOM   547 O OE1 . GLU C 1 12 ? -3.120  -9.129  9.671   1.00 69.34  ? 11  GLU C OE1 1 
ATOM   548 O OE2 . GLU C 1 12 ? -1.285  -10.046 8.859   1.00 76.81  ? 11  GLU C OE2 1 
ATOM   549 N N   . ALA C 1 13 ? -5.131  -5.811  5.720   1.00 30.95  ? 12  ALA C N   1 
ATOM   550 C CA  . ALA C 1 13 ? -6.278  -5.590  4.842   1.00 35.16  ? 12  ALA C CA  1 
ATOM   551 C C   . ALA C 1 13 ? -5.901  -4.743  3.629   1.00 37.15  ? 12  ALA C C   1 
ATOM   552 O O   . ALA C 1 13 ? -6.322  -5.036  2.502   1.00 28.93  ? 12  ALA C O   1 
ATOM   553 C CB  . ALA C 1 13 ? -7.414  -4.922  5.620   1.00 35.80  ? 12  ALA C CB  1 
ATOM   554 N N   . LEU C 1 14 ? -5.125  -3.677  3.838   1.00 30.68  ? 13  LEU C N   1 
ATOM   555 C CA  . LEU C 1 14 ? -4.721  -2.829  2.722   1.00 23.67  ? 13  LEU C CA  1 
ATOM   556 C C   . LEU C 1 14 ? -3.800  -3.577  1.766   1.00 31.00  ? 13  LEU C C   1 
ATOM   557 O O   . LEU C 1 14 ? -3.957  -3.482  0.543   1.00 28.46  ? 13  LEU C O   1 
ATOM   558 C CB  . LEU C 1 14 ? -4.058  -1.558  3.256   1.00 27.97  ? 13  LEU C CB  1 
ATOM   559 C CG  . LEU C 1 14 ? -3.970  -0.347  2.325   1.00 36.04  ? 13  LEU C CG  1 
ATOM   560 C CD1 . LEU C 1 14 ? -3.908  0.923   3.150   1.00 38.96  ? 13  LEU C CD1 1 
ATOM   561 C CD2 . LEU C 1 14 ? -2.758  -0.427  1.407   1.00 33.75  ? 13  LEU C CD2 1 
ATOM   562 N N   . ALA C 1 15 ? -2.843  -4.344  2.301   1.00 26.52  ? 14  ALA C N   1 
ATOM   563 C CA  . ALA C 1 15 ? -1.966  -5.129  1.439   1.00 25.79  ? 14  ALA C CA  1 
ATOM   564 C C   . ALA C 1 15 ? -2.763  -6.122  0.606   1.00 32.87  ? 14  ALA C C   1 
ATOM   565 O O   . ALA C 1 15 ? -2.433  -6.376  -0.561  1.00 24.98  ? 14  ALA C O   1 
ATOM   566 C CB  . ALA C 1 15 ? -0.922  -5.865  2.281   1.00 28.01  ? 14  ALA C CB  1 
ATOM   567 N N   . LYS C 1 16 ? -3.815  -6.699  1.189   1.00 35.53  ? 15  LYS C N   1 
ATOM   568 C CA  . LYS C 1 16 ? -4.655  -7.628  0.435   1.00 33.55  ? 15  LYS C CA  1 
ATOM   569 C C   . LYS C 1 16 ? -5.321  -6.938  -0.752  1.00 34.33  ? 15  LYS C C   1 
ATOM   570 O O   . LYS C 1 16 ? -5.389  -7.500  -1.854  1.00 30.50  ? 15  LYS C O   1 
ATOM   571 C CB  . LYS C 1 16 ? -5.697  -8.250  1.369   1.00 32.13  ? 15  LYS C CB  1 
ATOM   572 C CG  . LYS C 1 16 ? -6.658  -9.224  0.684   1.00 39.43  ? 15  LYS C CG  1 
ATOM   573 C CD  . LYS C 1 16 ? -7.610  -9.844  1.692   1.00 36.36  ? 15  LYS C CD  1 
ATOM   574 C CE  . LYS C 1 16 ? -8.591  -10.774 1.000   1.00 51.18  ? 15  LYS C CE  1 
ATOM   575 N NZ  . LYS C 1 16 ? -9.555  -11.376 1.952   1.00 47.41  ? 15  LYS C NZ  1 
ATOM   576 N N   . LYS C 1 17 ? -5.815  -5.717  -0.547  1.00 30.22  ? 16  LYS C N   1 
ATOM   577 C CA  . LYS C 1 17 ? -6.420  -4.968  -1.638  1.00 27.27  ? 16  LYS C CA  1 
ATOM   578 C C   . LYS C 1 17 ? -5.398  -4.611  -2.713  1.00 27.17  ? 16  LYS C C   1 
ATOM   579 O O   . LYS C 1 17 ? -5.729  -4.588  -3.906  1.00 28.38  ? 16  LYS C O   1 
ATOM   580 C CB  . LYS C 1 17 ? -7.077  -3.706  -1.098  1.00 33.29  ? 16  LYS C CB  1 
ATOM   581 C CG  . LYS C 1 17 ? -8.321  -3.976  -0.275  1.00 30.70  ? 16  LYS C CG  1 
ATOM   582 C CD  . LYS C 1 17 ? -8.953  -2.676  0.156   1.00 34.47  ? 16  LYS C CD  1 
ATOM   583 C CE  . LYS C 1 17 ? -10.228 -2.902  0.946   1.00 53.42  ? 16  LYS C CE  1 
ATOM   584 N NZ  . LYS C 1 17 ? -10.944 -1.607  1.104   1.00 59.46  ? 16  LYS C NZ  1 
ATOM   585 N N   . LEU C 1 18 ? -4.158  -4.310  -2.318  1.00 24.53  ? 17  LEU C N   1 
ATOM   586 C CA  . LEU C 1 18 ? -3.140  -3.985  -3.316  1.00 23.57  ? 17  LEU C CA  1 
ATOM   587 C C   . LEU C 1 18 ? -2.833  -5.191  -4.183  1.00 24.30  ? 17  LEU C C   1 
ATOM   588 O O   . LEU C 1 18 ? -2.666  -5.070  -5.402  1.00 28.98  ? 17  LEU C O   1 
ATOM   589 C CB  . LEU C 1 18 ? -1.852  -3.521  -2.637  1.00 26.73  ? 17  LEU C CB  1 
ATOM   590 C CG  . LEU C 1 18 ? -1.843  -2.245  -1.797  1.00 27.56  ? 17  LEU C CG  1 
ATOM   591 C CD1 . LEU C 1 18 ? -0.456  -2.082  -1.162  1.00 26.67  ? 17  LEU C CD1 1 
ATOM   592 C CD2 . LEU C 1 18 ? -2.204  -1.019  -2.631  1.00 24.93  ? 17  LEU C CD2 1 
ATOM   593 N N   . LYS C 1 19 ? -2.693  -6.353  -3.554  1.00 26.16  ? 18  LYS C N   1 
ATOM   594 C CA  . LYS C 1 19 ? -2.452  -7.578  -4.303  1.00 27.08  ? 18  LYS C CA  1 
ATOM   595 C C   . LYS C 1 19 ? -3.598  -7.848  -5.271  1.00 34.29  ? 18  LYS C C   1 
ATOM   596 O O   . LYS C 1 19 ? -3.373  -8.210  -6.431  1.00 28.27  ? 18  LYS C O   1 
ATOM   597 C CB  . LYS C 1 19 ? -2.271  -8.742  -3.324  1.00 29.22  ? 18  LYS C CB  1 
ATOM   598 C CG  . LYS C 1 19 ? -1.918  -10.069 -3.988  1.00 35.41  ? 18  LYS C CG  1 
ATOM   599 C CD  . LYS C 1 19 ? -1.882  -11.186 -2.961  1.00 46.90  ? 18  LYS C CD  1 
ATOM   600 C CE  . LYS C 1 19 ? -1.415  -12.486 -3.585  1.00 59.15  ? 18  LYS C CE  1 
ATOM   601 N NZ  . LYS C 1 19 ? -1.277  -13.553 -2.557  1.00 73.21  ? 18  LYS C NZ  1 
ATOM   602 N N   . ALA C 1 20 ? -4.835  -7.647  -4.815  1.00 30.95  ? 19  ALA C N   1 
ATOM   603 C CA  . ALA C 1 20 ? -5.993  -7.888  -5.671  1.00 31.57  ? 19  ALA C CA  1 
ATOM   604 C C   . ALA C 1 20 ? -6.014  -6.916  -6.841  1.00 29.70  ? 19  ALA C C   1 
ATOM   605 O O   . ALA C 1 20 ? -6.379  -7.284  -7.965  1.00 28.87  ? 19  ALA C O   1 
ATOM   606 C CB  . ALA C 1 20 ? -7.275  -7.777  -4.851  1.00 34.39  ? 19  ALA C CB  1 
ATOM   607 N N   . LEU C 1 21 ? -5.604  -5.672  -6.597  1.00 29.76  ? 20  LEU C N   1 
ATOM   608 C CA  . LEU C 1 21 ? -5.522  -4.688  -7.667  1.00 23.96  ? 20  LEU C CA  1 
ATOM   609 C C   . LEU C 1 21 ? -4.422  -5.042  -8.663  1.00 27.56  ? 20  LEU C C   1 
ATOM   610 O O   . LEU C 1 21 ? -4.614  -4.921  -9.885  1.00 27.68  ? 20  LEU C O   1 
ATOM   611 C CB  . LEU C 1 21 ? -5.302  -3.295  -7.058  1.00 33.69  ? 20  LEU C CB  1 
ATOM   612 C CG  . LEU C 1 21 ? -5.617  -2.049  -7.885  1.00 37.05  ? 20  LEU C CG  1 
ATOM   613 C CD1 . LEU C 1 21 ? -5.855  -0.865  -6.960  1.00 35.33  ? 20  LEU C CD1 1 
ATOM   614 C CD2 . LEU C 1 21 ? -4.475  -1.744  -8.837  1.00 31.79  ? 20  LEU C CD2 1 
ATOM   615 N N   . ALA C 1 22 ? -3.259  -5.475  -8.170  1.00 27.36  ? 21  ALA C N   1 
ATOM   616 C CA  . ALA C 1 22 ? -2.188  -5.878  -9.080  1.00 26.21  ? 21  ALA C CA  1 
ATOM   617 C C   . ALA C 1 22 ? -2.622  -7.036  -9.969  1.00 30.39  ? 21  ALA C C   1 
ATOM   618 O O   . ALA C 1 22 ? -2.267  -7.081  -11.153 1.00 28.06  ? 21  ALA C O   1 
ATOM   619 C CB  . ALA C 1 22 ? -0.939  -6.272  -8.291  1.00 26.64  ? 21  ALA C CB  1 
ATOM   620 N N   . TRP C 1 23 ? -3.364  -8.002  -9.411  1.00 25.79  ? 22  TRP C N   1 
ATOM   621 C CA  . TRP C 1 23 ? -3.875  -9.093  -10.241 1.00 32.07  ? 22  TRP C CA  1 
ATOM   622 C C   . TRP C 1 23 ? -4.728  -8.549  -11.379 1.00 28.13  ? 22  TRP C C   1 
ATOM   623 O O   . TRP C 1 23 ? -4.628  -9.015  -12.524 1.00 28.70  ? 22  TRP C O   1 
ATOM   624 C CB  . TRP C 1 23 ? -4.689  -10.082 -9.392  1.00 35.66  ? 22  TRP C CB  1 
ATOM   625 C CG  . TRP C 1 23 ? -5.241  -11.258 -10.180 1.00 34.94  ? 22  TRP C CG  1 
ATOM   626 C CD1 . TRP C 1 23 ? -4.703  -12.508 -10.256 1.00 41.85  ? 22  TRP C CD1 1 
ATOM   627 C CD2 . TRP C 1 23 ? -6.438  -11.285 -10.990 1.00 33.72  ? 22  TRP C CD2 1 
ATOM   628 N NE1 . TRP C 1 23 ? -5.481  -13.309 -11.064 1.00 38.32  ? 22  TRP C NE1 1 
ATOM   629 C CE2 . TRP C 1 23 ? -6.547  -12.584 -11.523 1.00 40.05  ? 22  TRP C CE2 1 
ATOM   630 C CE3 . TRP C 1 23 ? -7.424  -10.339 -11.308 1.00 28.79  ? 22  TRP C CE3 1 
ATOM   631 C CZ2 . TRP C 1 23 ? -7.599  -12.956 -12.364 1.00 40.71  ? 22  TRP C CZ2 1 
ATOM   632 C CZ3 . TRP C 1 23 ? -8.464  -10.715 -12.147 1.00 32.55  ? 22  TRP C CZ3 1 
ATOM   633 C CH2 . TRP C 1 23 ? -8.542  -12.009 -12.662 1.00 32.38  ? 22  TRP C CH2 1 
ATOM   634 N N   . LYS C 1 24 ? -5.563  -7.544  -11.091 1.00 25.14  ? 23  LYS C N   1 
ATOM   635 C CA  . LYS C 1 24 ? -6.421  -6.991  -12.130 1.00 24.84  ? 23  LYS C CA  1 
ATOM   636 C C   . LYS C 1 24 ? -5.597  -6.296  -13.205 1.00 30.42  ? 23  LYS C C   1 
ATOM   637 O O   . LYS C 1 24 ? -5.928  -6.365  -14.393 1.00 26.16  ? 23  LYS C O   1 
ATOM   638 C CB  . LYS C 1 24 ? -7.437  -6.027  -11.518 1.00 28.30  ? 23  LYS C CB  1 
ATOM   639 C CG  . LYS C 1 24 ? -8.460  -6.724  -10.602 1.00 29.40  ? 23  LYS C CG  1 
ATOM   640 C CD  . LYS C 1 24 ? -9.238  -5.701  -9.802  1.00 33.20  ? 23  LYS C CD  1 
ATOM   641 C CE  . LYS C 1 24 ? -10.347 -6.363  -8.977  1.00 31.65  ? 23  LYS C CE  1 
ATOM   642 N NZ  . LYS C 1 24 ? -11.132 -5.286  -8.295  1.00 36.08  ? 23  LYS C NZ  1 
ATOM   643 N N   . LEU C 1 25 ? -4.519  -5.623  -12.811 1.00 27.61  ? 24  LEU C N   1 
ATOM   644 C CA  . LEU C 1 25 ? -3.666  -4.976  -13.799 1.00 30.18  ? 24  LEU C CA  1 
ATOM   645 C C   . LEU C 1 25 ? -3.047  -6.002  -14.734 1.00 30.89  ? 24  LEU C C   1 
ATOM   646 O O   . LEU C 1 25 ? -2.989  -5.790  -15.951 1.00 33.54  ? 24  LEU C O   1 
ATOM   647 C CB  . LEU C 1 25 ? -2.572  -4.171  -13.102 1.00 27.63  ? 24  LEU C CB  1 
ATOM   648 C CG  . LEU C 1 25 ? -2.989  -2.927  -12.308 1.00 33.50  ? 24  LEU C CG  1 
ATOM   649 C CD1 . LEU C 1 25 ? -1.726  -2.269  -11.719 1.00 30.72  ? 24  LEU C CD1 1 
ATOM   650 C CD2 . LEU C 1 25 ? -3.752  -1.942  -13.184 1.00 29.72  ? 24  LEU C CD2 1 
ATOM   651 N N   . LYS C 1 26 ? -2.575  -7.120  -14.175 1.00 30.98  ? 25  LYS C N   1 
ATOM   652 C CA  . LYS C 1 26 ? -2.004  -8.185  -14.995 1.00 34.14  ? 25  LYS C CA  1 
ATOM   653 C C   . LYS C 1 26 ? -3.045  -8.769  -15.942 1.00 33.98  ? 25  LYS C C   1 
ATOM   654 O O   . LYS C 1 26 ? -2.757  -8.995  -17.122 1.00 33.22  ? 25  LYS C O   1 
ATOM   655 C CB  . LYS C 1 26 ? -1.412  -9.278  -14.102 1.00 34.24  ? 25  LYS C CB  1 
ATOM   656 C CG  . LYS C 1 26 ? -0.095  -8.869  -13.443 1.00 35.47  ? 25  LYS C CG  1 
ATOM   657 C CD  . LYS C 1 26 ? 0.522   -10.002 -12.624 1.00 48.17  ? 25  LYS C CD  1 
ATOM   658 C CE  . LYS C 1 26 ? -0.477  -10.592 -11.641 1.00 60.71  ? 25  LYS C CE  1 
ATOM   659 N NZ  . LYS C 1 26 ? 0.128   -11.671 -10.804 1.00 69.76  ? 25  LYS C NZ  1 
ATOM   660 N N   . ALA C 1 27 ? -4.258  -9.031  -15.436 1.00 32.72  ? 26  ALA C N   1 
ATOM   661 C CA  . ALA C 1 27 ? -5.351  -9.517  -16.281 1.00 32.55  ? 26  ALA C CA  1 
ATOM   662 C C   . ALA C 1 27 ? -5.587  -8.600  -17.473 1.00 37.64  ? 26  ALA C C   1 
ATOM   663 O O   . ALA C 1 27 ? -5.731  -9.059  -18.616 1.00 36.82  ? 26  ALA C O   1 
ATOM   664 C CB  . ALA C 1 27 ? -6.636  -9.645  -15.460 1.00 33.05  ? 26  ALA C CB  1 
ATOM   665 N N   . LEU C 1 28 ? -5.648  -7.292  -17.223 1.00 30.72  ? 27  LEU C N   1 
ATOM   666 C CA  . LEU C 1 28 ? -5.876  -6.352  -18.311 1.00 32.16  ? 27  LEU C CA  1 
ATOM   667 C C   . LEU C 1 28 ? -4.696  -6.335  -19.280 1.00 46.63  ? 27  LEU C C   1 
ATOM   668 O O   . LEU C 1 28 ? -4.888  -6.312  -20.499 1.00 42.51  ? 27  LEU C O   1 
ATOM   669 C CB  . LEU C 1 28 ? -6.138  -4.959  -17.746 1.00 32.27  ? 27  LEU C CB  1 
ATOM   670 C CG  . LEU C 1 28 ? -7.452  -4.750  -16.979 1.00 36.60  ? 27  LEU C CG  1 
ATOM   671 C CD1 . LEU C 1 28 ? -7.549  -3.324  -16.444 1.00 34.76  ? 27  LEU C CD1 1 
ATOM   672 C CD2 . LEU C 1 28 ? -8.662  -5.057  -17.868 1.00 33.76  ? 27  LEU C CD2 1 
ATOM   673 N N   . ALA C 1 29 ? -3.469  -6.365  -18.761 1.00 38.16  ? 28  ALA C N   1 
ATOM   674 C CA  . ALA C 1 29 ? -2.303  -6.346  -19.641 1.00 41.40  ? 28  ALA C CA  1 
ATOM   675 C C   . ALA C 1 29 ? -2.261  -7.579  -20.538 1.00 43.14  ? 28  ALA C C   1 
ATOM   676 O O   . ALA C 1 29 ? -1.949  -7.478  -21.730 1.00 46.28  ? 28  ALA C O   1 
ATOM   677 C CB  . ALA C 1 29 ? -1.025  -6.247  -18.808 1.00 33.49  ? 28  ALA C CB  1 
ATOM   678 N N   . GLN C 1 30 ? -2.583  -8.747  -19.987 1.00 39.29  ? 29  GLN C N   1 
ATOM   679 C CA  . GLN C 1 30 ? -2.477  -9.994  -20.736 1.00 47.28  ? 29  GLN C CA  1 
ATOM   680 C C   . GLN C 1 30 ? -3.583  -10.130 -21.775 1.00 55.31  ? 29  GLN C C   1 
ATOM   681 O O   . GLN C 1 30 ? -3.328  -10.589 -22.895 1.00 51.20  ? 29  GLN C O   1 
ATOM   682 C CB  . GLN C 1 30 ? -2.505  -11.180 -19.773 1.00 55.67  ? 29  GLN C CB  1 
ATOM   683 C CG  . GLN C 1 30 ? -1.292  -11.251 -18.854 1.00 60.22  ? 29  GLN C CG  1 
ATOM   684 C CD  . GLN C 1 30 ? -1.419  -12.326 -17.782 1.00 74.72  ? 29  GLN C CD  1 
ATOM   685 O OE1 . GLN C 1 30 ? -2.493  -12.900 -17.583 1.00 85.58  ? 29  GLN C OE1 1 
ATOM   686 N NE2 . GLN C 1 30 ? -0.317  -12.600 -17.088 1.00 71.60  ? 29  GLN C NE2 1 
ATOM   687 N N   . GLY C 1 31 ? -4.806  -9.735  -21.430 1.00 51.50  ? 30  GLY C N   1 
ATOM   688 C CA  . GLY C 1 31 ? -5.943  -9.888  -22.320 1.00 49.02  ? 30  GLY C CA  1 
ATOM   689 C C   . GLY C 1 31 ? -6.125  -8.743  -23.295 1.00 55.89  ? 30  GLY C C   1 
ATOM   690 O O   . GLY C 1 31 ? -5.376  -7.766  -23.273 1.00 62.57  ? 30  GLY C O   1 
HETATM 691 N N   . NH2 C 1 32 ? -7.250  -8.908  -24.163 1.00 42.98  ? 31  NH2 C N   1 
HETATM 692 C C   . ACE D 1 1  ? 9.257   5.863   18.908  1.00 82.19  ? 0   ACE D C   1 
HETATM 693 O O   . ACE D 1 1  ? 8.760   4.740   19.005  1.00 74.98  ? 0   ACE D O   1 
HETATM 694 C CH3 . ACE D 1 1  ? 8.408   7.103   18.962  1.00 79.75  ? 0   ACE D CH3 1 
ATOM   695 N N   . GLY D 1 2  ? 10.571  6.067   18.756  1.00 83.70  ? 1   GLY D N   1 
ATOM   696 C CA  . GLY D 1 2  ? 11.561  5.003   18.690  1.00 67.40  ? 1   GLY D CA  1 
ATOM   697 C C   . GLY D 1 2  ? 11.323  4.016   17.564  1.00 57.81  ? 1   GLY D C   1 
ATOM   698 O O   . GLY D 1 2  ? 11.322  4.392   16.389  1.00 42.83  ? 1   GLY D O   1 
ATOM   699 N N   . GLU D 1 3  ? 11.119  2.746   17.935  1.00 46.55  ? 2   GLU D N   1 
ATOM   700 C CA  . GLU D 1 3  ? 10.833  1.712   16.942  1.00 44.54  ? 2   GLU D CA  1 
ATOM   701 C C   . GLU D 1 3  ? 9.528   1.988   16.208  1.00 39.91  ? 2   GLU D C   1 
ATOM   702 O O   . GLU D 1 3  ? 9.436   1.775   14.993  1.00 35.04  ? 2   GLU D O   1 
ATOM   703 C CB  . GLU D 1 3  ? 10.777  0.340   17.609  1.00 57.42  ? 2   GLU D CB  1 
ATOM   704 C CG  . GLU D 1 3  ? 11.976  0.004   18.462  1.00 68.25  ? 2   GLU D CG  1 
ATOM   705 C CD  . GLU D 1 3  ? 11.858  -1.368  19.097  1.00 87.44  ? 2   GLU D CD  1 
ATOM   706 O OE1 . GLU D 1 3  ? 12.151  -2.371  18.407  1.00 94.46  ? 2   GLU D OE1 1 
ATOM   707 O OE2 . GLU D 1 3  ? 11.470  -1.443  20.283  1.00 92.56  ? 2   GLU D OE2 1 
ATOM   708 N N   . LEU D 1 4  ? 8.500   2.452   16.923  1.00 41.04  ? 3   LEU D N   1 
ATOM   709 C CA  . LEU D 1 4  ? 7.230   2.733   16.263  1.00 46.27  ? 3   LEU D CA  1 
ATOM   710 C C   . LEU D 1 4  ? 7.346   3.918   15.311  1.00 49.63  ? 3   LEU D C   1 
ATOM   711 O O   . LEU D 1 4  ? 6.734   3.919   14.235  1.00 40.10  ? 3   LEU D O   1 
ATOM   712 C CB  . LEU D 1 4  ? 6.139   2.997   17.294  1.00 37.32  ? 3   LEU D CB  1 
ATOM   713 C CG  . LEU D 1 4  ? 5.761   1.816   18.178  1.00 38.98  ? 3   LEU D CG  1 
ATOM   714 C CD1 . LEU D 1 4  ? 4.715   2.257   19.181  1.00 45.86  ? 3   LEU D CD1 1 
ATOM   715 C CD2 . LEU D 1 4  ? 5.249   0.656   17.334  1.00 42.45  ? 3   LEU D CD2 1 
ATOM   716 N N   . GLU D 1 5  ? 8.109   4.946   15.690  1.00 41.06  ? 4   GLU D N   1 
ATOM   717 C CA  . GLU D 1 5  ? 8.273   6.073   14.776  1.00 41.98  ? 4   GLU D CA  1 
ATOM   718 C C   . GLU D 1 5  ? 9.102   5.665   13.560  1.00 38.22  ? 4   GLU D C   1 
ATOM   719 O O   . GLU D 1 5  ? 8.792   6.060   12.429  1.00 36.96  ? 4   GLU D O   1 
ATOM   720 C CB  . GLU D 1 5  ? 8.894   7.271   15.498  1.00 53.90  ? 4   GLU D CB  1 
ATOM   721 C CG  . GLU D 1 5  ? 9.819   8.106   14.645  1.00 74.43  ? 4   GLU D CG  1 
ATOM   722 C CD  . GLU D 1 5  ? 9.069   9.105   13.776  1.00 91.03  ? 4   GLU D CD  1 
ATOM   723 O OE1 . GLU D 1 5  ? 9.710   9.755   12.916  1.00 91.36  ? 4   GLU D OE1 1 
ATOM   724 O OE2 . GLU D 1 5  ? 7.835   9.228   13.944  1.00 89.96  ? 4   GLU D OE2 1 
ATOM   725 N N   . ALA D 1 6  ? 10.153  4.865   13.763  1.00 29.88  ? 5   ALA D N   1 
ATOM   726 C CA  . ALA D 1 6  ? 10.896  4.336   12.624  1.00 35.89  ? 5   ALA D CA  1 
ATOM   727 C C   . ALA D 1 6  ? 9.964   3.585   11.680  1.00 40.69  ? 5   ALA D C   1 
ATOM   728 O O   . ALA D 1 6  ? 10.044  3.742   10.455  1.00 34.09  ? 5   ALA D O   1 
ATOM   729 C CB  . ALA D 1 6  ? 12.034  3.427   13.097  1.00 38.92  ? 5   ALA D CB  1 
ATOM   730 N N   . LEU D 1 7  ? 9.055   2.778   12.238  1.00 35.82  ? 6   LEU D N   1 
ATOM   731 C CA  . LEU D 1 7  ? 8.128   2.035   11.393  1.00 34.45  ? 6   LEU D CA  1 
ATOM   732 C C   . LEU D 1 7  ? 7.138   2.958   10.704  1.00 29.42  ? 6   LEU D C   1 
ATOM   733 O O   . LEU D 1 7  ? 6.786   2.735   9.541   1.00 28.94  ? 6   LEU D O   1 
ATOM   734 C CB  . LEU D 1 7  ? 7.360   0.997   12.202  1.00 32.16  ? 6   LEU D CB  1 
ATOM   735 C CG  . LEU D 1 7  ? 8.077   -0.239  12.732  1.00 55.17  ? 6   LEU D CG  1 
ATOM   736 C CD1 . LEU D 1 7  ? 7.073   -1.386  12.760  1.00 55.36  ? 6   LEU D CD1 1 
ATOM   737 C CD2 . LEU D 1 7  ? 9.308   -0.595  11.897  1.00 63.52  ? 6   LEU D CD2 1 
ATOM   738 N N   . ALA D 1 8  ? 6.637   3.967   11.420  1.00 28.41  ? 7   ALA D N   1 
ATOM   739 C CA  . ALA D 1 8  ? 5.716   4.916   10.800  1.00 34.56  ? 7   ALA D CA  1 
ATOM   740 C C   . ALA D 1 8  ? 6.372   5.639   9.625   1.00 33.78  ? 7   ALA D C   1 
ATOM   741 O O   . ALA D 1 8  ? 5.715   5.927   8.613   1.00 31.70  ? 7   ALA D O   1 
ATOM   742 C CB  . ALA D 1 8  ? 5.222   5.912   11.850  1.00 38.01  ? 7   ALA D CB  1 
ATOM   743 N N   . GLN D 1 9  ? 7.666   5.944   9.746   1.00 30.37  ? 8   GLN D N   1 
ATOM   744 C CA  . GLN D 1 9  ? 8.408   6.562   8.648   1.00 33.39  ? 8   GLN D CA  1 
ATOM   745 C C   . GLN D 1 9  ? 8.461   5.638   7.446   1.00 29.77  ? 8   GLN D C   1 
ATOM   746 O O   . GLN D 1 9  ? 8.380   6.088   6.302   1.00 31.64  ? 8   GLN D O   1 
ATOM   747 C CB  . GLN D 1 9  ? 9.839   6.887   9.078   1.00 40.48  ? 8   GLN D CB  1 
ATOM   748 C CG  . GLN D 1 9  ? 9.977   7.968   10.122  1.00 62.91  ? 8   GLN D CG  1 
ATOM   749 C CD  . GLN D 1 9  ? 9.979   9.347   9.513   1.00 78.79  ? 8   GLN D CD  1 
ATOM   750 O OE1 . GLN D 1 9  ? 9.229   10.229  9.936   1.00 86.33  ? 8   GLN D OE1 1 
ATOM   751 N NE2 . GLN D 1 9  ? 10.822  9.545   8.504   1.00 82.04  ? 8   GLN D NE2 1 
ATOM   752 N N   . GLU D 1 10 ? 8.654   4.345   7.689   1.00 29.05  ? 9   GLU D N   1 
ATOM   753 C CA  . GLU D 1 10 ? 8.678   3.401   6.581   1.00 27.10  ? 9   GLU D CA  1 
ATOM   754 C C   . GLU D 1 10 ? 7.327   3.355   5.882   1.00 35.30  ? 9   GLU D C   1 
ATOM   755 O O   . GLU D 1 10 ? 7.264   3.260   4.652   1.00 28.18  ? 9   GLU D O   1 
ATOM   756 C CB  . GLU D 1 10 ? 9.068   2.012   7.077   1.00 32.18  ? 9   GLU D CB  1 
ATOM   757 C CG  . GLU D 1 10 ? 10.546  1.807   7.290   1.00 40.18  ? 9   GLU D CG  1 
ATOM   758 C CD  . GLU D 1 10 ? 10.908  0.330   7.338   1.00 51.68  ? 9   GLU D CD  1 
ATOM   759 O OE1 . GLU D 1 10 ? 10.845  -0.340  6.282   1.00 62.54  ? 9   GLU D OE1 1 
ATOM   760 O OE2 . GLU D 1 10 ? 11.237  -0.158  8.435   1.00 58.37  ? 9   GLU D OE2 1 
ATOM   761 N N   . LEU D 1 11 ? 6.234   3.415   6.649   1.00 32.43  ? 10  LEU D N   1 
ATOM   762 C CA  . LEU D 1 11 ? 4.901   3.398   6.049   1.00 28.35  ? 10  LEU D CA  1 
ATOM   763 C C   . LEU D 1 11 ? 4.630   4.661   5.249   1.00 25.34  ? 10  LEU D C   1 
ATOM   764 O O   . LEU D 1 11 ? 3.927   4.618   4.228   1.00 28.71  ? 10  LEU D O   1 
ATOM   765 C CB  . LEU D 1 11 ? 3.837   3.254   7.132   1.00 26.45  ? 10  LEU D CB  1 
ATOM   766 C CG  . LEU D 1 11 ? 3.823   1.892   7.822   1.00 29.01  ? 10  LEU D CG  1 
ATOM   767 C CD1 . LEU D 1 11 ? 2.894   1.962   9.054   1.00 34.92  ? 10  LEU D CD1 1 
ATOM   768 C CD2 . LEU D 1 11 ? 3.344   0.844   6.846   1.00 29.86  ? 10  LEU D CD2 1 
ATOM   769 N N   . GLU D 1 12 ? 5.102   5.802   5.751   1.00 30.30  ? 11  GLU D N   1 
ATOM   770 C CA  . GLU D 1 12 ? 4.968   7.063   5.030   1.00 32.60  ? 11  GLU D CA  1 
ATOM   771 C C   . GLU D 1 12 ? 5.630   6.974   3.662   1.00 33.15  ? 11  GLU D C   1 
ATOM   772 O O   . GLU D 1 12 ? 5.057   7.391   2.650   1.00 31.56  ? 11  GLU D O   1 
ATOM   773 C CB  . GLU D 1 12 ? 5.621   8.189   5.825   1.00 35.84  ? 11  GLU D CB  1 
ATOM   774 C CG  . GLU D 1 12 ? 4.894   8.684   7.030   1.00 42.00  ? 11  GLU D CG  1 
ATOM   775 C CD  . GLU D 1 12 ? 5.532   9.957   7.535   1.00 50.92  ? 11  GLU D CD  1 
ATOM   776 O OE1 . GLU D 1 12 ? 6.516   9.865   8.300   1.00 54.87  ? 11  GLU D OE1 1 
ATOM   777 O OE2 . GLU D 1 12 ? 5.081   11.046  7.133   1.00 52.32  ? 11  GLU D OE2 1 
ATOM   778 N N   . ALA D 1 13 ? 6.859   6.453   3.627   1.00 29.07  ? 12  ALA D N   1 
ATOM   779 C CA  . ALA D 1 13 ? 7.590   6.317   2.366   1.00 27.11  ? 12  ALA D CA  1 
ATOM   780 C C   . ALA D 1 13 ? 6.880   5.364   1.422   1.00 24.65  ? 12  ALA D C   1 
ATOM   781 O O   . ALA D 1 13 ? 6.789   5.621   0.214   1.00 31.91  ? 12  ALA D O   1 
ATOM   782 C CB  . ALA D 1 13 ? 9.011   5.824   2.637   1.00 33.43  ? 12  ALA D CB  1 
ATOM   783 N N   . LEU D 1 14 ? 6.365   4.254   1.952   1.00 26.26  ? 13  LEU D N   1 
ATOM   784 C CA  . LEU D 1 14 ? 5.643   3.310   1.116   1.00 25.05  ? 13  LEU D CA  1 
ATOM   785 C C   . LEU D 1 14 ? 4.380   3.946   0.537   1.00 28.21  ? 13  LEU D C   1 
ATOM   786 O O   . LEU D 1 14 ? 4.037   3.710   -0.628  1.00 27.88  ? 13  LEU D O   1 
ATOM   787 C CB  . LEU D 1 14 ? 5.311   2.054   1.925   1.00 30.66  ? 13  LEU D CB  1 
ATOM   788 C CG  . LEU D 1 14 ? 4.522   0.944   1.223   1.00 53.84  ? 13  LEU D CG  1 
ATOM   789 C CD1 . LEU D 1 14 ? 5.063   0.701   -0.173  1.00 65.51  ? 13  LEU D CD1 1 
ATOM   790 C CD2 . LEU D 1 14 ? 4.547   -0.344  2.041   1.00 58.58  ? 13  LEU D CD2 1 
ATOM   791 N N   . ALA D 1 15 ? 3.678   4.755   1.340   1.00 26.02  ? 14  ALA D N   1 
ATOM   792 C CA  . ALA D 1 15 ? 2.523   5.490   0.819   1.00 26.02  ? 14  ALA D CA  1 
ATOM   793 C C   . ALA D 1 15 ? 2.927   6.410   -0.330  1.00 29.53  ? 14  ALA D C   1 
ATOM   794 O O   . ALA D 1 15 ? 2.216   6.520   -1.340  1.00 28.75  ? 14  ALA D O   1 
ATOM   795 C CB  . ALA D 1 15 ? 1.870   6.300   1.941   1.00 28.45  ? 14  ALA D CB  1 
ATOM   796 N N   . LYS D 1 16 ? 4.062   7.088   -0.197  1.00 27.54  ? 15  LYS D N   1 
ATOM   797 C CA  . LYS D 1 16 ? 4.538   7.939   -1.281  1.00 26.57  ? 15  LYS D CA  1 
ATOM   798 C C   . LYS D 1 16 ? 4.867   7.123   -2.522  1.00 30.04  ? 15  LYS D C   1 
ATOM   799 O O   . LYS D 1 16 ? 4.607   7.562   -3.647  1.00 32.43  ? 15  LYS D O   1 
ATOM   800 C CB  . LYS D 1 16 ? 5.739   8.737   -0.796  1.00 27.13  ? 15  LYS D CB  1 
ATOM   801 C CG  . LYS D 1 16 ? 5.306   9.836   0.162   1.00 37.07  ? 15  LYS D CG  1 
ATOM   802 C CD  . LYS D 1 16 ? 6.481   10.484  0.880   1.00 36.68  ? 15  LYS D CD  1 
ATOM   803 C CE  . LYS D 1 16 ? 5.993   11.651  1.740   1.00 38.39  ? 15  LYS D CE  1 
ATOM   804 N NZ  . LYS D 1 16 ? 6.996   12.013  2.780   1.00 40.39  ? 15  LYS D NZ  1 
ATOM   805 N N   . LYS D 1 17 ? 5.412   5.915   -2.337  1.00 26.20  ? 16  LYS D N   1 
ATOM   806 C CA  . LYS D 1 17 ? 5.655   5.040   -3.477  1.00 26.23  ? 16  LYS D CA  1 
ATOM   807 C C   . LYS D 1 17 ? 4.348   4.606   -4.117  1.00 37.30  ? 16  LYS D C   1 
ATOM   808 O O   . LYS D 1 17 ? 4.269   4.470   -5.340  1.00 25.82  ? 16  LYS D O   1 
ATOM   809 C CB  . LYS D 1 17 ? 6.447   3.804   -3.053  1.00 29.97  ? 16  LYS D CB  1 
ATOM   810 C CG  . LYS D 1 17 ? 7.948   3.954   -3.075  1.00 40.07  ? 16  LYS D CG  1 
ATOM   811 C CD  . LYS D 1 17 ? 8.635   2.727   -2.435  1.00 47.16  ? 16  LYS D CD  1 
ATOM   812 C CE  . LYS D 1 17 ? 9.650   3.132   -1.361  1.00 60.37  ? 16  LYS D CE  1 
ATOM   813 N NZ  . LYS D 1 17 ? 9.946   2.027   -0.396  1.00 66.35  ? 16  LYS D NZ  1 
ATOM   814 N N   . LEU D 1 18 ? 3.317   4.341   -3.302  1.00 26.19  ? 17  LEU D N   1 
ATOM   815 C CA  . LEU D 1 18 ? 2.042   3.927   -3.876  1.00 25.96  ? 17  LEU D CA  1 
ATOM   816 C C   . LEU D 1 18 ? 1.429   5.045   -4.702  1.00 22.49  ? 17  LEU D C   1 
ATOM   817 O O   . LEU D 1 18 ? 0.808   4.787   -5.739  1.00 28.43  ? 17  LEU D O   1 
ATOM   818 C CB  . LEU D 1 18 ? 1.070   3.498   -2.770  1.00 25.28  ? 17  LEU D CB  1 
ATOM   819 C CG  . LEU D 1 18 ? 1.293   2.125   -2.139  1.00 37.98  ? 17  LEU D CG  1 
ATOM   820 C CD1 . LEU D 1 18 ? 0.079   1.770   -1.280  1.00 37.04  ? 17  LEU D CD1 1 
ATOM   821 C CD2 . LEU D 1 18 ? 1.532   1.058   -3.198  1.00 32.11  ? 17  LEU D CD2 1 
ATOM   822 N N   . LYS D 1 19 ? 1.587   6.292   -4.252  1.00 32.24  ? 18  LYS D N   1 
ATOM   823 C CA  . LYS D 1 19 ? 1.085   7.422   -5.028  1.00 33.97  ? 18  LYS D CA  1 
ATOM   824 C C   . LYS D 1 19 ? 1.816   7.541   -6.351  1.00 31.11  ? 18  LYS D C   1 
ATOM   825 O O   . LYS D 1 19 ? 1.196   7.793   -7.392  1.00 31.55  ? 18  LYS D O   1 
ATOM   826 C CB  . LYS D 1 19 ? 1.225   8.708   -4.229  1.00 25.35  ? 18  LYS D CB  1 
ATOM   827 C CG  . LYS D 1 19 ? 0.452   8.680   -2.940  1.00 36.68  ? 18  LYS D CG  1 
ATOM   828 C CD  . LYS D 1 19 ? 0.250   10.048  -2.334  1.00 51.19  ? 18  LYS D CD  1 
ATOM   829 C CE  . LYS D 1 19 ? -0.487  9.925   -0.996  1.00 57.11  ? 18  LYS D CE  1 
ATOM   830 N NZ  . LYS D 1 19 ? -0.819  11.253  -0.407  1.00 54.02  ? 18  LYS D NZ  1 
ATOM   831 N N   . ALA D 1 20 ? 3.140   7.366   -6.329  1.00 26.66  ? 19  ALA D N   1 
ATOM   832 C CA  . ALA D 1 20 ? 3.903   7.361   -7.568  1.00 29.03  ? 19  ALA D CA  1 
ATOM   833 C C   . ALA D 1 20 ? 3.365   6.308   -8.526  1.00 31.78  ? 19  ALA D C   1 
ATOM   834 O O   . ALA D 1 20 ? 3.198   6.564   -9.721  1.00 30.60  ? 19  ALA D O   1 
ATOM   835 C CB  . ALA D 1 20 ? 5.383   7.122   -7.262  1.00 29.37  ? 19  ALA D CB  1 
ATOM   836 N N   . LEU D 1 21 ? 3.071   5.110   -8.009  1.00 28.98  ? 20  LEU D N   1 
ATOM   837 C CA  . LEU D 1 21 ? 2.518   4.065   -8.862  1.00 25.93  ? 20  LEU D CA  1 
ATOM   838 C C   . LEU D 1 21 ? 1.150   4.461   -9.402  1.00 24.98  ? 20  LEU D C   1 
ATOM   839 O O   . LEU D 1 21 ? 0.850   4.214   -10.572 1.00 29.73  ? 20  LEU D O   1 
ATOM   840 C CB  . LEU D 1 21 ? 2.405   2.749   -8.087  1.00 24.32  ? 20  LEU D CB  1 
ATOM   841 C CG  . LEU D 1 21 ? 3.700   1.972   -7.841  1.00 39.42  ? 20  LEU D CG  1 
ATOM   842 C CD1 . LEU D 1 21 ? 3.375   0.571   -7.342  1.00 41.59  ? 20  LEU D CD1 1 
ATOM   843 C CD2 . LEU D 1 21 ? 4.529   1.895   -9.109  1.00 42.46  ? 20  LEU D CD2 1 
ATOM   844 N N   . ALA D 1 22 ? 0.294   5.037   -8.551  1.00 30.93  ? 21  ALA D N   1 
ATOM   845 C CA  . ALA D 1 22 ? -1.023  5.484   -9.005  1.00 28.37  ? 21  ALA D CA  1 
ATOM   846 C C   . ALA D 1 22 ? -0.900  6.471   -10.162 1.00 32.81  ? 21  ALA D C   1 
ATOM   847 O O   . ALA D 1 22 ? -1.642  6.390   -11.150 1.00 34.24  ? 21  ALA D O   1 
ATOM   848 C CB  . ALA D 1 22 ? -1.780  6.124   -7.847  1.00 30.59  ? 21  ALA D CB  1 
ATOM   849 N N   . TRP D 1 23 ? 0.021   7.425   -10.049 1.00 34.19  ? 22  TRP D N   1 
ATOM   850 C CA  . TRP D 1 23 ? 0.148   8.417   -11.111 1.00 27.50  ? 22  TRP D CA  1 
ATOM   851 C C   . TRP D 1 23 ? 0.734   7.794   -12.369 1.00 31.27  ? 22  TRP D C   1 
ATOM   852 O O   . TRP D 1 23 ? 0.345   8.167   -13.478 1.00 29.17  ? 22  TRP D O   1 
ATOM   853 C CB  . TRP D 1 23 ? 0.997   9.593   -10.634 1.00 29.65  ? 22  TRP D CB  1 
ATOM   854 C CG  . TRP D 1 23 ? 0.235   10.573  -9.797  1.00 31.69  ? 22  TRP D CG  1 
ATOM   855 C CD1 . TRP D 1 23 ? 0.373   10.779  -8.454  1.00 44.56  ? 22  TRP D CD1 1 
ATOM   856 C CD2 . TRP D 1 23 ? -0.788  11.493  -10.241 1.00 30.69  ? 22  TRP D CD2 1 
ATOM   857 N NE1 . TRP D 1 23 ? -0.499  11.759  -8.033  1.00 45.95  ? 22  TRP D NE1 1 
ATOM   858 C CE2 . TRP D 1 23 ? -1.223  12.210  -9.108  1.00 39.62  ? 22  TRP D CE2 1 
ATOM   859 C CE3 . TRP D 1 23 ? -1.376  11.769  -11.483 1.00 28.63  ? 22  TRP D CE3 1 
ATOM   860 C CZ2 . TRP D 1 23 ? -2.217  13.191  -9.174  1.00 38.79  ? 22  TRP D CZ2 1 
ATOM   861 C CZ3 . TRP D 1 23 ? -2.375  12.750  -11.547 1.00 32.62  ? 22  TRP D CZ3 1 
ATOM   862 C CH2 . TRP D 1 23 ? -2.780  13.441  -10.399 1.00 40.23  ? 22  TRP D CH2 1 
ATOM   863 N N   . LYS D 1 24 ? 1.641   6.823   -12.221 1.00 28.04  ? 23  LYS D N   1 
ATOM   864 C CA  . LYS D 1 24 ? 2.116   6.109   -13.399 1.00 27.53  ? 23  LYS D CA  1 
ATOM   865 C C   . LYS D 1 24 ? 0.965   5.390   -14.088 1.00 34.18  ? 23  LYS D C   1 
ATOM   866 O O   . LYS D 1 24 ? 0.892   5.350   -15.323 1.00 31.48  ? 23  LYS D O   1 
ATOM   867 C CB  . LYS D 1 24 ? 3.218   5.124   -13.012 1.00 34.39  ? 23  LYS D CB  1 
ATOM   868 C CG  . LYS D 1 24 ? 4.166   4.802   -14.149 1.00 52.67  ? 23  LYS D CG  1 
ATOM   869 C CD  . LYS D 1 24 ? 5.454   5.618   -14.067 1.00 67.22  ? 23  LYS D CD  1 
ATOM   870 C CE  . LYS D 1 24 ? 6.381   5.137   -12.957 1.00 69.86  ? 23  LYS D CE  1 
ATOM   871 N NZ  . LYS D 1 24 ? 7.360   6.201   -12.588 1.00 67.90  ? 23  LYS D NZ  1 
ATOM   872 N N   . LEU D 1 25 ? 0.048   4.827   -13.302 1.00 30.91  ? 24  LEU D N   1 
ATOM   873 C CA  . LEU D 1 25 ? -1.101  4.137   -13.880 1.00 29.22  ? 24  LEU D CA  1 
ATOM   874 C C   . LEU D 1 25 ? -2.014  5.107   -14.626 1.00 31.38  ? 24  LEU D C   1 
ATOM   875 O O   . LEU D 1 25 ? -2.508  4.799   -15.717 1.00 33.00  ? 24  LEU D O   1 
ATOM   876 C CB  . LEU D 1 25 ? -1.874  3.419   -12.776 1.00 28.21  ? 24  LEU D CB  1 
ATOM   877 C CG  . LEU D 1 25 ? -2.796  2.309   -13.264 1.00 48.90  ? 24  LEU D CG  1 
ATOM   878 C CD1 . LEU D 1 25 ? -1.997  1.403   -14.176 1.00 62.13  ? 24  LEU D CD1 1 
ATOM   879 C CD2 . LEU D 1 25 ? -3.368  1.525   -12.083 1.00 45.52  ? 24  LEU D CD2 1 
ATOM   880 N N   . LYS D 1 26 ? -2.273  6.274   -14.032 1.00 32.25  ? 25  LYS D N   1 
ATOM   881 C CA  . LYS D 1 26 ? -3.078  7.287   -14.713 1.00 36.09  ? 25  LYS D CA  1 
ATOM   882 C C   . LYS D 1 26 ? -2.432  7.719   -16.019 1.00 34.43  ? 25  LYS D C   1 
ATOM   883 O O   . LYS D 1 26 ? -3.123  7.907   -17.026 1.00 41.21  ? 25  LYS D O   1 
ATOM   884 C CB  . LYS D 1 26 ? -3.280  8.491   -13.804 1.00 37.14  ? 25  LYS D CB  1 
ATOM   885 C CG  . LYS D 1 26 ? -3.936  8.144   -12.504 1.00 31.62  ? 25  LYS D CG  1 
ATOM   886 C CD  . LYS D 1 26 ? -4.141  9.380   -11.694 1.00 33.23  ? 25  LYS D CD  1 
ATOM   887 C CE  . LYS D 1 26 ? -4.892  9.098   -10.418 1.00 41.85  ? 25  LYS D CE  1 
ATOM   888 N NZ  . LYS D 1 26 ? -4.994  10.354  -9.624  1.00 42.71  ? 25  LYS D NZ  1 
ATOM   889 N N   . ALA D 1 27 ? -1.108  7.894   -16.020 1.00 32.61  ? 26  ALA D N   1 
ATOM   890 C CA  . ALA D 1 27 ? -0.410  8.200   -17.262 1.00 35.91  ? 26  ALA D CA  1 
ATOM   891 C C   . ALA D 1 27 ? -0.636  7.105   -18.292 1.00 38.44  ? 26  ALA D C   1 
ATOM   892 O O   . ALA D 1 27 ? -0.861  7.390   -19.474 1.00 37.43  ? 26  ALA D O   1 
ATOM   893 C CB  . ALA D 1 27 ? 1.082   8.383   -16.991 1.00 29.72  ? 26  ALA D CB  1 
ATOM   894 N N   . LEU D 1 28 ? -0.605  5.840   -17.859 1.00 39.72  ? 27  LEU D N   1 
ATOM   895 C CA  . LEU D 1 28 ? -0.828  4.736   -18.788 1.00 33.46  ? 27  LEU D CA  1 
ATOM   896 C C   . LEU D 1 28 ? -2.272  4.695   -19.261 1.00 39.56  ? 27  LEU D C   1 
ATOM   897 O O   . LEU D 1 28 ? -2.539  4.419   -20.438 1.00 43.01  ? 27  LEU D O   1 
ATOM   898 C CB  . LEU D 1 28 ? -0.454  3.407   -18.130 1.00 39.11  ? 27  LEU D CB  1 
ATOM   899 C CG  . LEU D 1 28 ? 1.041   3.113   -18.063 1.00 44.32  ? 27  LEU D CG  1 
ATOM   900 C CD1 . LEU D 1 28 ? 1.293   1.824   -17.288 1.00 46.68  ? 27  LEU D CD1 1 
ATOM   901 C CD2 . LEU D 1 28 ? 1.618   3.023   -19.463 1.00 53.00  ? 27  LEU D CD2 1 
ATOM   902 N N   . ALA D 1 29 ? -3.215  4.966   -18.361 1.00 38.70  ? 28  ALA D N   1 
ATOM   903 C CA  . ALA D 1 29 ? -4.620  4.981   -18.744 1.00 42.86  ? 28  ALA D CA  1 
ATOM   904 C C   . ALA D 1 29 ? -4.902  6.013   -19.827 1.00 55.65  ? 28  ALA D C   1 
ATOM   905 O O   . ALA D 1 29 ? -5.909  5.898   -20.534 1.00 55.58  ? 28  ALA D O   1 
ATOM   906 C CB  . ALA D 1 29 ? -5.493  5.241   -17.514 1.00 40.59  ? 28  ALA D CB  1 
ATOM   907 N N   . GLN D 1 30 ? -4.025  7.003   -19.985 1.00 43.13  ? 29  GLN D N   1 
ATOM   908 C CA  . GLN D 1 30 ? -4.184  8.037   -20.996 1.00 49.08  ? 29  GLN D CA  1 
ATOM   909 C C   . GLN D 1 30 ? -3.276  7.849   -22.204 1.00 69.19  ? 29  GLN D C   1 
ATOM   910 O O   . GLN D 1 30 ? -3.615  8.319   -23.296 1.00 83.30  ? 29  GLN D O   1 
ATOM   911 C CB  . GLN D 1 30 ? -3.916  9.406   -20.374 1.00 36.48  ? 29  GLN D CB  1 
ATOM   912 C CG  . GLN D 1 30 ? -4.381  10.573  -21.215 1.00 35.93  ? 29  GLN D CG  1 
ATOM   913 C CD  . GLN D 1 30 ? -4.465  11.835  -20.393 1.00 39.72  ? 29  GLN D CD  1 
ATOM   914 O OE1 . GLN D 1 30 ? -3.713  12.009  -19.437 1.00 39.23  ? 29  GLN D OE1 1 
ATOM   915 N NE2 . GLN D 1 30 ? -5.392  12.715  -20.742 1.00 39.85  ? 29  GLN D NE2 1 
ATOM   916 N N   . GLY D 1 31 ? -2.140  7.174   -22.039 1.00 70.68  ? 30  GLY D N   1 
ATOM   917 C CA  . GLY D 1 31 ? -1.164  7.031   -23.104 1.00 64.35  ? 30  GLY D CA  1 
ATOM   918 C C   . GLY D 1 31 ? -1.480  5.931   -24.098 1.00 69.56  ? 30  GLY D C   1 
ATOM   919 O O   . GLY D 1 31 ? -2.618  5.465   -24.187 1.00 80.46  ? 30  GLY D O   1 
HETATM 920 O O   . HOH E 2 .  ? -8.434  9.376   -3.274  1.00 53.50  ? 101 HOH A O   1 
HETATM 921 O O   . HOH E 2 .  ? -11.492 -0.503  -8.348  1.00 49.33  ? 102 HOH A O   1 
HETATM 922 O O   . HOH E 2 .  ? -12.908 4.727   -15.547 1.00 50.91  ? 103 HOH A O   1 
HETATM 923 O O   . HOH E 2 .  ? -5.505  9.005   -16.552 1.00 47.36  ? 104 HOH A O   1 
HETATM 924 O O   . HOH E 2 .  ? -8.904  8.161   -6.124  1.00 52.62  ? 105 HOH A O   1 
HETATM 925 O O   . HOH E 2 .  ? -9.148  -3.577  -7.327  1.00 37.69  ? 106 HOH A O   1 
HETATM 926 O O   . HOH E 2 .  ? -4.541  10.338  3.447   1.00 39.13  ? 107 HOH A O   1 
HETATM 927 O O   . HOH E 2 .  ? -8.350  -3.872  -4.391  1.00 34.26  ? 108 HOH A O   1 
HETATM 928 O O   . HOH E 2 .  ? -4.693  9.112   10.307  1.00 34.96  ? 109 HOH A O   1 
HETATM 929 O O   . HOH E 2 .  ? -6.763  10.491  -14.298 1.00 68.46  ? 110 HOH A O   1 
HETATM 930 O O   . HOH E 2 .  ? -8.687  6.685   0.824   1.00 33.35  ? 111 HOH A O   1 
HETATM 931 O O   . HOH E 2 .  ? 3.331   14.798  19.341  1.00 42.18  ? 112 HOH A O   1 
HETATM 932 O O   . HOH E 2 .  ? -12.378 -1.874  -10.948 1.00 58.25  ? 113 HOH A O   1 
HETATM 933 O O   . HOH E 2 .  ? -12.379 3.690   -9.028  1.00 51.20  ? 114 HOH A O   1 
HETATM 934 O O   . HOH E 2 .  ? -10.688 -0.157  -2.348  1.00 57.31  ? 115 HOH A O   1 
HETATM 935 O O   . HOH E 2 .  ? -2.281  16.262  2.254   1.00 58.13  ? 116 HOH A O   1 
HETATM 936 O O   . HOH E 2 .  ? -8.053  -1.010  3.281   1.00 34.68  ? 117 HOH A O   1 
HETATM 937 O O   . HOH E 2 .  ? 2.139   15.859  3.299   1.00 48.77  ? 118 HOH A O   1 
HETATM 938 O O   . HOH E 2 .  ? 2.245   13.564  1.328   1.00 43.59  ? 119 HOH A O   1 
HETATM 939 O O   . HOH E 2 .  ? -12.035 4.521   -6.143  1.00 53.44  ? 120 HOH A O   1 
HETATM 940 O O   . HOH E 2 .  ? -8.331  7.672   3.688   1.00 54.28  ? 121 HOH A O   1 
HETATM 941 O O   . HOH E 2 .  ? -10.190 -5.606  -3.637  1.00 40.69  ? 122 HOH A O   1 
HETATM 942 O O   . HOH F 2 .  ? 2.139   -5.010  -19.893 1.00 43.37  ? 101 HOH B O   1 
HETATM 943 O O   . HOH F 2 .  ? 12.965  -7.429  12.822  1.00 61.63  ? 102 HOH B O   1 
HETATM 944 O O   . HOH F 2 .  ? 1.460   -11.022 -0.915  1.00 40.62  ? 103 HOH B O   1 
HETATM 945 O O   . HOH F 2 .  ? 0.962   -9.057  18.391  1.00 37.34  ? 104 HOH B O   1 
HETATM 946 O O   . HOH F 2 .  ? -1.317  -10.164 -7.542  1.00 43.18  ? 105 HOH B O   1 
HETATM 947 O O   . HOH F 2 .  ? 8.627   -4.004  -12.119 1.00 48.03  ? 106 HOH B O   1 
HETATM 948 O O   . HOH F 2 .  ? 3.301   -8.696  -13.627 1.00 47.62  ? 107 HOH B O   1 
HETATM 949 O O   . HOH F 2 .  ? 7.989   -2.248  -5.766  1.00 56.67  ? 108 HOH B O   1 
HETATM 950 O O   . HOH F 2 .  ? -1.653  -12.452 13.443  1.00 55.75  ? 109 HOH B O   1 
HETATM 951 O O   . HOH F 2 .  ? -3.035  -10.739 0.930   1.00 44.67  ? 110 HOH B O   1 
HETATM 952 O O   . HOH F 2 .  ? 1.741   -9.341  -3.414  1.00 29.58  ? 111 HOH B O   1 
HETATM 953 O O   . HOH F 2 .  ? 0.452   -12.395 6.143   1.00 45.26  ? 112 HOH B O   1 
HETATM 954 O O   . HOH F 2 .  ? 1.441   -1.821  -20.998 1.00 44.78  ? 113 HOH B O   1 
HETATM 955 O O   . HOH F 2 .  ? 2.272   -11.475 -5.315  1.00 54.13  ? 114 HOH B O   1 
HETATM 956 O O   . HOH F 2 .  ? 7.642   -7.107  -15.810 1.00 54.48  ? 115 HOH B O   1 
HETATM 957 O O   . HOH F 2 .  ? 8.021   -10.266 25.636  1.00 61.30  ? 116 HOH B O   1 
HETATM 958 O O   . HOH F 2 .  ? 9.177   -6.761  -14.477 1.00 57.68  ? 117 HOH B O   1 
HETATM 959 O O   . HOH G 2 .  ? -8.703  0.302   7.782   1.00 55.71  ? 101 HOH C O   1 
HETATM 960 O O   . HOH G 2 .  ? -8.250  -9.145  -7.821  1.00 33.70  ? 102 HOH C O   1 
HETATM 961 O O   . HOH G 2 .  ? -5.834  -10.114 -2.496  1.00 36.61  ? 103 HOH C O   1 
HETATM 962 O O   . HOH G 2 .  ? -6.952  -11.362 -19.448 1.00 40.11  ? 104 HOH C O   1 
HETATM 963 O O   . HOH G 2 .  ? -0.391  -14.193 -0.010  1.00 55.10  ? 105 HOH C O   1 
HETATM 964 O O   . HOH G 2 .  ? -8.891  -6.149  2.459   1.00 31.34  ? 106 HOH C O   1 
HETATM 965 O O   . HOH G 2 .  ? -12.828 -3.967  -10.095 1.00 40.80  ? 107 HOH C O   1 
HETATM 966 O O   . HOH G 2 .  ? -5.276  1.314   16.001  1.00 43.21  ? 108 HOH C O   1 
HETATM 967 O O   . HOH G 2 .  ? -3.001  -9.510  4.099   1.00 47.23  ? 109 HOH C O   1 
HETATM 968 O O   . HOH G 2 .  ? -8.312  -3.629  12.701  1.00 41.76  ? 110 HOH C O   1 
HETATM 969 O O   . HOH G 2 .  ? -7.054  -0.829  5.940   1.00 44.72  ? 111 HOH C O   1 
HETATM 970 O O   . HOH G 2 .  ? -6.394  -10.720 16.866  1.00 61.92  ? 112 HOH C O   1 
HETATM 971 O O   . HOH G 2 .  ? -3.899  -11.828 -13.690 1.00 44.18  ? 113 HOH C O   1 
HETATM 972 O O   . HOH G 2 .  ? -11.755 -6.836  -5.616  1.00 58.45  ? 114 HOH C O   1 
HETATM 973 O O   . HOH G 2 .  ? 1.940   -13.543 -1.829  1.00 40.39  ? 115 HOH C O   1 
HETATM 974 O O   . HOH G 2 .  ? -6.752  -6.185  18.544  1.00 59.78  ? 116 HOH C O   1 
HETATM 975 O O   . HOH G 2 .  ? -13.205 -8.036  -7.770  1.00 49.40  ? 117 HOH C O   1 
HETATM 976 O O   . HOH G 2 .  ? -6.277  -11.068 12.036  1.00 47.83  ? 118 HOH C O   1 
HETATM 977 O O   . HOH G 2 .  ? -5.428  -13.218 -20.719 1.00 48.91  ? 119 HOH C O   1 
HETATM 978 O O   . HOH G 2 .  ? -5.418  -13.506 -15.543 1.00 44.40  ? 120 HOH C O   1 
HETATM 979 O O   . HOH G 2 .  ? -8.702  -3.983  19.258  1.00 70.54  ? 121 HOH C O   1 
HETATM 980 O O   . HOH G 2 .  ? -5.588  -11.449 -5.202  1.00 46.89  ? 122 HOH C O   1 
HETATM 981 O O   . HOH G 2 .  ? -4.834  -12.370 -0.770  1.00 63.11  ? 123 HOH C O   1 
HETATM 982 O O   . HOH G 2 .  ? -9.558  -7.659  -1.795  1.00 49.84  ? 124 HOH C O   1 
HETATM 983 O O   . HOH G 2 .  ? -8.978  -10.377 -2.657  1.00 55.32  ? 125 HOH C O   1 
HETATM 984 O O   . HOH G 2 .  ? -9.670  -2.690  7.597   1.00 48.73  ? 126 HOH C O   1 
HETATM 985 O O   . HOH H 2 .  ? 3.568   11.271  5.655   1.00 45.87  ? 101 HOH D O   1 
HETATM 986 O O   . HOH H 2 .  ? -3.072  11.575  1.002   1.00 50.38  ? 102 HOH D O   1 
HETATM 987 O O   . HOH H 2 .  ? 12.505  4.246   9.334   1.00 46.21  ? 103 HOH D O   1 
HETATM 988 O O   . HOH H 2 .  ? 9.094   2.288   20.240  1.00 52.43  ? 104 HOH D O   1 
HETATM 989 O O   . HOH H 2 .  ? 9.487   1.917   3.417   1.00 41.96  ? 105 HOH D O   1 
HETATM 990 O O   . HOH H 2 .  ? 3.154   9.513   3.250   1.00 37.89  ? 106 HOH D O   1 
HETATM 991 O O   . HOH H 2 .  ? 6.965   13.184  7.921   1.00 48.32  ? 107 HOH D O   1 
HETATM 992 O O   . HOH H 2 .  ? -6.504  12.281  -11.322 1.00 46.12  ? 108 HOH D O   1 
HETATM 993 O O   . HOH H 2 .  ? -1.817  11.642  -5.354  1.00 39.79  ? 109 HOH D O   1 
HETATM 994 O O   . HOH H 2 .  ? -1.661  13.047  -2.648  1.00 57.15  ? 110 HOH D O   1 
HETATM 995 O O   . HOH H 2 .  ? 2.043   10.866  1.058   1.00 38.77  ? 111 HOH D O   1 
# 
loop_
_atom_site_anisotrop.id 
_atom_site_anisotrop.type_symbol 
_atom_site_anisotrop.pdbx_label_atom_id 
_atom_site_anisotrop.pdbx_label_alt_id 
_atom_site_anisotrop.pdbx_label_comp_id 
_atom_site_anisotrop.pdbx_label_asym_id 
_atom_site_anisotrop.pdbx_label_seq_id 
_atom_site_anisotrop.pdbx_PDB_ins_code 
_atom_site_anisotrop.U[1][1] 
_atom_site_anisotrop.U[2][2] 
_atom_site_anisotrop.U[3][3] 
_atom_site_anisotrop.U[1][2] 
_atom_site_anisotrop.U[1][3] 
_atom_site_anisotrop.U[2][3] 
_atom_site_anisotrop.pdbx_auth_seq_id 
_atom_site_anisotrop.pdbx_auth_comp_id 
_atom_site_anisotrop.pdbx_auth_asym_id 
_atom_site_anisotrop.pdbx_auth_atom_id 
1   C C   . ACE A 1  ? 0.8771 0.8753 0.9493 -0.0436 -0.0362 0.0888  0  ACE A C   
2   O O   . ACE A 1  ? 0.8118 0.8105 0.8814 -0.0435 -0.0360 0.0839  0  ACE A O   
3   C CH3 . ACE A 1  ? 0.9280 0.9245 0.9980 -0.0443 -0.0334 0.0886  0  ACE A CH3 
4   N N   . GLY A 2  ? 0.8638 0.8632 0.9414 -0.0431 -0.0390 0.0946  1  GLY A N   
5   C CA  . GLY A 2  ? 0.7276 0.7288 0.8087 -0.0427 -0.0421 0.0961  1  GLY A CA  
6   C C   . GLY A 2  ? 0.5804 0.5823 0.6646 -0.0395 -0.0397 0.0926  1  GLY A C   
7   O O   . GLY A 2  ? 0.4231 0.4250 0.5121 -0.0364 -0.0364 0.0927  1  GLY A O   
8   N N   A GLU A 3  ? 0.5267 0.5288 0.6080 -0.0403 -0.0415 0.0893  2  GLU A N   
9   N N   B GLU A 3  ? 0.5278 0.5299 0.6090 -0.0405 -0.0415 0.0894  2  GLU A N   
10  C CA  A GLU A 3  ? 0.4879 0.4903 0.5715 -0.0376 -0.0395 0.0860  2  GLU A CA  
11  C CA  B GLU A 3  ? 0.4889 0.4912 0.5722 -0.0376 -0.0396 0.0859  2  GLU A CA  
12  C C   A GLU A 3  ? 0.4729 0.4741 0.5534 -0.0360 -0.0354 0.0803  2  GLU A C   
13  C C   B GLU A 3  ? 0.4725 0.4737 0.5530 -0.0361 -0.0355 0.0804  2  GLU A C   
14  O O   A GLU A 3  ? 0.4131 0.4142 0.4969 -0.0329 -0.0328 0.0788  2  GLU A O   
15  O O   B GLU A 3  ? 0.4275 0.4286 0.5112 -0.0329 -0.0328 0.0788  2  GLU A O   
16  C CB  A GLU A 3  ? 0.4971 0.4994 0.5777 -0.0390 -0.0427 0.0839  2  GLU A CB  
17  C CB  B GLU A 3  ? 0.4973 0.4995 0.5777 -0.0392 -0.0429 0.0839  2  GLU A CB  
18  C CG  A GLU A 3  ? 0.5309 0.5347 0.6180 -0.0381 -0.0450 0.0879  2  GLU A CG  
19  C CG  B GLU A 3  ? 0.5533 0.5568 0.6400 -0.0379 -0.0446 0.0872  2  GLU A CG  
20  C CD  A GLU A 3  ? 0.5982 0.6025 0.6907 -0.0341 -0.0415 0.0877  2  GLU A CD  
21  C CD  B GLU A 3  ? 0.5833 0.5882 0.6727 -0.0403 -0.0491 0.0930  2  GLU A CD  
22  O OE1 A GLU A 3  ? 0.6819 0.6880 0.7814 -0.0329 -0.0419 0.0924  2  GLU A OE1 
23  O OE1 B GLU A 3  ? 0.5776 0.5814 0.6615 -0.0436 -0.0521 0.0930  2  GLU A OE1 
24  O OE2 A GLU A 3  ? 0.5245 0.5275 0.6145 -0.0322 -0.0383 0.0827  2  GLU A OE2 
25  O OE2 B GLU A 3  ? 0.6650 0.6720 0.7621 -0.0392 -0.0496 0.0976  2  GLU A OE2 
26  N N   . LEU A 4  ? 0.4869 0.4873 0.5613 -0.0383 -0.0348 0.0772  3  LEU A N   
27  C CA  . LEU A 4  ? 0.4395 0.4391 0.5118 -0.0370 -0.0311 0.0719  3  LEU A CA  
28  C C   . LEU A 4  ? 0.3896 0.3887 0.4662 -0.0348 -0.0280 0.0735  3  LEU A C   
29  O O   . LEU A 4  ? 0.4621 0.4608 0.5399 -0.0323 -0.0252 0.0700  3  LEU A O   
30  C CB  . LEU A 4  ? 0.4519 0.4511 0.5172 -0.0401 -0.0310 0.0688  3  LEU A CB  
31  C CG  . LEU A 4  ? 0.6526 0.6520 0.7156 -0.0394 -0.0277 0.0625  3  LEU A CG  
32  C CD1 . LEU A 4  ? 0.7373 0.7370 0.7999 -0.0377 -0.0285 0.0583  3  LEU A CD1 
33  C CD2 . LEU A 4  ? 0.7068 0.7059 0.7635 -0.0427 -0.0272 0.0605  3  LEU A CD2 
34  N N   . GLU A 5  ? 0.4517 0.4505 0.5306 -0.0356 -0.0284 0.0788  4  GLU A N   
35  C CA  . GLU A 5  ? 0.5147 0.5125 0.5980 -0.0331 -0.0256 0.0807  4  GLU A CA  
36  C C   . GLU A 5  ? 0.4807 0.4790 0.5698 -0.0294 -0.0245 0.0817  4  GLU A C   
37  O O   . GLU A 5  ? 0.4058 0.4028 0.4965 -0.0266 -0.0214 0.0797  4  GLU A O   
38  C CB  . GLU A 5  ? 0.4876 0.4848 0.5723 -0.0346 -0.0267 0.0863  4  GLU A CB  
39  C CG  . GLU A 5  ? 0.6346 0.6303 0.7243 -0.0319 -0.0239 0.0891  4  GLU A CG  
40  C CD  . GLU A 5  ? 0.8129 0.8062 0.9002 -0.0316 -0.0204 0.0852  4  GLU A CD  
41  O OE1 . GLU A 5  ? 0.8369 0.8298 0.9189 -0.0345 -0.0203 0.0823  4  GLU A OE1 
42  O OE2 . GLU A 5  ? 0.8307 0.8225 0.9215 -0.0286 -0.0177 0.0848  4  GLU A OE2 
43  N N   . ALA A 6  ? 0.4653 0.4653 0.5574 -0.0293 -0.0272 0.0848  5  ALA A N   
44  C CA  . ALA A 6  ? 0.4430 0.4435 0.5400 -0.0259 -0.0260 0.0857  5  ALA A CA  
45  C C   . ALA A 6  ? 0.3427 0.3422 0.4370 -0.0241 -0.0240 0.0798  5  ALA A C   
46  O O   . ALA A 6  ? 0.3570 0.3554 0.4538 -0.0208 -0.0212 0.0790  5  ALA A O   
47  C CB  . ALA A 6  ? 0.4748 0.4775 0.5752 -0.0268 -0.0295 0.0897  5  ALA A CB  
48  N N   . LEU A 7  ? 0.3442 0.3437 0.4332 -0.0260 -0.0255 0.0755  6  LEU A N   
49  C CA  . LEU A 7  ? 0.3766 0.3753 0.4635 -0.0243 -0.0241 0.0698  6  LEU A CA  
50  C C   . LEU A 7  ? 0.3500 0.3474 0.4358 -0.0230 -0.0208 0.0663  6  LEU A C   
51  O O   . LEU A 7  ? 0.4269 0.4231 0.5126 -0.0203 -0.0190 0.0631  6  LEU A O   
52  C CB  . LEU A 7  ? 0.3951 0.3941 0.4769 -0.0266 -0.0264 0.0660  6  LEU A CB  
53  C CG  . LEU A 7  ? 0.4266 0.4263 0.5090 -0.0275 -0.0299 0.0684  6  LEU A CG  
54  C CD1 . LEU A 7  ? 0.4335 0.4330 0.5102 -0.0299 -0.0322 0.0644  6  LEU A CD1 
55  C CD2 . LEU A 7  ? 0.4460 0.4455 0.5320 -0.0245 -0.0293 0.0687  6  LEU A CD2 
56  N N   . ALA A 8  ? 0.3813 0.3783 0.4660 -0.0250 -0.0201 0.0671  7  ALA A N   
57  C CA  . ALA A 8  ? 0.3421 0.3375 0.4258 -0.0242 -0.0171 0.0640  7  ALA A CA  
58  C C   . ALA A 8  ? 0.3144 0.3079 0.4022 -0.0209 -0.0148 0.0663  7  ALA A C   
59  O O   . ALA A 8  ? 0.3644 0.3563 0.4519 -0.0188 -0.0126 0.0627  7  ALA A O   
60  C CB  . ALA A 8  ? 0.3775 0.3728 0.4589 -0.0274 -0.0169 0.0648  7  ALA A CB  
61  N N   . GLN A 9  ? 0.3765 0.3703 0.4682 -0.0203 -0.0152 0.0720  8  GLN A N   
62  C CA  . GLN A 9  ? 0.3861 0.3781 0.4820 -0.0168 -0.0128 0.0743  8  GLN A CA  
63  C C   . GLN A 9  ? 0.3712 0.3629 0.4678 -0.0138 -0.0120 0.0726  8  GLN A C   
64  O O   . GLN A 9  ? 0.4280 0.4173 0.5253 -0.0107 -0.0093 0.0713  8  GLN A O   
65  C CB  . GLN A 9  ? 0.4691 0.4620 0.5697 -0.0169 -0.0137 0.0810  8  GLN A CB  
66  C CG  . GLN A 9  ? 0.6594 0.6515 0.7592 -0.0193 -0.0141 0.0833  8  GLN A CG  
67  C CD  . GLN A 9  ? 0.9308 0.9246 1.0346 -0.0202 -0.0165 0.0898  8  GLN A CD  
68  O OE1 . GLN A 9  ? 1.1054 1.1014 1.2133 -0.0190 -0.0177 0.0928  8  GLN A OE1 
69  N NE2 . GLN A 9  ? 0.9439 0.9367 1.0464 -0.0224 -0.0173 0.0922  8  GLN A NE2 
70  N N   . GLU A 10 ? 0.3436 0.3375 0.4399 -0.0144 -0.0143 0.0724  9  GLU A N   
71  C CA  . GLU A 10 ? 0.3539 0.3470 0.4502 -0.0118 -0.0136 0.0706  9  GLU A CA  
72  C C   . GLU A 10 ? 0.4262 0.4173 0.5181 -0.0107 -0.0123 0.0642  9  GLU A C   
73  O O   . GLU A 10 ? 0.3376 0.3267 0.4293 -0.0077 -0.0105 0.0627  9  GLU A O   
74  C CB  . GLU A 10 ? 0.3778 0.3731 0.4742 -0.0130 -0.0165 0.0716  9  GLU A CB  
75  C CG  . GLU A 10 ? 0.5753 0.5695 0.6720 -0.0100 -0.0156 0.0707  9  GLU A CG  
76  C CD  . GLU A 10 ? 0.6516 0.6469 0.7472 -0.0113 -0.0185 0.0702  9  GLU A CD  
77  O OE1 . GLU A 10 ? 0.5659 0.5630 0.6614 -0.0144 -0.0214 0.0717  9  GLU A OE1 
78  O OE2 . GLU A 10 ? 0.5501 0.5440 0.6445 -0.0093 -0.0180 0.0684  9  GLU A OE2 
79  N N   . LEU A 11 ? 0.3671 0.3590 0.4558 -0.0133 -0.0134 0.0606  10 LEU A N   
80  C CA  . LEU A 11 ? 0.4176 0.4082 0.5029 -0.0125 -0.0125 0.0545  10 LEU A CA  
81  C C   . LEU A 11 ? 0.3173 0.3053 0.4031 -0.0109 -0.0098 0.0536  10 LEU A C   
82  O O   . LEU A 11 ? 0.4071 0.3932 0.4913 -0.0087 -0.0088 0.0498  10 LEU A O   
83  C CB  . LEU A 11 ? 0.3645 0.3570 0.4469 -0.0158 -0.0140 0.0512  10 LEU A CB  
84  C CG  . LEU A 11 ? 0.3324 0.3248 0.4125 -0.0151 -0.0135 0.0448  10 LEU A CG  
85  C CD1 . LEU A 11 ? 0.3811 0.3727 0.4601 -0.0126 -0.0146 0.0426  10 LEU A CD1 
86  C CD2 . LEU A 11 ? 0.3557 0.3504 0.4333 -0.0184 -0.0143 0.0420  10 LEU A CD2 
87  N N   . GLU A 12 ? 0.3474 0.3349 0.4350 -0.0120 -0.0087 0.0569  11 GLU A N   
88  C CA  . GLU A 12 ? 0.4399 0.4241 0.5281 -0.0103 -0.0061 0.0564  11 GLU A CA  
89  C C   . GLU A 12 ? 0.4215 0.4033 0.5111 -0.0062 -0.0044 0.0578  11 GLU A C   
90  O O   . GLU A 12 ? 0.3942 0.3728 0.4819 -0.0041 -0.0027 0.0546  11 GLU A O   
91  C CB  . GLU A 12 ? 0.5286 0.5123 0.6186 -0.0120 -0.0056 0.0603  11 GLU A CB  
92  C CG  . GLU A 12 ? 0.6527 0.6325 0.7425 -0.0108 -0.0031 0.0592  11 GLU A CG  
93  C CD  . GLU A 12 ? 0.8733 0.8522 0.9649 -0.0125 -0.0027 0.0632  11 GLU A CD  
94  O OE1 . GLU A 12 ? 0.8690 0.8501 0.9623 -0.0139 -0.0042 0.0676  11 GLU A OE1 
95  O OE2 . GLU A 12 ? 0.9568 0.9323 1.0479 -0.0125 -0.0009 0.0621  11 GLU A OE2 
96  N N   . ALA A 13 ? 0.4145 0.3978 0.5070 -0.0052 -0.0048 0.0623  12 ALA A N   
97  C CA  . ALA A 13 ? 0.3413 0.3227 0.4351 -0.0014 -0.0028 0.0638  12 ALA A CA  
98  C C   . ALA A 13 ? 0.3764 0.3564 0.4663 0.0003  -0.0029 0.0591  12 ALA A C   
99  O O   . ALA A 13 ? 0.3459 0.3224 0.4342 0.0033  -0.0007 0.0576  12 ALA A O   
100 C CB  . ALA A 13 ? 0.4060 0.3902 0.5043 -0.0012 -0.0036 0.0694  12 ALA A CB  
101 N N   . LEU A 14 ? 0.4071 0.3895 0.4952 -0.0016 -0.0056 0.0567  13 LEU A N   
102 C CA  . LEU A 14 ? 0.3543 0.3354 0.4388 -0.0001 -0.0062 0.0523  13 LEU A CA  
103 C C   . LEU A 14 ? 0.3487 0.3273 0.4302 0.0005  -0.0053 0.0471  13 LEU A C   
104 O O   . LEU A 14 ? 0.3542 0.3299 0.4330 0.0031  -0.0047 0.0443  13 LEU A O   
105 C CB  . LEU A 14 ? 0.3309 0.3149 0.4144 -0.0023 -0.0093 0.0508  13 LEU A CB  
106 C CG  . LEU A 14 ? 0.3771 0.3628 0.4630 -0.0026 -0.0105 0.0553  13 LEU A CG  
107 C CD1 . LEU A 14 ? 0.4023 0.3902 0.4866 -0.0051 -0.0137 0.0534  13 LEU A CD1 
108 C CD2 . LEU A 14 ? 0.3858 0.3695 0.4713 0.0007  -0.0093 0.0561  13 LEU A CD2 
109 N N   . ALA A 15 ? 0.3958 0.3754 0.4775 -0.0021 -0.0056 0.0457  14 ALA A N   
110 C CA  . ALA A 15 ? 0.3851 0.3625 0.4648 -0.0019 -0.0049 0.0411  14 ALA A CA  
111 C C   . ALA A 15 ? 0.3243 0.2970 0.4034 0.0010  -0.0023 0.0418  14 ALA A C   
112 O O   . ALA A 15 ? 0.3836 0.3534 0.4599 0.0028  -0.0020 0.0379  14 ALA A O   
113 C CB  . ALA A 15 ? 0.3242 0.3034 0.4048 -0.0055 -0.0051 0.0403  14 ALA A CB  
114 N N   . LYS A 16 ? 0.3308 0.3027 0.4127 0.0015  -0.0005 0.0467  15 LYS A N   
115 C CA  . LYS A 16 ? 0.4147 0.3819 0.4961 0.0046  0.0022  0.0475  15 LYS A CA  
116 C C   . LYS A 16 ? 0.3503 0.3155 0.4292 0.0081  0.0030  0.0468  15 LYS A C   
117 O O   . LYS A 16 ? 0.3809 0.3415 0.4567 0.0106  0.0045  0.0444  15 LYS A O   
118 C CB  . LYS A 16 ? 0.4309 0.3983 0.5165 0.0050  0.0039  0.0534  15 LYS A CB  
119 C CG  . LYS A 16 ? 0.6603 0.6286 0.7477 0.0018  0.0034  0.0546  15 LYS A CG  
120 C CD  . LYS A 16 ? 0.7864 0.7524 0.8769 0.0032  0.0056  0.0592  15 LYS A CD  
121 C CE  . LYS A 16 ? 0.7794 0.7462 0.8716 -0.0001 0.0048  0.0611  15 LYS A CE  
122 N NZ  . LYS A 16 ? 0.8440 0.8154 0.9395 -0.0020 0.0029  0.0657  15 LYS A NZ  
123 N N   . LYS A 17 ? 0.3237 0.2919 0.4038 0.0082  0.0019  0.0489  16 LYS A N   
124 C CA  . LYS A 17 ? 0.3422 0.3083 0.4197 0.0112  0.0026  0.0486  16 LYS A CA  
125 C C   . LYS A 17 ? 0.4379 0.4019 0.5103 0.0119  0.0011  0.0427  16 LYS A C   
126 O O   . LYS A 17 ? 0.3422 0.3019 0.4107 0.0148  0.0023  0.0412  16 LYS A O   
127 C CB  . LYS A 17 ? 0.3241 0.2941 0.4042 0.0106  0.0012  0.0520  16 LYS A CB  
128 C CG  . LYS A 17 ? 0.4481 0.4161 0.5253 0.0133  0.0017  0.0520  16 LYS A CG  
129 C CD  . LYS A 17 ? 0.6705 0.6358 0.7486 0.0166  0.0056  0.0554  16 LYS A CD  
130 C CE  . LYS A 17 ? 0.7762 0.7419 0.8540 0.0182  0.0060  0.0579  16 LYS A CE  
131 N NZ  . LYS A 17 ? 0.9225 0.8934 1.0057 0.0157  0.0042  0.0620  16 LYS A NZ  
132 N N   . LEU A 18 ? 0.3029 0.2696 0.3751 0.0092  -0.0017 0.0393  17 LEU A N   
133 C CA  . LEU A 18 ? 0.3909 0.3561 0.4592 0.0097  -0.0034 0.0337  17 LEU A CA  
134 C C   . LEU A 18 ? 0.3580 0.3188 0.4238 0.0109  -0.0022 0.0307  17 LEU A C   
135 O O   . LEU A 18 ? 0.3783 0.3357 0.4399 0.0131  -0.0026 0.0276  17 LEU A O   
136 C CB  . LEU A 18 ? 0.3741 0.3437 0.4436 0.0065  -0.0062 0.0308  17 LEU A CB  
137 C CG  . LEU A 18 ? 0.3341 0.3031 0.4006 0.0072  -0.0083 0.0250  17 LEU A CG  
138 C CD1 . LEU A 18 ? 0.3876 0.3542 0.4507 0.0101  -0.0091 0.0250  17 LEU A CD1 
139 C CD2 . LEU A 18 ? 0.3106 0.2843 0.3790 0.0043  -0.0106 0.0227  17 LEU A CD2 
140 N N   . LYS A 19 ? 0.3529 0.3136 0.4211 0.0093  -0.0008 0.0317  18 LYS A N   
141 C CA  . LYS A 19 ? 0.3838 0.3396 0.4495 0.0102  0.0004  0.0291  18 LYS A CA  
142 C C   . LYS A 19 ? 0.3334 0.2837 0.3958 0.0143  0.0027  0.0303  18 LYS A C   
143 O O   . LYS A 19 ? 0.4033 0.3491 0.4612 0.0160  0.0027  0.0267  18 LYS A O   
144 C CB  . LYS A 19 ? 0.4357 0.3917 0.5047 0.0080  0.0017  0.0309  18 LYS A CB  
145 C CG  . LYS A 19 ? 0.4697 0.4202 0.5366 0.0088  0.0029  0.0285  18 LYS A CG  
146 C CD  . LYS A 19 ? 0.4985 0.4480 0.5684 0.0072  0.0047  0.0317  18 LYS A CD  
147 C CE  . LYS A 19 ? 0.6542 0.5987 0.7223 0.0069  0.0052  0.0287  18 LYS A CE  
148 N NZ  . LYS A 19 ? 0.6194 0.5620 0.6903 0.0060  0.0073  0.0323  18 LYS A NZ  
149 N N   . ALA A 20 ? 0.3995 0.3503 0.4640 0.0158  0.0049  0.0354  19 ALA A N   
150 C CA  . ALA A 20 ? 0.4156 0.3618 0.4771 0.0197  0.0077  0.0369  19 ALA A CA  
151 C C   . ALA A 20 ? 0.3624 0.3067 0.4186 0.0217  0.0065  0.0340  19 ALA A C   
152 O O   . ALA A 20 ? 0.3812 0.3199 0.4320 0.0245  0.0078  0.0320  19 ALA A O   
153 C CB  . ALA A 20 ? 0.3774 0.3260 0.4434 0.0206  0.0101  0.0431  19 ALA A CB  
154 N N   . LEU A 21 ? 0.3234 0.2719 0.3805 0.0203  0.0040  0.0339  20 LEU A N   
155 C CA  . LEU A 21 ? 0.3415 0.2881 0.3935 0.0221  0.0023  0.0313  20 LEU A CA  
156 C C   . LEU A 21 ? 0.4218 0.3653 0.4696 0.0222  0.0002  0.0254  20 LEU A C   
157 O O   . LEU A 21 ? 0.4067 0.3456 0.4485 0.0248  0.0000  0.0232  20 LEU A O   
158 C CB  . LEU A 21 ? 0.3950 0.3465 0.4494 0.0204  -0.0002 0.0322  20 LEU A CB  
159 C CG  . LEU A 21 ? 0.4365 0.3906 0.4947 0.0205  0.0015  0.0381  20 LEU A CG  
160 C CD1 . LEU A 21 ? 0.4130 0.3715 0.4733 0.0184  -0.0015 0.0387  20 LEU A CD1 
161 C CD2 . LEU A 21 ? 0.4066 0.3567 0.4614 0.0240  0.0042  0.0402  20 LEU A CD2 
162 N N   . ALA A 22 ? 0.3601 0.3062 0.4106 0.0193  -0.0015 0.0228  21 ALA A N   
163 C CA  . ALA A 22 ? 0.4187 0.3624 0.4663 0.0191  -0.0036 0.0172  21 ALA A CA  
164 C C   . ALA A 22 ? 0.4344 0.3709 0.4771 0.0216  -0.0015 0.0163  21 ALA A C   
165 O O   . ALA A 22 ? 0.4141 0.3466 0.4513 0.0233  -0.0030 0.0126  21 ALA A O   
166 C CB  . ALA A 22 ? 0.3573 0.3050 0.4096 0.0153  -0.0049 0.0154  21 ALA A CB  
167 N N   . TRP A 23 ? 0.3945 0.3293 0.4389 0.0220  0.0017  0.0196  22 TRP A N   
168 C CA  . TRP A 23 ? 0.3498 0.2774 0.3897 0.0243  0.0038  0.0184  22 TRP A CA  
169 C C   . TRP A 23 ? 0.4004 0.3234 0.4345 0.0284  0.0059  0.0196  22 TRP A C   
170 O O   . TRP A 23 ? 0.4422 0.3584 0.4697 0.0307  0.0065  0.0170  22 TRP A O   
171 C CB  . TRP A 23 ? 0.3287 0.2557 0.3725 0.0235  0.0066  0.0213  22 TRP A CB  
172 C CG  . TRP A 23 ? 0.3999 0.3280 0.4461 0.0199  0.0046  0.0181  22 TRP A CG  
173 C CD1 . TRP A 23 ? 0.4204 0.3549 0.4720 0.0162  0.0028  0.0183  22 TRP A CD1 
174 C CD2 . TRP A 23 ? 0.4234 0.3458 0.4664 0.0198  0.0041  0.0142  22 TRP A CD2 
175 N NE1 . TRP A 23 ? 0.3618 0.2954 0.4141 0.0136  0.0015  0.0149  22 TRP A NE1 
176 C CE2 . TRP A 23 ? 0.4460 0.3724 0.4933 0.0157  0.0021  0.0124  22 TRP A CE2 
177 C CE3 . TRP A 23 ? 0.4311 0.3455 0.4678 0.0226  0.0052  0.0120  22 TRP A CE3 
178 C CZ2 . TRP A 23 ? 0.4959 0.4185 0.5422 0.0141  0.0011  0.0086  22 TRP A CZ2 
179 C CZ3 . TRP A 23 ? 0.4735 0.3839 0.5086 0.0211  0.0039  0.0081  22 TRP A CZ3 
180 C CH2 . TRP A 23 ? 0.4371 0.3517 0.4773 0.0168  0.0018  0.0065  22 TRP A CH2 
181 N N   . LYS A 24 ? 0.4346 0.3611 0.4707 0.0292  0.0070  0.0237  23 LYS A N   
182 C CA  . LYS A 24 ? 0.3707 0.2931 0.4009 0.0328  0.0088  0.0247  23 LYS A CA  
183 C C   . LYS A 24 ? 0.4476 0.3672 0.4712 0.0334  0.0053  0.0200  23 LYS A C   
184 O O   . LYS A 24 ? 0.4506 0.3638 0.4667 0.0364  0.0063  0.0185  23 LYS A O   
185 C CB  . LYS A 24 ? 0.5243 0.4514 0.5587 0.0328  0.0100  0.0299  23 LYS A CB  
186 C CG  . LYS A 24 ? 0.5856 0.5088 0.6142 0.0363  0.0123  0.0316  23 LYS A CG  
187 C CD  . LYS A 24 ? 0.7480 0.6747 0.7818 0.0370  0.0157  0.0378  23 LYS A CD  
188 C CE  . LYS A 24 ? 0.8074 0.7416 0.8486 0.0335  0.0132  0.0402  23 LYS A CE  
189 N NZ  . LYS A 24 ? 0.8154 0.7535 0.8636 0.0335  0.0162  0.0464  23 LYS A NZ  
190 N N   . LEU A 25 ? 0.4021 0.3263 0.4284 0.0308  0.0012  0.0174  24 LEU A N   
191 C CA  . LEU A 25 ? 0.4458 0.3678 0.4669 0.0314  -0.0027 0.0128  24 LEU A CA  
192 C C   . LEU A 25 ? 0.5458 0.4625 0.5625 0.0318  -0.0036 0.0082  24 LEU A C   
193 O O   . LEU A 25 ? 0.4919 0.4030 0.5011 0.0340  -0.0050 0.0055  24 LEU A O   
194 C CB  . LEU A 25 ? 0.4368 0.3654 0.4626 0.0286  -0.0065 0.0110  24 LEU A CB  
195 C CG  . LEU A 25 ? 0.4713 0.3990 0.4935 0.0291  -0.0110 0.0062  24 LEU A CG  
196 C CD1 . LEU A 25 ? 0.4517 0.3745 0.4665 0.0324  -0.0111 0.0070  24 LEU A CD1 
197 C CD2 . LEU A 25 ? 0.3995 0.3341 0.4274 0.0264  -0.0141 0.0051  24 LEU A CD2 
198 N N   . LYS A 26 ? 0.4923 0.4102 0.5134 0.0295  -0.0032 0.0075  25 LYS A N   
199 C CA  . LYS A 26 ? 0.5427 0.4550 0.5600 0.0295  -0.0038 0.0036  25 LYS A CA  
200 C C   . LYS A 26 ? 0.5773 0.4813 0.5867 0.0333  -0.0008 0.0043  25 LYS A C   
201 O O   . LYS A 26 ? 0.5772 0.4751 0.5795 0.0348  -0.0024 0.0004  25 LYS A O   
202 C CB  . LYS A 26 ? 0.5321 0.4466 0.5555 0.0267  -0.0029 0.0040  25 LYS A CB  
203 C CG  . LYS A 26 ? 0.5382 0.4586 0.5671 0.0229  -0.0065 0.0009  25 LYS A CG  
204 C CD  . LYS A 26 ? 0.5313 0.4537 0.5659 0.0199  -0.0049 0.0022  25 LYS A CD  
205 C CE  . LYS A 26 ? 0.6606 0.5875 0.6995 0.0161  -0.0082 -0.0016 25 LYS A CE  
206 N NZ  . LYS A 26 ? 0.8059 0.7280 0.8416 0.0158  -0.0103 -0.0064 25 LYS A NZ  
207 N N   . ALA A 27 ? 0.4461 0.3498 0.4568 0.0350  0.0038  0.0091  26 ALA A N   
208 C CA  . ALA A 27 ? 0.5408 0.4369 0.5444 0.0390  0.0074  0.0101  26 ALA A CA  
209 C C   . ALA A 27 ? 0.6838 0.5762 0.6789 0.0415  0.0062  0.0086  26 ALA A C   
210 O O   . ALA A 27 ? 0.7365 0.6212 0.7231 0.0436  0.0060  0.0056  26 ALA A O   
211 C CB  . ALA A 27 ? 0.4691 0.3675 0.4772 0.0401  0.0124  0.0161  26 ALA A CB  
212 N N   . LEU A 28 ? 0.6291 0.5265 0.6263 0.0412  0.0051  0.0108  27 LEU A N   
213 C CA  . LEU A 28 ? 0.5679 0.4615 0.5571 0.0434  0.0035  0.0095  27 LEU A CA  
214 C C   . LEU A 28 ? 0.6465 0.5367 0.6304 0.0430  -0.0015 0.0036  27 LEU A C   
215 O O   . LEU A 28 ? 0.7889 0.6724 0.7633 0.0456  -0.0022 0.0017  27 LEU A O   
216 C CB  . LEU A 28 ? 0.5082 0.4080 0.5014 0.0426  0.0023  0.0124  27 LEU A CB  
217 C CG  . LEU A 28 ? 0.5421 0.4459 0.5409 0.0428  0.0066  0.0186  27 LEU A CG  
218 C CD1 . LEU A 28 ? 0.6615 0.5707 0.6638 0.0414  0.0042  0.0205  27 LEU A CD1 
219 C CD2 . LEU A 28 ? 0.6416 0.5395 0.6343 0.0465  0.0116  0.0213  27 LEU A CD2 
220 N N   . ALA A 29 ? 0.6040 0.4987 0.5940 0.0398  -0.0050 0.0006  28 ALA A N   
221 C CA  . ALA A 29 ? 0.6320 0.5248 0.6186 0.0391  -0.0102 -0.0049 28 ALA A CA  
222 C C   . ALA A 29 ? 0.8995 0.7835 0.8785 0.0405  -0.0099 -0.0082 28 ALA A C   
223 O O   . ALA A 29 ? 1.0263 0.9060 0.9988 0.0413  -0.0138 -0.0121 28 ALA A O   
224 C CB  . ALA A 29 ? 0.5489 0.4491 0.5446 0.0352  -0.0134 -0.0070 28 ALA A CB  
225 N N   . GLN A 30 ? 0.7133 0.5945 0.6930 0.0408  -0.0057 -0.0065 29 GLN A N   
226 C CA  . GLN A 30 ? 0.7717 0.6439 0.7438 0.0421  -0.0056 -0.0099 29 GLN A CA  
227 C C   . GLN A 30 ? 0.9513 0.8152 0.9116 0.0462  -0.0041 -0.0100 29 GLN A C   
228 O O   . GLN A 30 ? 1.0020 0.8588 0.9538 0.0472  -0.0068 -0.0142 29 GLN A O   
229 C CB  . GLN A 30 ? 0.7785 0.6491 0.7541 0.0417  -0.0012 -0.0080 29 GLN A CB  
230 C CG  . GLN A 30 ? 0.8679 0.7473 0.8552 0.0383  -0.0006 -0.0053 29 GLN A CG  
231 C CD  . GLN A 30 ? 0.9861 0.8691 0.9786 0.0344  -0.0053 -0.0091 29 GLN A CD  
232 O OE1 . GLN A 30 ? 0.9469 0.8251 0.9370 0.0334  -0.0066 -0.0127 29 GLN A OE1 
233 N NE2 . GLN A 30 ? 0.9645 0.8562 0.9642 0.0318  -0.0075 -0.0086 29 GLN A NE2 
234 N N   . GLY A 31 ? 0.9931 0.8578 0.9523 0.0485  -0.0001 -0.0054 30 GLY A N   
235 C CA  . GLY A 31 ? 1.1238 0.9812 1.0717 0.0522  0.0017  -0.0050 30 GLY A CA  
236 C C   . GLY A 31 ? 1.1786 1.0396 1.1281 0.0537  0.0052  0.0003  30 GLY A C   
237 O O   . GLY A 31 ? 1.1924 1.0582 1.1495 0.0534  0.0092  0.0046  30 GLY A O   
238 N N   . GLY B 2  ? 0.8334 0.8383 0.8586 -0.0449 -0.0201 0.0173  1  GLY B N   
239 C CA  . GLY B 2  ? 0.6676 0.6761 0.6966 -0.0442 -0.0160 0.0140  1  GLY B CA  
240 C C   . GLY B 2  ? 0.5874 0.5970 0.6239 -0.0424 -0.0155 0.0158  1  GLY B C   
241 O O   . GLY B 2  ? 0.6211 0.6313 0.6619 -0.0392 -0.0163 0.0134  1  GLY B O   
242 N N   . GLU B 3  ? 0.5395 0.5489 0.5770 -0.0442 -0.0144 0.0199  2  GLU B N   
243 C CA  . GLU B 3  ? 0.5968 0.6070 0.6408 -0.0426 -0.0133 0.0210  2  GLU B CA  
244 C C   . GLU B 3  ? 0.5100 0.5182 0.5572 -0.0398 -0.0163 0.0235  2  GLU B C   
245 O O   . GLU B 3  ? 0.4540 0.4628 0.5060 -0.0371 -0.0158 0.0219  2  GLU B O   
246 C CB  . GLU B 3  ? 0.6172 0.6269 0.6611 -0.0452 -0.0116 0.0253  2  GLU B CB  
247 C CG  . GLU B 3  ? 0.8147 0.8270 0.8611 -0.0461 -0.0077 0.0226  2  GLU B CG  
248 C CD  . GLU B 3  ? 0.9449 0.9561 0.9896 -0.0493 -0.0062 0.0268  2  GLU B CD  
249 O OE1 . GLU B 3  ? 1.0537 1.0632 1.0930 -0.0518 -0.0073 0.0300  2  GLU B OE1 
250 O OE2 . GLU B 3  ? 1.0506 1.0624 1.0994 -0.0494 -0.0041 0.0270  2  GLU B OE2 
251 N N   . LEU B 4  ? 0.4681 0.4740 0.5129 -0.0407 -0.0193 0.0275  3  LEU B N   
252 C CA  . LEU B 4  ? 0.4943 0.4984 0.5425 -0.0383 -0.0218 0.0304  3  LEU B CA  
253 C C   . LEU B 4  ? 0.5236 0.5279 0.5730 -0.0354 -0.0229 0.0262  3  LEU B C   
254 O O   . LEU B 4  ? 0.4138 0.4175 0.4672 -0.0326 -0.0232 0.0265  3  LEU B O   
255 C CB  . LEU B 4  ? 0.4270 0.4293 0.4729 -0.0401 -0.0250 0.0356  3  LEU B CB  
256 C CG  . LEU B 4  ? 0.5431 0.5441 0.5934 -0.0385 -0.0268 0.0403  3  LEU B CG  
257 C CD1 . LEU B 4  ? 0.5660 0.5673 0.6205 -0.0379 -0.0245 0.0431  3  LEU B CD1 
258 C CD2 . LEU B 4  ? 0.5738 0.5734 0.6221 -0.0405 -0.0305 0.0450  3  LEU B CD2 
259 N N   . GLU B 5  ? 0.4599 0.4642 0.5052 -0.0359 -0.0236 0.0224  4  GLU B N   
260 C CA  . GLU B 5  ? 0.4662 0.4703 0.5123 -0.0331 -0.0246 0.0181  4  GLU B CA  
261 C C   . GLU B 5  ? 0.4399 0.4462 0.4903 -0.0306 -0.0221 0.0142  4  GLU B C   
262 O O   . GLU B 5  ? 0.4833 0.4889 0.5364 -0.0276 -0.0233 0.0127  4  GLU B O   
263 C CB  . GLU B 5  ? 0.5846 0.5882 0.6252 -0.0341 -0.0252 0.0143  4  GLU B CB  
264 C CG  . GLU B 5  ? 0.8715 0.8719 0.9079 -0.0355 -0.0289 0.0169  4  GLU B CG  
265 C CD  . GLU B 5  ? 1.1499 1.1484 1.1843 -0.0336 -0.0308 0.0129  4  GLU B CD  
266 O OE1 . GLU B 5  ? 1.2210 1.2210 1.2559 -0.0317 -0.0290 0.0074  4  GLU B OE1 
267 O OE2 . GLU B 5  ? 1.2310 1.2263 1.2636 -0.0340 -0.0343 0.0151  4  GLU B OE2 
268 N N   . ALA B 6  ? 0.4096 0.4186 0.4605 -0.0320 -0.0190 0.0124  5  ALA B N   
269 C CA  . ALA B 6  ? 0.4713 0.4827 0.5267 -0.0300 -0.0171 0.0086  5  ALA B CA  
270 C C   . ALA B 6  ? 0.4324 0.4425 0.4920 -0.0283 -0.0172 0.0115  5  ALA B C   
271 O O   . ALA B 6  ? 0.4154 0.4258 0.4782 -0.0255 -0.0174 0.0088  5  ALA B O   
272 C CB  . ALA B 6  ? 0.4988 0.5134 0.5543 -0.0324 -0.0137 0.0066  5  ALA B CB  
273 N N   . LEU B 7  ? 0.4169 0.4254 0.4764 -0.0299 -0.0172 0.0169  6  LEU B N   
274 C CA  . LEU B 7  ? 0.3910 0.3979 0.4541 -0.0280 -0.0171 0.0197  6  LEU B CA  
275 C C   . LEU B 7  ? 0.3661 0.3708 0.4298 -0.0252 -0.0195 0.0205  6  LEU B C   
276 O O   . LEU B 7  ? 0.3831 0.3870 0.4495 -0.0225 -0.0194 0.0201  6  LEU B O   
277 C CB  . LEU B 7  ? 0.4297 0.4354 0.4926 -0.0302 -0.0166 0.0253  6  LEU B CB  
278 C CG  . LEU B 7  ? 0.7351 0.7391 0.8014 -0.0289 -0.0157 0.0288  6  LEU B CG  
279 C CD1 . LEU B 7  ? 0.8505 0.8538 0.9162 -0.0316 -0.0150 0.0335  6  LEU B CD1 
280 C CD2 . LEU B 7  ? 0.8029 0.8048 0.8710 -0.0260 -0.0174 0.0314  6  LEU B CD2 
281 N N   . ALA B 8  ? 0.3320 0.3357 0.3932 -0.0258 -0.0220 0.0220  7  ALA B N   
282 C CA  . ALA B 8  ? 0.3448 0.3464 0.4066 -0.0234 -0.0243 0.0228  7  ALA B CA  
283 C C   . ALA B 8  ? 0.4617 0.4634 0.5241 -0.0205 -0.0245 0.0175  7  ALA B C   
284 O O   . ALA B 8  ? 0.3876 0.3875 0.4515 -0.0178 -0.0253 0.0179  7  ALA B O   
285 C CB  . ALA B 8  ? 0.3668 0.3672 0.4255 -0.0251 -0.0270 0.0249  7  ALA B CB  
286 N N   . GLN B 9  ? 0.3927 0.3966 0.4539 -0.0210 -0.0237 0.0127  8  GLN B N   
287 C CA  . GLN B 9  ? 0.4216 0.4261 0.4840 -0.0182 -0.0241 0.0074  8  GLN B CA  
288 C C   . GLN B 9  ? 0.3861 0.3911 0.4519 -0.0163 -0.0226 0.0065  8  GLN B C   
289 O O   . GLN B 9  ? 0.4059 0.4096 0.4729 -0.0134 -0.0237 0.0049  8  GLN B O   
290 C CB  . GLN B 9  ? 0.4346 0.4419 0.4957 -0.0191 -0.0231 0.0026  8  GLN B CB  
291 C CG  . GLN B 9  ? 0.6791 0.6850 0.7360 -0.0201 -0.0249 0.0021  8  GLN B CG  
292 C CD  . GLN B 9  ? 0.8977 0.9011 0.9540 -0.0172 -0.0276 0.0001  8  GLN B CD  
293 O OE1 . GLN B 9  ? 0.9203 0.9203 0.9749 -0.0172 -0.0300 0.0034  8  GLN B OE1 
294 N NE2 . GLN B 9  ? 0.7869 0.7917 0.8448 -0.0148 -0.0274 -0.0051 8  GLN B NE2 
295 N N   . GLU B 10 ? 0.4196 0.4261 0.4869 -0.0182 -0.0202 0.0075  9  GLU B N   
296 C CA  . GLU B 10 ? 0.3696 0.3761 0.4399 -0.0168 -0.0190 0.0069  9  GLU B CA  
297 C C   . GLU B 10 ? 0.4140 0.4168 0.4845 -0.0146 -0.0200 0.0105  9  GLU B C   
298 O O   . GLU B 10 ? 0.3368 0.3385 0.4086 -0.0120 -0.0201 0.0087  9  GLU B O   
299 C CB  . GLU B 10 ? 0.4438 0.4517 0.5152 -0.0195 -0.0164 0.0084  9  GLU B CB  
300 C CG  . GLU B 10 ? 0.6293 0.6408 0.7025 -0.0208 -0.0146 0.0039  9  GLU B CG  
301 C CD  . GLU B 10 ? 0.7800 0.7921 0.8545 -0.0234 -0.0122 0.0058  9  GLU B CD  
302 O OE1 . GLU B 10 ? 0.8268 0.8397 0.8994 -0.0265 -0.0109 0.0081  9  GLU B OE1 
303 O OE2 . GLU B 10 ? 0.8046 0.8158 0.8816 -0.0225 -0.0115 0.0052  9  GLU B OE2 
304 N N   . LEU B 11 ? 0.3251 0.3264 0.3947 -0.0156 -0.0204 0.0155  10 LEU B N   
305 C CA  . LEU B 11 ? 0.3389 0.3371 0.4091 -0.0135 -0.0209 0.0192  10 LEU B CA  
306 C C   . LEU B 11 ? 0.3513 0.3478 0.4204 -0.0107 -0.0230 0.0176  10 LEU B C   
307 O O   . LEU B 11 ? 0.3627 0.3568 0.4323 -0.0083 -0.0229 0.0183  10 LEU B O   
308 C CB  . LEU B 11 ? 0.3713 0.3690 0.4413 -0.0155 -0.0211 0.0250  10 LEU B CB  
309 C CG  . LEU B 11 ? 0.5256 0.5211 0.5974 -0.0138 -0.0207 0.0298  10 LEU B CG  
310 C CD1 . LEU B 11 ? 0.5814 0.5756 0.6547 -0.0121 -0.0185 0.0292  10 LEU B CD1 
311 C CD2 . LEU B 11 ? 0.4033 0.3993 0.4759 -0.0164 -0.0209 0.0353  10 LEU B CD2 
312 N N   . GLU B 12 ? 0.3534 0.3506 0.4209 -0.0113 -0.0248 0.0154  11 GLU B N   
313 C CA  . GLU B 12 ? 0.2727 0.2677 0.3390 -0.0087 -0.0270 0.0138  11 GLU B CA  
314 C C   . GLU B 12 ? 0.2728 0.2679 0.3398 -0.0060 -0.0270 0.0091  11 GLU B C   
315 O O   . GLU B 12 ? 0.3535 0.3459 0.4199 -0.0033 -0.0280 0.0090  11 GLU B O   
316 C CB  . GLU B 12 ? 0.3264 0.3216 0.3904 -0.0098 -0.0290 0.0123  11 GLU B CB  
317 C CG  . GLU B 12 ? 0.3828 0.3770 0.4457 -0.0121 -0.0301 0.0172  11 GLU B CG  
318 C CD  . GLU B 12 ? 0.5858 0.5796 0.6460 -0.0133 -0.0322 0.0154  11 GLU B CD  
319 O OE1 . GLU B 12 ? 0.6512 0.6452 0.7103 -0.0120 -0.0328 0.0104  11 GLU B OE1 
320 O OE2 . GLU B 12 ? 0.6352 0.6282 0.6941 -0.0156 -0.0336 0.0189  11 GLU B OE2 
321 N N   . ALA B 13 ? 0.2979 0.2961 0.3662 -0.0069 -0.0257 0.0053  12 ALA B N   
322 C CA  . ALA B 13 ? 0.3653 0.3640 0.4350 -0.0046 -0.0259 0.0010  12 ALA B CA  
323 C C   . ALA B 13 ? 0.3509 0.3472 0.4212 -0.0032 -0.0250 0.0028  12 ALA B C   
324 O O   . ALA B 13 ? 0.3628 0.3572 0.4325 -0.0004 -0.0261 0.0008  12 ALA B O   
325 C CB  . ALA B 13 ? 0.4116 0.4147 0.4835 -0.0064 -0.0246 -0.0030 12 ALA B CB  
326 N N   . LEU B 14 ? 0.3119 0.3080 0.3828 -0.0050 -0.0229 0.0065  13 LEU B N   
327 C CA  . LEU B 14 ? 0.2994 0.2929 0.3704 -0.0036 -0.0218 0.0081  13 LEU B CA  
328 C C   . LEU B 14 ? 0.3152 0.3046 0.3842 -0.0010 -0.0225 0.0112  13 LEU B C   
329 O O   . LEU B 14 ? 0.3168 0.3034 0.3846 0.0014  -0.0223 0.0106  13 LEU B O   
330 C CB  . LEU B 14 ? 0.3496 0.3437 0.4221 -0.0059 -0.0193 0.0114  13 LEU B CB  
331 C CG  . LEU B 14 ? 0.5665 0.5639 0.6407 -0.0086 -0.0180 0.0086  13 LEU B CG  
332 C CD1 . LEU B 14 ? 0.5408 0.5379 0.6160 -0.0108 -0.0158 0.0123  13 LEU B CD1 
333 C CD2 . LEU B 14 ? 0.5491 0.5470 0.6247 -0.0073 -0.0183 0.0036  13 LEU B CD2 
334 N N   . ALA B 15 ? 0.3408 0.3300 0.4092 -0.0017 -0.0233 0.0144  14 ALA B N   
335 C CA  . ALA B 15 ? 0.2995 0.2852 0.3663 0.0005  -0.0240 0.0173  14 ALA B CA  
336 C C   . ALA B 15 ? 0.3537 0.3375 0.4183 0.0033  -0.0261 0.0135  14 ALA B C   
337 O O   . ALA B 15 ? 0.3590 0.3394 0.4219 0.0058  -0.0261 0.0146  14 ALA B O   
338 C CB  . ALA B 15 ? 0.3177 0.3039 0.3847 -0.0011 -0.0250 0.0211  14 ALA B CB  
339 N N   . LYS B 16 ? 0.3269 0.3128 0.3917 0.0030  -0.0278 0.0093  15 LYS B N   
340 C CA  . LYS B 16 ? 0.3304 0.3144 0.3935 0.0058  -0.0301 0.0055  15 LYS B CA  
341 C C   . LYS B 16 ? 0.3215 0.3048 0.3846 0.0076  -0.0298 0.0028  15 LYS B C   
342 O O   . LYS B 16 ? 0.3260 0.3058 0.3865 0.0103  -0.0311 0.0021  15 LYS B O   
343 C CB  . LYS B 16 ? 0.3071 0.2940 0.3710 0.0051  -0.0318 0.0015  15 LYS B CB  
344 C CG  . LYS B 16 ? 0.3606 0.3471 0.4235 0.0037  -0.0330 0.0037  15 LYS B CG  
345 C CD  . LYS B 16 ? 0.3803 0.3693 0.4436 0.0029  -0.0341 -0.0004 15 LYS B CD  
346 C CE  . LYS B 16 ? 0.4570 0.4447 0.5184 0.0015  -0.0356 0.0017  15 LYS B CE  
347 N NZ  . LYS B 16 ? 0.4381 0.4283 0.4994 0.0001  -0.0359 -0.0018 15 LYS B NZ  
348 N N   . LYS B 17 ? 0.3012 0.2871 0.3667 0.0060  -0.0280 0.0014  16 LYS B N   
349 C CA  . LYS B 17 ? 0.3464 0.3310 0.4117 0.0074  -0.0278 -0.0010 16 LYS B CA  
350 C C   . LYS B 17 ? 0.3654 0.3453 0.4278 0.0091  -0.0265 0.0027  16 LYS B C   
351 O O   . LYS B 17 ? 0.2939 0.2707 0.3538 0.0115  -0.0273 0.0010  16 LYS B O   
352 C CB  . LYS B 17 ? 0.4054 0.3938 0.4741 0.0048  -0.0261 -0.0026 16 LYS B CB  
353 C CG  . LYS B 17 ? 0.5549 0.5426 0.6241 0.0058  -0.0264 -0.0060 16 LYS B CG  
354 C CD  . LYS B 17 ? 0.7668 0.7596 0.8403 0.0036  -0.0263 -0.0099 16 LYS B CD  
355 C CE  . LYS B 17 ? 0.8271 0.8193 0.9016 0.0043  -0.0269 -0.0132 16 LYS B CE  
356 N NZ  . LYS B 17 ? 0.8966 0.8846 0.9678 0.0079  -0.0296 -0.0146 16 LYS B NZ  
357 N N   . LEU B 18 ? 0.3124 0.2917 0.3750 0.0079  -0.0245 0.0077  17 LEU B N   
358 C CA  . LEU B 18 ? 0.2725 0.2476 0.3328 0.0098  -0.0229 0.0113  17 LEU B CA  
359 C C   . LEU B 18 ? 0.3343 0.3057 0.3909 0.0125  -0.0245 0.0117  17 LEU B C   
360 O O   . LEU B 18 ? 0.3215 0.2889 0.3748 0.0150  -0.0240 0.0117  17 LEU B O   
361 C CB  . LEU B 18 ? 0.3007 0.2768 0.3631 0.0079  -0.0206 0.0166  17 LEU B CB  
362 C CG  . LEU B 18 ? 0.4604 0.4332 0.5219 0.0094  -0.0179 0.0205  17 LEU B CG  
363 C CD1 . LEU B 18 ? 0.5898 0.5604 0.6500 0.0105  -0.0168 0.0177  17 LEU B CD1 
364 C CD2 . LEU B 18 ? 0.3632 0.3382 0.4281 0.0071  -0.0161 0.0251  17 LEU B CD2 
365 N N   . LYS B 19 ? 0.3385 0.3110 0.3952 0.0121  -0.0264 0.0121  18 LYS B N   
366 C CA  . LYS B 19 ? 0.2783 0.2471 0.3315 0.0146  -0.0282 0.0124  18 LYS B CA  
367 C C   . LYS B 19 ? 0.3064 0.2731 0.3570 0.0171  -0.0302 0.0077  18 LYS B C   
368 O O   . LYS B 19 ? 0.3389 0.3010 0.3852 0.0196  -0.0307 0.0084  18 LYS B O   
369 C CB  . LYS B 19 ? 0.3675 0.3376 0.4216 0.0134  -0.0302 0.0131  18 LYS B CB  
370 C CG  . LYS B 19 ? 0.4146 0.3859 0.4707 0.0112  -0.0288 0.0183  18 LYS B CG  
371 C CD  . LYS B 19 ? 0.4491 0.4207 0.5052 0.0101  -0.0313 0.0186  18 LYS B CD  
372 C CE  . LYS B 19 ? 0.4900 0.4634 0.5487 0.0073  -0.0303 0.0233  18 LYS B CE  
373 N NZ  . LYS B 19 ? 0.5074 0.4813 0.5660 0.0056  -0.0330 0.0230  18 LYS B NZ  
374 N N   . ALA B 20 ? 0.3602 0.3302 0.4131 0.0163  -0.0316 0.0031  19 ALA B N   
375 C CA  . ALA B 20 ? 0.3493 0.3181 0.4007 0.0185  -0.0340 -0.0014 19 ALA B CA  
376 C C   . ALA B 20 ? 0.3474 0.3125 0.3957 0.0199  -0.0328 -0.0012 19 ALA B C   
377 O O   . ALA B 20 ? 0.3711 0.3320 0.4151 0.0227  -0.0345 -0.0026 19 ALA B O   
378 C CB  . ALA B 20 ? 0.3383 0.3123 0.3942 0.0170  -0.0350 -0.0060 19 ALA B CB  
379 N N   . LEU B 21 ? 0.3380 0.3038 0.3879 0.0183  -0.0297 0.0005  20 LEU B N   
380 C CA  . LEU B 21 ? 0.3847 0.3464 0.4314 0.0197  -0.0284 0.0005  20 LEU B CA  
381 C C   . LEU B 21 ? 0.3751 0.3315 0.4168 0.0221  -0.0269 0.0045  20 LEU B C   
382 O O   . LEU B 21 ? 0.4024 0.3540 0.4391 0.0244  -0.0271 0.0035  20 LEU B O   
383 C CB  . LEU B 21 ? 0.2947 0.2583 0.3446 0.0175  -0.0255 0.0016  20 LEU B CB  
384 C CG  . LEU B 21 ? 0.3956 0.3641 0.4502 0.0150  -0.0264 -0.0023 20 LEU B CG  
385 C CD1 . LEU B 21 ? 0.4333 0.4036 0.4910 0.0124  -0.0234 -0.0001 20 LEU B CD1 
386 C CD2 . LEU B 21 ? 0.4213 0.3884 0.4746 0.0163  -0.0287 -0.0071 20 LEU B CD2 
387 N N   . ALA B 22 ? 0.3324 0.2896 0.3752 0.0214  -0.0256 0.0088  21 ALA B N   
388 C CA  . ALA B 22 ? 0.3716 0.3244 0.4103 0.0233  -0.0241 0.0128  21 ALA B CA  
389 C C   . ALA B 22 ? 0.3534 0.3025 0.3872 0.0258  -0.0270 0.0110  21 ALA B C   
390 O O   . ALA B 22 ? 0.3511 0.2949 0.3793 0.0282  -0.0261 0.0121  21 ALA B O   
391 C CB  . ALA B 22 ? 0.3570 0.3123 0.3991 0.0216  -0.0226 0.0177  21 ALA B CB  
392 N N   . TRP B 23 ? 0.3338 0.2851 0.3691 0.0254  -0.0305 0.0082  22 TRP B N   
393 C CA  . TRP B 23 ? 0.3196 0.2671 0.3502 0.0280  -0.0337 0.0062  22 TRP B CA  
394 C C   . TRP B 23 ? 0.3412 0.2860 0.3683 0.0299  -0.0353 0.0021  22 TRP B C   
395 O O   . TRP B 23 ? 0.3594 0.2989 0.3803 0.0325  -0.0367 0.0019  22 TRP B O   
396 C CB  . TRP B 23 ? 0.3723 0.3227 0.4058 0.0273  -0.0370 0.0040  22 TRP B CB  
397 C CG  . TRP B 23 ? 0.3842 0.3347 0.4184 0.0263  -0.0365 0.0080  22 TRP B CG  
398 C CD1 . TRP B 23 ? 0.4340 0.3887 0.4729 0.0235  -0.0358 0.0095  22 TRP B CD1 
399 C CD2 . TRP B 23 ? 0.4931 0.4387 0.5229 0.0278  -0.0368 0.0113  22 TRP B CD2 
400 N NE1 . TRP B 23 ? 0.5861 0.5389 0.6241 0.0232  -0.0359 0.0133  22 TRP B NE1 
401 C CE2 . TRP B 23 ? 0.5221 0.4696 0.5548 0.0257  -0.0364 0.0146  22 TRP B CE2 
402 C CE3 . TRP B 23 ? 0.4491 0.3887 0.4723 0.0307  -0.0374 0.0118  22 TRP B CE3 
403 C CZ2 . TRP B 23 ? 0.5181 0.4616 0.5481 0.0262  -0.0365 0.0184  22 TRP B CZ2 
404 C CZ3 . TRP B 23 ? 0.4806 0.4164 0.5007 0.0313  -0.0372 0.0157  22 TRP B CZ3 
405 C CH2 . TRP B 23 ? 0.5079 0.4460 0.5318 0.0290  -0.0367 0.0190  22 TRP B CH2 
406 N N   . LYS B 24 ? 0.3440 0.2923 0.3748 0.0285  -0.0352 -0.0011 23 LYS B N   
407 C CA  . LYS B 24 ? 0.3486 0.2942 0.3762 0.0301  -0.0369 -0.0048 23 LYS B CA  
408 C C   . LYS B 24 ? 0.3923 0.3317 0.4136 0.0317  -0.0342 -0.0024 23 LYS B C   
409 O O   . LYS B 24 ? 0.3742 0.3086 0.3895 0.0341  -0.0360 -0.0041 23 LYS B O   
410 C CB  . LYS B 24 ? 0.3863 0.3369 0.4197 0.0278  -0.0371 -0.0084 23 LYS B CB  
411 C CG  . LYS B 24 ? 0.6014 0.5493 0.6322 0.0290  -0.0391 -0.0123 23 LYS B CG  
412 C CD  . LYS B 24 ? 0.8901 0.8368 0.9189 0.0311  -0.0441 -0.0159 23 LYS B CD  
413 C CE  . LYS B 24 ? 0.9873 0.9345 1.0170 0.0312  -0.0469 -0.0208 23 LYS B CE  
414 N NZ  . LYS B 24 ? 0.9477 0.8956 0.9776 0.0331  -0.0519 -0.0245 23 LYS B NZ  
415 N N   . LEU B 25 ? 0.3861 0.3261 0.4091 0.0305  -0.0300 0.0017  24 LEU B N   
416 C CA  . LEU B 25 ? 0.4287 0.3631 0.4462 0.0323  -0.0268 0.0043  24 LEU B CA  
417 C C   . LEU B 25 ? 0.3578 0.2871 0.3687 0.0349  -0.0270 0.0067  24 LEU B C   
418 O O   . LEU B 25 ? 0.4455 0.3688 0.4491 0.0372  -0.0263 0.0064  24 LEU B O   
419 C CB  . LEU B 25 ? 0.3436 0.2803 0.3653 0.0306  -0.0223 0.0084  24 LEU B CB  
420 C CG  . LEU B 25 ? 0.4234 0.3551 0.4407 0.0323  -0.0184 0.0106  24 LEU B CG  
421 C CD1 . LEU B 25 ? 0.4164 0.3439 0.4291 0.0335  -0.0196 0.0063  24 LEU B CD1 
422 C CD2 . LEU B 25 ? 0.4187 0.3540 0.4421 0.0303  -0.0147 0.0141  24 LEU B CD2 
423 N N   . LYS B 26 ? 0.3820 0.3132 0.3949 0.0343  -0.0276 0.0090  25 LYS B N   
424 C CA  . LYS B 26 ? 0.3762 0.3025 0.3831 0.0364  -0.0280 0.0115  25 LYS B CA  
425 C C   . LYS B 26 ? 0.4773 0.3993 0.4779 0.0388  -0.0321 0.0075  25 LYS B C   
426 O O   . LYS B 26 ? 0.4578 0.3735 0.4506 0.0412  -0.0318 0.0087  25 LYS B O   
427 C CB  . LYS B 26 ? 0.3855 0.3147 0.3961 0.0351  -0.0286 0.0143  25 LYS B CB  
428 C CG  . LYS B 26 ? 0.4694 0.4022 0.4855 0.0329  -0.0249 0.0192  25 LYS B CG  
429 C CD  . LYS B 26 ? 0.4839 0.4194 0.5036 0.0313  -0.0264 0.0212  25 LYS B CD  
430 C CE  . LYS B 26 ? 0.5304 0.4694 0.5553 0.0291  -0.0232 0.0261  25 LYS B CE  
431 N NZ  . LYS B 26 ? 0.4920 0.4334 0.5202 0.0272  -0.0254 0.0275  25 LYS B NZ  
432 N N   . ALA B 27 ? 0.4266 0.3519 0.4307 0.0382  -0.0362 0.0029  26 ALA B N   
433 C CA  . ALA B 27 ? 0.4086 0.3304 0.4079 0.0404  -0.0407 -0.0011 26 ALA B CA  
434 C C   . ALA B 27 ? 0.4406 0.3576 0.4337 0.0419  -0.0402 -0.0029 26 ALA B C   
435 O O   . ALA B 27 ? 0.4907 0.4012 0.4754 0.0444  -0.0419 -0.0032 26 ALA B O   
436 C CB  . ALA B 27 ? 0.4403 0.3678 0.4461 0.0393  -0.0447 -0.0057 26 ALA B CB  
437 N N   . LEU B 28 ? 0.4731 0.3923 0.4695 0.0403  -0.0379 -0.0039 27 LEU B N   
438 C CA  . LEU B 28 ? 0.4498 0.3639 0.4405 0.0415  -0.0372 -0.0056 27 LEU B CA  
439 C C   . LEU B 28 ? 0.6313 0.5386 0.6137 0.0437  -0.0335 -0.0017 27 LEU B C   
440 O O   . LEU B 28 ? 0.5609 0.4615 0.5345 0.0460  -0.0344 -0.0032 27 LEU B O   
441 C CB  . LEU B 28 ? 0.4184 0.3362 0.4149 0.0391  -0.0351 -0.0068 27 LEU B CB  
442 C CG  . LEU B 28 ? 0.4696 0.3940 0.4738 0.0369  -0.0386 -0.0111 27 LEU B CG  
443 C CD1 . LEU B 28 ? 0.4800 0.4077 0.4898 0.0343  -0.0360 -0.0116 27 LEU B CD1 
444 C CD2 . LEU B 28 ? 0.6314 0.5533 0.6322 0.0385  -0.0438 -0.0160 27 LEU B CD2 
445 N N   . ALA B 29 ? 0.5639 0.4728 0.5489 0.0430  -0.0292 0.0032  28 ALA B N   
446 C CA  . ALA B 29 ? 0.5980 0.5012 0.5761 0.0450  -0.0250 0.0073  28 ALA B CA  
447 C C   . ALA B 29 ? 0.6961 0.5931 0.6652 0.0476  -0.0272 0.0075  28 ALA B C   
448 O O   . ALA B 29 ? 0.8052 0.6957 0.7657 0.0499  -0.0249 0.0089  28 ALA B O   
449 C CB  . ALA B 29 ? 0.6013 0.5085 0.5853 0.0436  -0.0207 0.0128  28 ALA B CB  
450 N N   . GLN B 30 ? 0.6865 0.5855 0.6574 0.0472  -0.0317 0.0063  29 GLN B N   
451 C CA  . GLN B 30 ? 0.7190 0.6123 0.6818 0.0496  -0.0345 0.0066  29 GLN B CA  
452 C C   . GLN B 30 ? 0.8991 0.7892 0.8570 0.0511  -0.0400 0.0013  29 GLN B C   
453 O O   . GLN B 30 ? 1.0193 0.9023 0.9676 0.0536  -0.0417 0.0013  29 GLN B O   
454 C CB  . GLN B 30 ? 0.6180 0.5144 0.5852 0.0487  -0.0362 0.0088  29 GLN B CB  
455 C CG  . GLN B 30 ? 0.5641 0.4547 0.5237 0.0509  -0.0395 0.0092  29 GLN B CG  
456 C CD  . GLN B 30 ? 0.5888 0.4817 0.5526 0.0497  -0.0399 0.0123  29 GLN B CD  
457 O OE1 . GLN B 30 ? 0.5925 0.4919 0.5652 0.0476  -0.0410 0.0114  29 GLN B OE1 
458 N NE2 . GLN B 30 ? 0.6403 0.5277 0.5975 0.0511  -0.0391 0.0160  29 GLN B NE2 
459 N N   . GLY B 31 ? 0.8972 0.7922 0.8616 0.0497  -0.0430 -0.0030 30 GLY B N   
460 C CA  . GLY B 31 ? 1.0208 0.9139 0.9825 0.0509  -0.0487 -0.0081 30 GLY B CA  
461 C C   . GLY B 31 ? 1.0782 0.9641 1.0304 0.0526  -0.0487 -0.0099 30 GLY B C   
462 O O   . GLY B 31 ? 1.1172 1.0026 1.0693 0.0519  -0.0448 -0.0095 30 GLY B O   
463 C C   . ACE C 1  ? 0.8470 0.7426 0.8188 0.0489  -0.0037 0.0242  0  ACE C C   
464 O O   . ACE C 1  ? 0.7302 0.6321 0.7101 0.0464  -0.0058 0.0250  0  ACE C O   
465 C CH3 . ACE C 1  ? 0.8585 0.7489 0.8231 0.0502  -0.0074 0.0185  0  ACE C CH3 
466 N N   . GLY C 2  ? 0.9173 0.8100 0.8863 0.0507  0.0018  0.0283  1  GLY C N   
467 C CA  . GLY C 2  ? 0.7334 0.6308 0.7093 0.0497  0.0057  0.0341  1  GLY C CA  
468 C C   . GLY C 2  ? 0.6589 0.5627 0.6451 0.0475  0.0071  0.0348  1  GLY C C   
469 O O   . GLY C 2  ? 0.5774 0.4875 0.5722 0.0451  0.0067  0.0377  1  GLY C O   
470 N N   . GLU C 3  ? 0.5714 0.4729 0.5561 0.0483  0.0083  0.0321  2  GLU C N   
471 C CA  . GLU C 3  ? 0.5684 0.4750 0.5618 0.0463  0.0091  0.0323  2  GLU C CA  
472 C C   . GLU C 3  ? 0.5675 0.4791 0.5662 0.0432  0.0038  0.0289  2  GLU C C   
473 O O   . GLU C 3  ? 0.5301 0.4479 0.5375 0.0406  0.0037  0.0306  2  GLU C O   
474 C CB  . GLU C 3  ? 0.6740 0.5760 0.6639 0.0480  0.0117  0.0301  2  GLU C CB  
475 C CG  . GLU C 3  ? 0.9270 0.8276 0.9175 0.0501  0.0183  0.0344  2  GLU C CG  
476 C CD  . GLU C 3  ? 1.1864 1.0810 1.1719 0.0522  0.0205  0.0316  2  GLU C CD  
477 O OE1 . GLU C 3  ? 1.3115 1.1999 1.2881 0.0533  0.0180  0.0270  2  GLU C OE1 
478 O OE2 . GLU C 3  ? 1.2381 1.1337 1.2283 0.0527  0.0244  0.0339  2  GLU C OE2 
479 N N   . LEU C 4  ? 0.4800 0.3890 0.4735 0.0434  -0.0007 0.0241  3  LEU C N   
480 C CA  . LEU C 4  ? 0.4903 0.4041 0.4890 0.0409  -0.0056 0.0210  3  LEU C CA  
481 C C   . LEU C 4  ? 0.4893 0.4085 0.4935 0.0390  -0.0069 0.0239  3  LEU C C   
482 O O   . LEU C 4  ? 0.3856 0.3107 0.3971 0.0363  -0.0083 0.0238  3  LEU C O   
483 C CB  . LEU C 4  ? 0.5010 0.4110 0.4932 0.0418  -0.0103 0.0157  3  LEU C CB  
484 C CG  . LEU C 4  ? 0.5447 0.4497 0.5318 0.0430  -0.0101 0.0119  3  LEU C CG  
485 C CD1 . LEU C 4  ? 0.5300 0.4326 0.5125 0.0435  -0.0156 0.0067  3  LEU C CD1 
486 C CD2 . LEU C 4  ? 0.5553 0.4644 0.5498 0.0407  -0.0090 0.0112  3  LEU C CD2 
487 N N   . GLU C 5  ? 0.4654 0.3819 0.4655 0.0404  -0.0064 0.0266  4  GLU C N   
488 C CA  . GLU C 5  ? 0.4529 0.3737 0.4579 0.0387  -0.0077 0.0295  4  GLU C CA  
489 C C   . GLU C 5  ? 0.4414 0.3674 0.4546 0.0368  -0.0043 0.0342  4  GLU C C   
490 O O   . GLU C 5  ? 0.4199 0.3511 0.4395 0.0341  -0.0062 0.0352  4  GLU C O   
491 C CB  . GLU C 5  ? 0.5305 0.4467 0.5291 0.0406  -0.0075 0.0319  4  GLU C CB  
492 C CG  . GLU C 5  ? 0.7143 0.6296 0.7102 0.0404  -0.0129 0.0289  4  GLU C CG  
493 C CD  . GLU C 5  ? 0.9884 0.9090 0.9916 0.0378  -0.0151 0.0306  4  GLU C CD  
494 O OE1 . GLU C 5  ? 1.0952 1.0143 1.0960 0.0381  -0.0185 0.0298  4  GLU C OE1 
495 O OE2 . GLU C 5  ? 1.0977 1.0237 1.1084 0.0355  -0.0135 0.0327  4  GLU C OE2 
496 N N   . ALA C 6  ? 0.4262 0.3507 0.4390 0.0382  0.0006  0.0372  5  ALA C N   
497 C CA  . ALA C 6  ? 0.4553 0.3848 0.4764 0.0366  0.0036  0.0417  5  ALA C CA  
498 C C   . ALA C 6  ? 0.5237 0.4579 0.5510 0.0340  0.0019  0.0396  5  ALA C C   
499 O O   . ALA C 6  ? 0.4568 0.3964 0.4913 0.0315  0.0014  0.0423  5  ALA C O   
500 C CB  . ALA C 6  ? 0.4733 0.4000 0.4931 0.0391  0.0093  0.0449  5  ALA C CB  
501 N N   . LEU C 7  ? 0.4001 0.3320 0.4245 0.0345  0.0008  0.0350  6  LEU C N   
502 C CA  . LEU C 7  ? 0.3721 0.3082 0.4021 0.0319  -0.0008 0.0330  6  LEU C CA  
503 C C   . LEU C 7  ? 0.3505 0.2911 0.3837 0.0293  -0.0051 0.0312  6  LEU C C   
504 O O   . LEU C 7  ? 0.3730 0.3187 0.4126 0.0266  -0.0056 0.0324  6  LEU C O   
505 C CB  . LEU C 7  ? 0.5113 0.4436 0.5371 0.0328  -0.0014 0.0281  6  LEU C CB  
506 C CG  . LEU C 7  ? 0.4882 0.4230 0.5188 0.0308  -0.0011 0.0268  6  LEU C CG  
507 C CD1 . LEU C 7  ? 0.5510 0.4804 0.5763 0.0323  -0.0009 0.0228  6  LEU C CD1 
508 C CD2 . LEU C 7  ? 0.5342 0.4746 0.5698 0.0275  -0.0047 0.0246  6  LEU C CD2 
509 N N   . ALA C 8  ? 0.3968 0.3353 0.4257 0.0302  -0.0082 0.0286  7  ALA C N   
510 C CA  . ALA C 8  ? 0.3749 0.3173 0.4067 0.0281  -0.0122 0.0268  7  ALA C CA  
511 C C   . ALA C 8  ? 0.4181 0.3645 0.4550 0.0262  -0.0117 0.0314  7  ALA C C   
512 O O   . ALA C 8  ? 0.3780 0.3289 0.4197 0.0235  -0.0136 0.0309  7  ALA C O   
513 C CB  . ALA C 8  ? 0.4019 0.3406 0.4277 0.0299  -0.0155 0.0238  7  ALA C CB  
514 N N   . GLN C 9  ? 0.4133 0.3577 0.4492 0.0274  -0.0091 0.0360  8  GLN C N   
515 C CA  . GLN C 9  ? 0.4499 0.3981 0.4911 0.0254  -0.0087 0.0408  8  GLN C CA  
516 C C   . GLN C 9  ? 0.3971 0.3499 0.4450 0.0232  -0.0071 0.0429  8  GLN C C   
517 O O   . GLN C 9  ? 0.3671 0.3242 0.4201 0.0205  -0.0087 0.0447  8  GLN C O   
518 C CB  . GLN C 9  ? 0.4769 0.4223 0.5161 0.0272  -0.0057 0.0454  8  GLN C CB  
519 C CG  . GLN C 9  ? 0.6361 0.5769 0.6688 0.0288  -0.0078 0.0442  8  GLN C CG  
520 C CD  . GLN C 9  ? 0.8585 0.7957 0.8878 0.0309  -0.0042 0.0484  8  GLN C CD  
521 O OE1 . GLN C 9  ? 0.9101 0.8485 0.9424 0.0312  0.0001  0.0524  8  GLN C OE1 
522 N NE2 . GLN C 9  ? 0.8445 0.7771 0.8674 0.0323  -0.0059 0.0476  8  GLN C NE2 
523 N N   . GLU C 10 ? 0.4170 0.3688 0.4650 0.0243  -0.0042 0.0428  9  GLU C N   
524 C CA  . GLU C 10 ? 0.3777 0.3334 0.4316 0.0223  -0.0031 0.0444  9  GLU C CA  
525 C C   . GLU C 10 ? 0.3881 0.3470 0.4439 0.0195  -0.0065 0.0407  9  GLU C C   
526 O O   . GLU C 10 ? 0.3216 0.2849 0.3824 0.0168  -0.0072 0.0427  9  GLU C O   
527 C CB  . GLU C 10 ? 0.4613 0.4144 0.5144 0.0242  0.0005  0.0445  9  GLU C CB  
528 C CG  . GLU C 10 ? 0.4567 0.4077 0.5097 0.0267  0.0048  0.0491  9  GLU C CG  
529 C CD  . GLU C 10 ? 0.6656 0.6145 0.7188 0.0283  0.0083  0.0494  9  GLU C CD  
530 O OE1 . GLU C 10 ? 0.6994 0.6516 0.7589 0.0271  0.0097  0.0525  9  GLU C OE1 
531 O OE2 . GLU C 10 ? 0.7398 0.6832 0.7866 0.0308  0.0095  0.0464  9  GLU C OE2 
532 N N   . LEU C 11 ? 0.3455 0.3025 0.3974 0.0201  -0.0087 0.0354  10 LEU C N   
533 C CA  . LEU C 11 ? 0.3152 0.2757 0.3692 0.0176  -0.0116 0.0318  10 LEU C CA  
534 C C   . LEU C 11 ? 0.3240 0.2876 0.3801 0.0157  -0.0142 0.0326  10 LEU C C   
535 O O   . LEU C 11 ? 0.3497 0.3172 0.4092 0.0130  -0.0154 0.0322  10 LEU C O   
536 C CB  . LEU C 11 ? 0.3473 0.3055 0.3972 0.0189  -0.0135 0.0259  10 LEU C CB  
537 C CG  . LEU C 11 ? 0.3831 0.3378 0.4304 0.0205  -0.0115 0.0242  10 LEU C CG  
538 C CD1 . LEU C 11 ? 0.3817 0.3339 0.4249 0.0217  -0.0142 0.0186  10 LEU C CD1 
539 C CD2 . LEU C 11 ? 0.4280 0.3851 0.4796 0.0183  -0.0099 0.0249  10 LEU C CD2 
540 N N   . GLU C 12 ? 0.3673 0.3288 0.4208 0.0170  -0.0151 0.0338  11 GLU C N   
541 C CA  . GLU C 12 ? 0.3457 0.3093 0.4008 0.0153  -0.0177 0.0347  11 GLU C CA  
542 C C   . GLU C 12 ? 0.4165 0.3834 0.4768 0.0129  -0.0167 0.0397  11 GLU C C   
543 O O   . GLU C 12 ? 0.4315 0.4017 0.4943 0.0102  -0.0188 0.0395  11 GLU C O   
544 C CB  . GLU C 12 ? 0.3976 0.3573 0.4487 0.0172  -0.0188 0.0353  11 GLU C CB  
545 C CG  . GLU C 12 ? 0.5030 0.4594 0.5490 0.0196  -0.0208 0.0304  11 GLU C CG  
546 C CD  . GLU C 12 ? 0.8262 0.7786 0.8681 0.0212  -0.0221 0.0316  11 GLU C CD  
547 O OE1 . GLU C 12 ? 0.8813 0.8313 0.9218 0.0224  -0.0195 0.0357  11 GLU C OE1 
548 O OE2 . GLU C 12 ? 0.9755 0.9273 1.0157 0.0214  -0.0255 0.0283  11 GLU C OE2 
549 N N   . ALA C 13 ? 0.3826 0.3489 0.4444 0.0138  -0.0135 0.0444  12 ALA C N   
550 C CA  . ALA C 13 ? 0.4329 0.4027 0.5004 0.0117  -0.0125 0.0494  12 ALA C CA  
551 C C   . ALA C 13 ? 0.4559 0.4291 0.5264 0.0093  -0.0130 0.0484  12 ALA C C   
552 O O   . ALA C 13 ? 0.3495 0.3260 0.4234 0.0065  -0.0146 0.0504  12 ALA C O   
553 C CB  . ALA C 13 ? 0.4407 0.4095 0.5098 0.0137  -0.0085 0.0539  12 ALA C CB  
554 N N   . LEU C 14 ? 0.3748 0.3470 0.4438 0.0101  -0.0118 0.0453  13 LEU C N   
555 C CA  . LEU C 14 ? 0.2843 0.2594 0.3558 0.0077  -0.0121 0.0443  13 LEU C CA  
556 C C   . LEU C 14 ? 0.3766 0.3539 0.4474 0.0054  -0.0153 0.0408  13 LEU C C   
557 O O   . LEU C 14 ? 0.3425 0.3229 0.4159 0.0025  -0.0162 0.0421  13 LEU C O   
558 C CB  . LEU C 14 ? 0.3400 0.3128 0.4098 0.0091  -0.0100 0.0416  13 LEU C CB  
559 C CG  . LEU C 14 ? 0.4406 0.4154 0.5134 0.0071  -0.0091 0.0422  13 LEU C CG  
560 C CD1 . LEU C 14 ? 0.4791 0.4505 0.5508 0.0092  -0.0062 0.0417  13 LEU C CD1 
561 C CD2 . LEU C 14 ? 0.4109 0.3882 0.4832 0.0045  -0.0112 0.0379  13 LEU C CD2 
562 N N   . ALA C 15 ? 0.3215 0.2973 0.3889 0.0066  -0.0171 0.0364  14 ALA C N   
563 C CA  . ALA C 15 ? 0.3118 0.2897 0.3786 0.0047  -0.0200 0.0329  14 ALA C CA  
564 C C   . ALA C 15 ? 0.4004 0.3798 0.4688 0.0027  -0.0218 0.0360  14 ALA C C   
565 O O   . ALA C 15 ? 0.2994 0.2813 0.3685 0.0002  -0.0234 0.0348  14 ALA C O   
566 C CB  . ALA C 15 ? 0.3418 0.3173 0.4050 0.0069  -0.0219 0.0281  14 ALA C CB  
567 N N   . LYS C 16 ? 0.4345 0.4122 0.5032 0.0037  -0.0215 0.0399  15 LYS C N   
568 C CA  . LYS C 16 ? 0.4084 0.3874 0.4788 0.0016  -0.0235 0.0432  15 LYS C CA  
569 C C   . LYS C 16 ? 0.4160 0.3984 0.4902 -0.0013 -0.0231 0.0465  15 LYS C C   
570 O O   . LYS C 16 ? 0.3667 0.3508 0.4414 -0.0040 -0.0255 0.0467  15 LYS C O   
571 C CB  . LYS C 16 ? 0.3910 0.3679 0.4618 0.0030  -0.0227 0.0472  15 LYS C CB  
572 C CG  . LYS C 16 ? 0.4824 0.4603 0.5556 0.0006  -0.0249 0.0509  15 LYS C CG  
573 C CD  . LYS C 16 ? 0.4439 0.4198 0.5176 0.0021  -0.0239 0.0548  15 LYS C CD  
574 C CE  . LYS C 16 ? 0.6302 0.6073 0.7070 -0.0006 -0.0263 0.0588  15 LYS C CE  
575 N NZ  . LYS C 16 ? 0.5828 0.5581 0.6605 0.0004  -0.0250 0.0629  15 LYS C NZ  
576 N N   . LYS C 17 ? 0.3628 0.3459 0.4395 -0.0007 -0.0203 0.0491  16 LYS C N   
577 C CA  . LYS C 17 ? 0.3234 0.3094 0.4035 -0.0032 -0.0200 0.0524  16 LYS C CA  
578 C C   . LYS C 17 ? 0.3220 0.3095 0.4006 -0.0054 -0.0211 0.0488  16 LYS C C   
579 O O   . LYS C 17 ? 0.3363 0.3260 0.4162 -0.0082 -0.0225 0.0506  16 LYS C O   
580 C CB  . LYS C 17 ? 0.3987 0.3844 0.4817 -0.0015 -0.0167 0.0557  16 LYS C CB  
581 C CG  . LYS C 17 ? 0.3652 0.3503 0.4508 0.0002  -0.0151 0.0604  16 LYS C CG  
582 C CD  . LYS C 17 ? 0.4123 0.3970 0.5007 0.0020  -0.0116 0.0634  16 LYS C CD  
583 C CE  . LYS C 17 ? 0.6511 0.6359 0.7429 0.0038  -0.0095 0.0683  16 LYS C CE  
584 N NZ  . LYS C 17 ? 0.7261 0.7113 0.8217 0.0053  -0.0062 0.0716  16 LYS C NZ  
585 N N   . LEU C 18 ? 0.2899 0.2764 0.3658 -0.0042 -0.0204 0.0437  17 LEU C N   
586 C CA  . LEU C 18 ? 0.2775 0.2658 0.3523 -0.0064 -0.0211 0.0401  17 LEU C CA  
587 C C   . LEU C 18 ? 0.2869 0.2764 0.3601 -0.0083 -0.0240 0.0382  17 LEU C C   
588 O O   . LEU C 18 ? 0.3457 0.3371 0.4184 -0.0110 -0.0248 0.0381  17 LEU C O   
589 C CB  . LEU C 18 ? 0.3184 0.3058 0.3915 -0.0047 -0.0200 0.0349  17 LEU C CB  
590 C CG  . LEU C 18 ? 0.3292 0.3149 0.4030 -0.0030 -0.0173 0.0354  17 LEU C CG  
591 C CD1 . LEU C 18 ? 0.3189 0.3039 0.3907 -0.0017 -0.0173 0.0296  17 LEU C CD1 
592 C CD2 . LEU C 18 ? 0.2947 0.2818 0.3708 -0.0050 -0.0157 0.0381  17 LEU C CD2 
593 N N   . LYS C 19 ? 0.3116 0.2994 0.3830 -0.0067 -0.0256 0.0366  18 LYS C N   
594 C CA  . LYS C 19 ? 0.3239 0.3118 0.3934 -0.0081 -0.0284 0.0348  18 LYS C CA  
595 C C   . LYS C 19 ? 0.4143 0.4032 0.4851 -0.0110 -0.0299 0.0395  18 LYS C C   
596 O O   . LYS C 19 ? 0.3383 0.3283 0.4075 -0.0134 -0.0315 0.0383  18 LYS C O   
597 C CB  . LYS C 19 ? 0.3525 0.3376 0.4201 -0.0058 -0.0299 0.0331  18 LYS C CB  
598 C CG  . LYS C 19 ? 0.4318 0.4163 0.4971 -0.0068 -0.0329 0.0305  18 LYS C CG  
599 C CD  . LYS C 19 ? 0.5791 0.5602 0.6427 -0.0043 -0.0344 0.0296  18 LYS C CD  
600 C CE  . LYS C 19 ? 0.7355 0.7153 0.7966 -0.0050 -0.0374 0.0266  18 LYS C CE  
601 N NZ  . LYS C 19 ? 0.9154 0.8915 0.9747 -0.0024 -0.0390 0.0255  18 LYS C NZ  
602 N N   . ALA C 20 ? 0.3713 0.3598 0.4450 -0.0105 -0.0293 0.0447  19 ALA C N   
603 C CA  . ALA C 20 ? 0.3780 0.3678 0.4539 -0.0132 -0.0310 0.0496  19 ALA C CA  
604 C C   . ALA C 20 ? 0.3532 0.3454 0.4298 -0.0157 -0.0307 0.0508  19 ALA C C   
605 O O   . ALA C 20 ? 0.3427 0.3357 0.4185 -0.0186 -0.0330 0.0522  19 ALA C O   
606 C CB  . ALA C 20 ? 0.4123 0.4019 0.4923 -0.0120 -0.0299 0.0550  19 ALA C CB  
607 N N   . LEU C 21 ? 0.3535 0.3462 0.4309 -0.0148 -0.0278 0.0501  20 LEU C N   
608 C CA  . LEU C 21 ? 0.2795 0.2741 0.3571 -0.0171 -0.0274 0.0511  20 LEU C CA  
609 C C   . LEU C 21 ? 0.3262 0.3214 0.3996 -0.0192 -0.0285 0.0466  20 LEU C C   
610 O O   . LEU C 21 ? 0.3277 0.3239 0.3998 -0.0221 -0.0297 0.0479  20 LEU C O   
611 C CB  . LEU C 21 ? 0.4021 0.3965 0.4815 -0.0155 -0.0240 0.0514  20 LEU C CB  
612 C CG  . LEU C 21 ? 0.4437 0.4393 0.5246 -0.0174 -0.0230 0.0544  20 LEU C CG  
613 C CD1 . LEU C 21 ? 0.4214 0.4159 0.5051 -0.0149 -0.0199 0.0560  20 LEU C CD1 
614 C CD2 . LEU C 21 ? 0.3780 0.3744 0.4555 -0.0196 -0.0230 0.0506  20 LEU C CD2 
615 N N   . ALA C 22 ? 0.3247 0.3192 0.3958 -0.0176 -0.0280 0.0411  21 ALA C N   
616 C CA  . ALA C 22 ? 0.3109 0.3064 0.3786 -0.0192 -0.0287 0.0365  21 ALA C CA  
617 C C   . ALA C 22 ? 0.3649 0.3598 0.4301 -0.0213 -0.0319 0.0371  21 ALA C C   
618 O O   . ALA C 22 ? 0.3362 0.3318 0.3983 -0.0238 -0.0325 0.0358  21 ALA C O   
619 C CB  . ALA C 22 ? 0.3169 0.3119 0.3834 -0.0167 -0.0281 0.0307  21 ALA C CB  
620 N N   . TRP C 23 ? 0.3069 0.3000 0.3729 -0.0202 -0.0338 0.0389  22 TRP C N   
621 C CA  . TRP C 23 ? 0.3876 0.3795 0.4512 -0.0224 -0.0372 0.0398  22 TRP C CA  
622 C C   . TRP C 23 ? 0.3373 0.3304 0.4011 -0.0256 -0.0382 0.0442  22 TRP C C   
623 O O   . TRP C 23 ? 0.3459 0.3386 0.4059 -0.0282 -0.0402 0.0432  22 TRP C O   
624 C CB  . TRP C 23 ? 0.4333 0.4231 0.4986 -0.0211 -0.0389 0.0420  22 TRP C CB  
625 C CG  . TRP C 23 ? 0.4253 0.4136 0.4885 -0.0234 -0.0427 0.0430  22 TRP C CG  
626 C CD1 . TRP C 23 ? 0.5149 0.5006 0.5745 -0.0230 -0.0448 0.0390  22 TRP C CD1 
627 C CD2 . TRP C 23 ? 0.4093 0.3981 0.4737 -0.0264 -0.0451 0.0480  22 TRP C CD2 
628 N NE1 . TRP C 23 ? 0.4714 0.4553 0.5294 -0.0258 -0.0482 0.0412  22 TRP C NE1 
629 C CE2 . TRP C 23 ? 0.4916 0.4776 0.5526 -0.0279 -0.0486 0.0467  22 TRP C CE2 
630 C CE3 . TRP C 23 ? 0.3450 0.3360 0.4131 -0.0279 -0.0447 0.0534  22 TRP C CE3 
631 C CZ2 . TRP C 23 ? 0.5000 0.4856 0.5612 -0.0311 -0.0519 0.0507  22 TRP C CZ2 
632 C CZ3 . TRP C 23 ? 0.3923 0.3832 0.4611 -0.0309 -0.0480 0.0574  22 TRP C CZ3 
633 C CH2 . TRP C 23 ? 0.3923 0.3806 0.4574 -0.0326 -0.0517 0.0560  22 TRP C CH2 
634 N N   . LYS C 24 ? 0.2976 0.2920 0.3657 -0.0255 -0.0368 0.0490  23 LYS C N   
635 C CA  . LYS C 24 ? 0.2931 0.2888 0.3620 -0.0284 -0.0382 0.0535  23 LYS C CA  
636 C C   . LYS C 24 ? 0.3648 0.3613 0.4297 -0.0304 -0.0372 0.0512  23 LYS C C   
637 O O   . LYS C 24 ? 0.3118 0.3082 0.3740 -0.0335 -0.0393 0.0529  23 LYS C O   
638 C CB  . LYS C 24 ? 0.3345 0.3315 0.4093 -0.0273 -0.0367 0.0590  23 LYS C CB  
639 C CG  . LYS C 24 ? 0.3473 0.3438 0.4261 -0.0259 -0.0375 0.0623  23 LYS C CG  
640 C CD  . LYS C 24 ? 0.3930 0.3907 0.4775 -0.0239 -0.0349 0.0666  23 LYS C CD  
641 C CE  . LYS C 24 ? 0.3720 0.3697 0.4609 -0.0227 -0.0355 0.0705  23 LYS C CE  
642 N NZ  . LYS C 24 ? 0.4257 0.4248 0.5203 -0.0206 -0.0326 0.0748  23 LYS C NZ  
643 N N   . LEU C 25 ? 0.3291 0.3262 0.3936 -0.0290 -0.0340 0.0476  24 LEU C N   
644 C CA  . LEU C 25 ? 0.3626 0.3606 0.4236 -0.0311 -0.0327 0.0453  24 LEU C CA  
645 C C   . LEU C 25 ? 0.3736 0.3710 0.4291 -0.0327 -0.0344 0.0415  24 LEU C C   
646 O O   . LEU C 25 ? 0.4084 0.4060 0.4600 -0.0357 -0.0350 0.0419  24 LEU C O   
647 C CB  . LEU C 25 ? 0.3295 0.3285 0.3919 -0.0292 -0.0292 0.0417  24 LEU C CB  
648 C CG  . LEU C 25 ? 0.4024 0.4014 0.4692 -0.0277 -0.0269 0.0449  24 LEU C CG  
649 C CD1 . LEU C 25 ? 0.3668 0.3664 0.4339 -0.0263 -0.0239 0.0404  24 LEU C CD1 
650 C CD2 . LEU C 25 ? 0.3542 0.3536 0.4215 -0.0301 -0.0270 0.0500  24 LEU C CD2 
651 N N   . LYS C 26 ? 0.3753 0.3717 0.4300 -0.0309 -0.0352 0.0376  25 LYS C N   
652 C CA  . LYS C 26 ? 0.4175 0.4127 0.4669 -0.0321 -0.0369 0.0336  25 LYS C CA  
653 C C   . LYS C 26 ? 0.4169 0.4104 0.4636 -0.0349 -0.0405 0.0371  25 LYS C C   
654 O O   . LYS C 26 ? 0.4094 0.4023 0.4506 -0.0374 -0.0414 0.0356  25 LYS C O   
655 C CB  . LYS C 26 ? 0.4191 0.4132 0.4689 -0.0292 -0.0374 0.0294  25 LYS C CB  
656 C CG  . LYS C 26 ? 0.4335 0.4294 0.4847 -0.0268 -0.0343 0.0246  25 LYS C CG  
657 C CD  . LYS C 26 ? 0.5949 0.5893 0.6460 -0.0239 -0.0352 0.0203  25 LYS C CD  
658 C CE  . LYS C 26 ? 0.7538 0.7458 0.8071 -0.0222 -0.0373 0.0236  25 LYS C CE  
659 N NZ  . LYS C 26 ? 0.8692 0.8592 0.9221 -0.0193 -0.0383 0.0197  25 LYS C NZ  
660 N N   . ALA C 27 ? 0.4002 0.3929 0.4503 -0.0347 -0.0427 0.0417  26 ALA C N   
661 C CA  . ALA C 27 ? 0.3989 0.3903 0.4476 -0.0376 -0.0466 0.0456  26 ALA C CA  
662 C C   . ALA C 27 ? 0.4639 0.4562 0.5101 -0.0406 -0.0467 0.0483  26 ALA C C   
663 O O   . ALA C 27 ? 0.4559 0.4465 0.4966 -0.0435 -0.0494 0.0482  26 ALA C O   
664 C CB  . ALA C 27 ? 0.4031 0.3947 0.4580 -0.0368 -0.0482 0.0510  26 ALA C CB  
665 N N   . LEU C 28 ? 0.3743 0.3688 0.4241 -0.0401 -0.0441 0.0508  27 LEU C N   
666 C CA  . LEU C 28 ? 0.3932 0.3881 0.4406 -0.0429 -0.0441 0.0537  27 LEU C CA  
667 C C   . LEU C 28 ? 0.5789 0.5735 0.6192 -0.0445 -0.0427 0.0490  27 LEU C C   
668 O O   . LEU C 28 ? 0.5289 0.5223 0.5638 -0.0475 -0.0445 0.0501  27 LEU C O   
669 C CB  . LEU C 28 ? 0.3921 0.3890 0.4450 -0.0416 -0.0415 0.0571  27 LEU C CB  
670 C CG  . LEU C 28 ? 0.4443 0.4419 0.5044 -0.0404 -0.0426 0.0628  27 LEU C CG  
671 C CD1 . LEU C 28 ? 0.4191 0.4180 0.4837 -0.0389 -0.0394 0.0653  27 LEU C CD1 
672 C CD2 . LEU C 28 ? 0.4084 0.4059 0.4684 -0.0432 -0.0471 0.0678  27 LEU C CD2 
673 N N   . ALA C 29 ? 0.4715 0.4668 0.5117 -0.0424 -0.0395 0.0437  28 ALA C N   
674 C CA  . ALA C 29 ? 0.5144 0.5099 0.5487 -0.0438 -0.0374 0.0391  28 ALA C CA  
675 C C   . ALA C 29 ? 0.5395 0.5325 0.5671 -0.0454 -0.0403 0.0366  28 ALA C C   
676 O O   . ALA C 29 ? 0.5818 0.5739 0.6028 -0.0480 -0.0400 0.0357  28 ALA C O   
677 C CB  . ALA C 29 ? 0.4128 0.4102 0.4494 -0.0411 -0.0339 0.0338  28 ALA C CB  
678 N N   . GLN C 30 ? 0.4909 0.4822 0.5195 -0.0439 -0.0428 0.0355  29 GLN C N   
679 C CA  . GLN C 30 ? 0.5953 0.5836 0.6174 -0.0450 -0.0454 0.0325  29 GLN C CA  
680 C C   . GLN C 30 ? 0.6992 0.6852 0.7173 -0.0485 -0.0495 0.0369  29 GLN C C   
681 O O   . GLN C 30 ? 0.6505 0.6341 0.6607 -0.0507 -0.0507 0.0347  29 GLN C O   
682 C CB  . GLN C 30 ? 0.7012 0.6880 0.7259 -0.0424 -0.0470 0.0303  29 GLN C CB  
683 C CG  . GLN C 30 ? 0.7574 0.7459 0.7848 -0.0389 -0.0437 0.0251  29 GLN C CG  
684 C CD  . GLN C 30 ? 0.9407 0.9273 0.9709 -0.0361 -0.0454 0.0238  29 GLN C CD  
685 O OE1 . GLN C 30 ? 1.0786 1.0630 1.1100 -0.0368 -0.0488 0.0274  29 GLN C OE1 
686 N NE2 . GLN C 30 ? 0.9005 0.8880 0.9321 -0.0331 -0.0432 0.0189  29 GLN C NE2 
687 N N   . GLY C 31 ? 0.6490 0.6356 0.6723 -0.0491 -0.0517 0.0430  30 GLY C N   
688 C CA  . GLY C 31 ? 0.6189 0.6038 0.6397 -0.0524 -0.0562 0.0476  30 GLY C CA  
689 C C   . GLY C 31 ? 0.7067 0.6924 0.7246 -0.0550 -0.0558 0.0508  30 GLY C C   
690 O O   . GLY C 31 ? 0.7905 0.7781 0.8087 -0.0543 -0.0517 0.0497  30 GLY C O   
691 N N   . NH2 C 32 ? 0.5445 0.5284 0.5601 -0.0581 -0.0608 0.0554  31 NH2 C N   
692 C C   . ACE D 1  ? 1.0754 0.9776 1.0699 0.0321  -0.0317 -0.0237 0  ACE D C   
693 O O   . ACE D 1  ? 0.9843 0.8876 0.9771 0.0339  -0.0314 -0.0213 0  ACE D O   
694 C CH3 . ACE D 1  ? 1.0469 0.9441 1.0391 0.0322  -0.0271 -0.0218 0  ACE D CH3 
695 N N   . GLY D 2  ? 1.0921 0.9973 1.0907 0.0299  -0.0362 -0.0281 1  GLY D N   
696 C CA  . GLY D 2  ? 0.8830 0.7932 0.8846 0.0297  -0.0411 -0.0307 1  GLY D CA  
697 C C   . GLY D 2  ? 0.7562 0.6747 0.7655 0.0287  -0.0400 -0.0281 1  GLY D C   
698 O O   . GLY D 2  ? 0.5620 0.4863 0.5791 0.0259  -0.0380 -0.0271 1  GLY D O   
699 N N   . GLU D 3  ? 0.6147 0.5330 0.6208 0.0311  -0.0415 -0.0271 2  GLU D N   
700 C CA  . GLU D 3  ? 0.5851 0.5101 0.5972 0.0304  -0.0407 -0.0246 2  GLU D CA  
701 C C   . GLU D 3  ? 0.5255 0.4515 0.5395 0.0296  -0.0351 -0.0196 2  GLU D C   
702 O O   . GLU D 3  ? 0.4591 0.3918 0.4805 0.0273  -0.0338 -0.0182 2  GLU D O   
703 C CB  . GLU D 3  ? 0.7505 0.6736 0.7578 0.0333  -0.0433 -0.0241 2  GLU D CB  
704 C CG  . GLU D 3  ? 0.8891 0.8104 0.8936 0.0347  -0.0491 -0.0287 2  GLU D CG  
705 C CD  . GLU D 3  ? 1.1347 1.0536 1.1341 0.0375  -0.0515 -0.0278 2  GLU D CD  
706 O OE1 . GLU D 3  ? 1.2198 1.1443 1.2248 0.0372  -0.0530 -0.0277 2  GLU D OE1 
707 O OE2 . GLU D 3  ? 1.2055 1.1164 1.1950 0.0402  -0.0518 -0.0270 2  GLU D OE2 
708 N N   . LEU D 4  ? 0.5442 0.4637 0.5516 0.0315  -0.0317 -0.0169 3  LEU D N   
709 C CA  . LEU D 4  ? 0.6092 0.5297 0.6189 0.0310  -0.0266 -0.0119 3  LEU D CA  
710 C C   . LEU D 4  ? 0.6486 0.5724 0.6648 0.0280  -0.0247 -0.0120 3  LEU D C   
711 O O   . LEU D 4  ? 0.5244 0.4529 0.5464 0.0262  -0.0221 -0.0088 3  LEU D O   
712 C CB  . LEU D 4  ? 0.5012 0.4142 0.5026 0.0340  -0.0232 -0.0092 3  LEU D CB  
713 C CG  . LEU D 4  ? 0.5256 0.4352 0.5204 0.0370  -0.0240 -0.0078 3  LEU D CG  
714 C CD1 . LEU D 4  ? 0.6180 0.5200 0.6047 0.0398  -0.0200 -0.0052 3  LEU D CD1 
715 C CD2 . LEU D 4  ? 0.5658 0.4812 0.5660 0.0361  -0.0235 -0.0044 3  LEU D CD2 
716 N N   . GLU D 5  ? 0.5415 0.4624 0.5564 0.0272  -0.0260 -0.0157 4  GLU D N   
717 C CA  . GLU D 5  ? 0.5501 0.4736 0.5711 0.0241  -0.0243 -0.0157 4  GLU D CA  
718 C C   . GLU D 5  ? 0.4967 0.4289 0.5264 0.0208  -0.0262 -0.0170 4  GLU D C   
719 O O   . GLU D 5  ? 0.4774 0.4139 0.5129 0.0183  -0.0237 -0.0148 4  GLU D O   
720 C CB  . GLU D 5  ? 0.7043 0.6220 0.7217 0.0238  -0.0254 -0.0192 4  GLU D CB  
721 C CG  . GLU D 5  ? 0.9605 0.8824 0.9851 0.0199  -0.0265 -0.0217 4  GLU D CG  
722 C CD  . GLU D 5  ? 1.1694 1.0917 1.1976 0.0181  -0.0222 -0.0184 4  GLU D CD  
723 O OE1 . GLU D 5  ? 1.1703 1.0965 1.2046 0.0146  -0.0224 -0.0195 4  GLU D OE1 
724 O OE2 . GLU D 5  ? 1.1580 1.0769 1.1832 0.0201  -0.0185 -0.0144 4  GLU D OE2 
725 N N   . ALA D 6  ? 0.3899 0.3250 0.4206 0.0209  -0.0305 -0.0206 5  ALA D N   
726 C CA  . ALA D 6  ? 0.4605 0.4040 0.4993 0.0184  -0.0319 -0.0219 5  ALA D CA  
727 C C   . ALA D 6  ? 0.5190 0.4666 0.5607 0.0181  -0.0293 -0.0176 5  ALA D C   
728 O O   . ALA D 6  ? 0.4314 0.3848 0.4793 0.0152  -0.0280 -0.0167 5  ALA D O   
729 C CB  . ALA D 6  ? 0.4979 0.4436 0.5372 0.0194  -0.0369 -0.0259 5  ALA D CB  
730 N N   . LEU D 7  ? 0.4600 0.4044 0.4967 0.0208  -0.0286 -0.0147 6  LEU D N   
731 C CA  . LEU D 7  ? 0.4407 0.3884 0.4798 0.0204  -0.0265 -0.0106 6  LEU D CA  
732 C C   . LEU D 7  ? 0.3762 0.3241 0.4176 0.0189  -0.0222 -0.0066 6  LEU D C   
733 O O   . LEU D 7  ? 0.3668 0.3197 0.4130 0.0168  -0.0210 -0.0043 6  LEU D O   
734 C CB  . LEU D 7  ? 0.4147 0.3587 0.4482 0.0236  -0.0266 -0.0083 6  LEU D CB  
735 C CG  . LEU D 7  ? 0.7069 0.6510 0.7383 0.0253  -0.0307 -0.0109 6  LEU D CG  
736 C CD1 . LEU D 7  ? 0.7103 0.6537 0.7396 0.0267  -0.0298 -0.0069 6  LEU D CD1 
737 C CD2 . LEU D 7  ? 0.8082 0.7590 0.8462 0.0233  -0.0337 -0.0147 6  LEU D CD2 
738 N N   . ALA D 8  ? 0.3666 0.3087 0.4040 0.0201  -0.0200 -0.0057 7  ALA D N   
739 C CA  . ALA D 8  ? 0.4439 0.3857 0.4836 0.0189  -0.0161 -0.0019 7  ALA D CA  
740 C C   . ALA D 8  ? 0.4303 0.3769 0.4763 0.0151  -0.0161 -0.0031 7  ALA D C   
741 O O   . ALA D 8  ? 0.4017 0.3512 0.4517 0.0132  -0.0137 0.0004  7  ALA D O   
742 C CB  . ALA D 8  ? 0.4920 0.4262 0.5261 0.0212  -0.0139 -0.0015 7  ALA D CB  
743 N N   . GLN D 9  ? 0.3863 0.3339 0.4335 0.0138  -0.0188 -0.0078 8  GLN D N   
744 C CA  . GLN D 9  ? 0.4209 0.3734 0.4744 0.0099  -0.0188 -0.0091 8  GLN D CA  
745 C C   . GLN D 9  ? 0.3710 0.3308 0.4295 0.0080  -0.0190 -0.0079 8  GLN D C   
746 O O   . GLN D 9  ? 0.3920 0.3554 0.4547 0.0051  -0.0173 -0.0063 8  GLN D O   
747 C CB  . GLN D 9  ? 0.5103 0.4632 0.5648 0.0089  -0.0220 -0.0146 8  GLN D CB  
748 C CG  . GLN D 9  ? 0.7981 0.7438 0.8481 0.0099  -0.0222 -0.0164 8  GLN D CG  
749 C CD  . GLN D 9  ? 0.9987 0.9436 1.0516 0.0069  -0.0200 -0.0156 8  GLN D CD  
750 O OE1 . GLN D 9  ? 1.0973 1.0360 1.1466 0.0081  -0.0176 -0.0136 8  GLN D OE1 
751 N NE2 . GLN D 9  ? 1.0356 0.9866 1.0951 0.0033  -0.0204 -0.0170 8  GLN D NE2 
752 N N   . GLU D 10 ? 0.3616 0.3232 0.4191 0.0097  -0.0213 -0.0091 9  GLU D N   
753 C CA  . GLU D 10 ? 0.3335 0.3013 0.3950 0.0082  -0.0216 -0.0082 9  GLU D CA  
754 C C   . GLU D 10 ? 0.4372 0.4051 0.4989 0.0078  -0.0187 -0.0027 9  GLU D C   
755 O O   . GLU D 10 ? 0.3443 0.3167 0.4097 0.0052  -0.0179 -0.0014 9  GLU D O   
756 C CB  . GLU D 10 ? 0.3982 0.3667 0.4579 0.0105  -0.0246 -0.0103 9  GLU D CB  
757 C CG  . GLU D 10 ? 0.4978 0.4690 0.5599 0.0103  -0.0279 -0.0157 9  GLU D CG  
758 C CD  . GLU D 10 ? 0.6426 0.6162 0.7048 0.0120  -0.0308 -0.0172 9  GLU D CD  
759 O OE1 . GLU D 10 ? 0.7776 0.7558 0.8430 0.0106  -0.0302 -0.0164 9  GLU D OE1 
760 O OE2 . GLU D 10 ? 0.7296 0.6999 0.7882 0.0147  -0.0335 -0.0192 9  GLU D OE2 
761 N N   . LEU D 11 ? 0.4039 0.3668 0.4615 0.0103  -0.0172 0.0004  10 LEU D N   
762 C CA  . LEU D 11 ? 0.3517 0.3151 0.4103 0.0099  -0.0146 0.0059  10 LEU D CA  
763 C C   . LEU D 11 ? 0.3125 0.2765 0.3740 0.0075  -0.0121 0.0079  10 LEU D C   
764 O O   . LEU D 11 ? 0.3532 0.3200 0.4176 0.0057  -0.0109 0.0116  10 LEU D O   
765 C CB  . LEU D 11 ? 0.3309 0.2890 0.3849 0.0133  -0.0132 0.0087  10 LEU D CB  
766 C CG  . LEU D 11 ? 0.3647 0.3221 0.4156 0.0156  -0.0152 0.0081  10 LEU D CG  
767 C CD1 . LEU D 11 ? 0.4433 0.3946 0.4888 0.0189  -0.0133 0.0105  10 LEU D CD1 
768 C CD2 . LEU D 11 ? 0.3729 0.3347 0.4268 0.0141  -0.0157 0.0106  10 LEU D CD2 
769 N N   . GLU D 12 ? 0.3767 0.3372 0.4373 0.0074  -0.0116 0.0059  11 GLU D N   
770 C CA  . GLU D 12 ? 0.4049 0.3654 0.4683 0.0050  -0.0094 0.0075  11 GLU D CA  
771 C C   . GLU D 12 ? 0.4083 0.3750 0.4762 0.0012  -0.0100 0.0068  11 GLU D C   
772 O O   . GLU D 12 ? 0.3867 0.3553 0.4571 -0.0009 -0.0084 0.0103  11 GLU D O   
773 C CB  . GLU D 12 ? 0.4482 0.4040 0.5096 0.0053  -0.0094 0.0045  11 GLU D CB  
774 C CG  . GLU D 12 ? 0.5302 0.4789 0.5866 0.0087  -0.0080 0.0054  11 GLU D CG  
775 C CD  . GLU D 12 ? 0.6453 0.5893 0.7003 0.0081  -0.0080 0.0026  11 GLU D CD  
776 O OE1 . GLU D 12 ? 0.6966 0.6389 0.7492 0.0086  -0.0105 -0.0020 11 GLU D OE1 
777 O OE2 . GLU D 12 ? 0.6633 0.6051 0.7197 0.0071  -0.0056 0.0049  11 GLU D OE2 
778 N N   . ALA D 13 ? 0.3552 0.3251 0.4244 0.0003  -0.0124 0.0023  12 ALA D N   
779 C CA  . ALA D 13 ? 0.3268 0.3028 0.4002 -0.0032 -0.0127 0.0011  12 ALA D CA  
780 C C   . ALA D 13 ? 0.2942 0.2738 0.3684 -0.0038 -0.0124 0.0042  12 ALA D C   
781 O O   . ALA D 13 ? 0.3845 0.3671 0.4610 -0.0067 -0.0113 0.0061  12 ALA D O   
782 C CB  . ALA D 13 ? 0.4054 0.3846 0.4803 -0.0035 -0.0153 -0.0044 12 ALA D CB  
783 N N   . LEU D 14 ? 0.3157 0.2944 0.3876 -0.0012 -0.0137 0.0049  13 LEU D N   
784 C CA  . LEU D 14 ? 0.2993 0.2807 0.3717 -0.0017 -0.0138 0.0079  13 LEU D CA  
785 C C   . LEU D 14 ? 0.3395 0.3198 0.4125 -0.0027 -0.0115 0.0134  13 LEU D C   
786 O O   . LEU D 14 ? 0.3338 0.3173 0.4083 -0.0049 -0.0113 0.0157  13 LEU D O   
787 C CB  . LEU D 14 ? 0.3719 0.3517 0.4416 0.0014  -0.0155 0.0077  13 LEU D CB  
788 C CG  . LEU D 14 ? 0.6646 0.6466 0.7344 0.0010  -0.0161 0.0106  13 LEU D CG  
789 C CD1 . LEU D 14 ? 0.8100 0.7969 0.8823 -0.0022 -0.0165 0.0096  13 LEU D CD1 
790 C CD2 . LEU D 14 ? 0.7260 0.7065 0.7932 0.0037  -0.0183 0.0093  13 LEU D CD2 
791 N N   . ALA D 15 ? 0.3138 0.2895 0.3854 -0.0008 -0.0099 0.0157  14 ALA D N   
792 C CA  . ALA D 15 ? 0.3136 0.2884 0.3865 -0.0015 -0.0077 0.0208  14 ALA D CA  
793 C C   . ALA D 15 ? 0.3566 0.3335 0.4319 -0.0051 -0.0069 0.0212  14 ALA D C   
794 O O   . ALA D 15 ? 0.3456 0.3243 0.4226 -0.0069 -0.0062 0.0251  14 ALA D O   
795 C CB  . ALA D 15 ? 0.3470 0.3162 0.4179 0.0014  -0.0059 0.0224  14 ALA D CB  
796 N N   . LYS D 16 ? 0.3314 0.3081 0.4071 -0.0063 -0.0069 0.0173  15 LYS D N   
797 C CA  . LYS D 16 ? 0.3176 0.2963 0.3956 -0.0101 -0.0060 0.0175  15 LYS D CA  
798 C C   . LYS D 16 ? 0.3593 0.3435 0.4386 -0.0126 -0.0068 0.0173  15 LYS D C   
799 O O   . LYS D 16 ? 0.3888 0.3745 0.4690 -0.0154 -0.0058 0.0201  15 LYS D O   
800 C CB  . LYS D 16 ? 0.3250 0.3024 0.4034 -0.0109 -0.0061 0.0132  15 LYS D CB  
801 C CG  . LYS D 16 ? 0.4536 0.4247 0.5304 -0.0090 -0.0048 0.0140  15 LYS D CG  
802 C CD  . LYS D 16 ? 0.4493 0.4185 0.5261 -0.0094 -0.0056 0.0092  15 LYS D CD  
803 C CE  . LYS D 16 ? 0.4740 0.4360 0.5485 -0.0077 -0.0042 0.0103  15 LYS D CE  
804 N NZ  . LYS D 16 ? 0.5009 0.4600 0.5739 -0.0070 -0.0057 0.0053  15 LYS D NZ  
805 N N   . LYS D 17 ? 0.3099 0.2968 0.3887 -0.0117 -0.0087 0.0141  16 LYS D N   
806 C CA  . LYS D 17 ? 0.3086 0.3001 0.3879 -0.0138 -0.0094 0.0137  16 LYS D CA  
807 C C   . LYS D 17 ? 0.4492 0.4406 0.5276 -0.0140 -0.0094 0.0189  16 LYS D C   
808 O O   . LYS D 17 ? 0.3028 0.2969 0.3814 -0.0167 -0.0093 0.0203  16 LYS D O   
809 C CB  . LYS D 17 ? 0.3554 0.3491 0.4345 -0.0122 -0.0115 0.0094  16 LYS D CB  
810 C CG  . LYS D 17 ? 0.4815 0.4783 0.5627 -0.0134 -0.0117 0.0041  16 LYS D CG  
811 C CD  . LYS D 17 ? 0.5708 0.5691 0.6518 -0.0109 -0.0142 0.0000  16 LYS D CD  
812 C CE  . LYS D 17 ? 0.7380 0.7354 0.8203 -0.0096 -0.0152 -0.0042 16 LYS D CE  
813 N NZ  . LYS D 17 ? 0.8146 0.8112 0.8954 -0.0063 -0.0180 -0.0070 16 LYS D NZ  
814 N N   . LEU D 18 ? 0.3096 0.2981 0.3872 -0.0112 -0.0096 0.0216  17 LEU D N   
815 C CA  . LEU D 18 ? 0.3067 0.2954 0.3843 -0.0114 -0.0099 0.0266  17 LEU D CA  
816 C C   . LEU D 18 ? 0.2625 0.2507 0.3412 -0.0136 -0.0084 0.0307  17 LEU D C   
817 O O   . LEU D 18 ? 0.3371 0.3271 0.4159 -0.0155 -0.0090 0.0340  17 LEU D O   
818 C CB  . LEU D 18 ? 0.2993 0.2851 0.3762 -0.0079 -0.0100 0.0288  17 LEU D CB  
819 C CG  . LEU D 18 ? 0.4606 0.4466 0.5358 -0.0059 -0.0119 0.0264  17 LEU D CG  
820 C CD1 . LEU D 18 ? 0.4497 0.4331 0.5245 -0.0032 -0.0116 0.0300  17 LEU D CD1 
821 C CD2 . LEU D 18 ? 0.3852 0.3747 0.4602 -0.0080 -0.0139 0.0255  17 LEU D CD2 
822 N N   . LYS D 19 ? 0.3867 0.3722 0.4661 -0.0133 -0.0066 0.0308  18 LYS D N   
823 C CA  . LYS D 19 ? 0.4085 0.3931 0.4891 -0.0153 -0.0052 0.0346  18 LYS D CA  
824 C C   . LYS D 19 ? 0.3713 0.3590 0.4517 -0.0193 -0.0054 0.0338  18 LYS D C   
825 O O   . LYS D 19 ? 0.3767 0.3651 0.4570 -0.0214 -0.0053 0.0377  18 LYS D O   
826 C CB  . LYS D 19 ? 0.3007 0.2809 0.3817 -0.0141 -0.0034 0.0342  18 LYS D CB  
827 C CG  . LYS D 19 ? 0.4455 0.4222 0.5261 -0.0099 -0.0029 0.0353  18 LYS D CG  
828 C CD  . LYS D 19 ? 0.6309 0.6026 0.7116 -0.0088 -0.0008 0.0362  18 LYS D CD  
829 C CE  . LYS D 19 ? 0.7073 0.6754 0.7870 -0.0044 0.0001  0.0370  18 LYS D CE  
830 N NZ  . LYS D 19 ? 0.6702 0.6328 0.7496 -0.0028 0.0024  0.0381  18 LYS D NZ  
831 N N   . ALA D 20 ? 0.3144 0.3041 0.3946 -0.0203 -0.0055 0.0286  19 ALA D N   
832 C CA  . ALA D 20 ? 0.3434 0.3365 0.4232 -0.0240 -0.0052 0.0273  19 ALA D CA  
833 C C   . ALA D 20 ? 0.3778 0.3736 0.4560 -0.0251 -0.0065 0.0293  19 ALA D C   
834 O O   . ALA D 20 ? 0.3628 0.3598 0.4400 -0.0280 -0.0063 0.0316  19 ALA D O   
835 C CB  . ALA D 20 ? 0.3465 0.3423 0.4272 -0.0245 -0.0051 0.0213  19 ALA D CB  
836 N N   . LEU D 21 ? 0.3425 0.3387 0.4201 -0.0227 -0.0083 0.0283  20 LEU D N   
837 C CA  . LEU D 21 ? 0.3038 0.3019 0.3797 -0.0236 -0.0100 0.0300  20 LEU D CA  
838 C C   . LEU D 21 ? 0.2922 0.2888 0.3682 -0.0244 -0.0102 0.0363  20 LEU D C   
839 O O   . LEU D 21 ? 0.3525 0.3504 0.4267 -0.0270 -0.0112 0.0383  20 LEU D O   
840 C CB  . LEU D 21 ? 0.2835 0.2816 0.3589 -0.0208 -0.0118 0.0280  20 LEU D CB  
841 C CG  . LEU D 21 ? 0.4741 0.4743 0.5492 -0.0202 -0.0124 0.0220  20 LEU D CG  
842 C CD1 . LEU D 21 ? 0.5022 0.5021 0.5762 -0.0180 -0.0146 0.0212  20 LEU D CD1 
843 C CD2 . LEU D 21 ? 0.5119 0.5155 0.5859 -0.0235 -0.0118 0.0199  20 LEU D CD2 
844 N N   . ALA D 22 ? 0.3678 0.3617 0.4459 -0.0221 -0.0097 0.0393  21 ALA D N   
845 C CA  . ALA D 22 ? 0.3354 0.3281 0.4146 -0.0225 -0.0100 0.0454  21 ALA D CA  
846 C C   . ALA D 22 ? 0.3918 0.3846 0.4702 -0.0258 -0.0092 0.0475  21 ALA D C   
847 O O   . ALA D 22 ? 0.4100 0.4035 0.4878 -0.0276 -0.0105 0.0515  21 ALA D O   
848 C CB  . ALA D 22 ? 0.3637 0.3534 0.4453 -0.0192 -0.0087 0.0477  21 ALA D CB  
849 N N   . TRP D 23 ? 0.4095 0.4014 0.4880 -0.0267 -0.0072 0.0451  22 TRP D N   
850 C CA  . TRP D 23 ? 0.3252 0.3167 0.4028 -0.0300 -0.0064 0.0473  22 TRP D CA  
851 C C   . TRP D 23 ? 0.3731 0.3677 0.4475 -0.0334 -0.0070 0.0459  22 TRP D C   
852 O O   . TRP D 23 ? 0.3471 0.3416 0.4197 -0.0360 -0.0074 0.0494  22 TRP D O   
853 C CB  . TRP D 23 ? 0.3527 0.3422 0.4314 -0.0303 -0.0041 0.0451  22 TRP D CB  
854 C CG  . TRP D 23 ? 0.3794 0.3646 0.4602 -0.0278 -0.0031 0.0480  22 TRP D CG  
855 C CD1 . TRP D 23 ? 0.5427 0.5255 0.6248 -0.0246 -0.0023 0.0457  22 TRP D CD1 
856 C CD2 . TRP D 23 ? 0.3671 0.3498 0.4490 -0.0281 -0.0028 0.0537  22 TRP D CD2 
857 N NE1 . TRP D 23 ? 0.5611 0.5399 0.6447 -0.0229 -0.0012 0.0494  22 TRP D NE1 
858 C CE2 . TRP D 23 ? 0.4808 0.4596 0.5649 -0.0248 -0.0016 0.0544  22 TRP D CE2 
859 C CE3 . TRP D 23 ? 0.3412 0.3243 0.4222 -0.0306 -0.0037 0.0582  22 TRP D CE3 
860 C CZ2 . TRP D 23 ? 0.4708 0.4464 0.5566 -0.0238 -0.0009 0.0594  22 TRP D CZ2 
861 C CZ3 . TRP D 23 ? 0.3921 0.3721 0.4752 -0.0298 -0.0035 0.0635  22 TRP D CZ3 
862 C CH2 . TRP D 23 ? 0.4888 0.4652 0.5744 -0.0263 -0.0019 0.0639  22 TRP D CH2 
863 N N   . LYS D 24 ? 0.3315 0.3288 0.4049 -0.0331 -0.0073 0.0409  23 LYS D N   
864 C CA  . LYS D 24 ? 0.3253 0.3253 0.3953 -0.0359 -0.0079 0.0394  23 LYS D CA  
865 C C   . LYS D 24 ? 0.4104 0.4100 0.4783 -0.0363 -0.0104 0.0434  23 LYS D C   
866 O O   . LYS D 24 ? 0.3771 0.3774 0.4415 -0.0393 -0.0109 0.0449  23 LYS D O   
867 C CB  . LYS D 24 ? 0.4114 0.4140 0.4813 -0.0349 -0.0078 0.0333  23 LYS D CB  
868 C CG  . LYS D 24 ? 0.6430 0.6484 0.7099 -0.0379 -0.0070 0.0304  23 LYS D CG  
869 C CD  . LYS D 24 ? 0.8260 0.8331 0.8949 -0.0393 -0.0042 0.0270  23 LYS D CD  
870 C CE  . LYS D 24 ? 0.8579 0.8666 0.9299 -0.0367 -0.0042 0.0216  23 LYS D CE  
871 N NZ  . LYS D 24 ? 0.8318 0.8411 0.9069 -0.0376 -0.0021 0.0193  23 LYS D NZ  
872 N N   . LEU D 25 ? 0.3686 0.3674 0.4386 -0.0336 -0.0121 0.0451  24 LEU D N   
873 C CA  . LEU D 25 ? 0.3475 0.3463 0.4165 -0.0341 -0.0147 0.0491  24 LEU D CA  
874 C C   . LEU D 25 ? 0.3753 0.3727 0.4444 -0.0358 -0.0151 0.0550  24 LEU D C   
875 O O   . LEU D 25 ? 0.3966 0.3944 0.4629 -0.0382 -0.0171 0.0576  24 LEU D O   
876 C CB  . LEU D 25 ? 0.3339 0.3322 0.4057 -0.0307 -0.0160 0.0499  24 LEU D CB  
877 C CG  . LEU D 25 ? 0.5961 0.5950 0.6669 -0.0313 -0.0191 0.0524  24 LEU D CG  
878 C CD1 . LEU D 25 ? 0.7648 0.7651 0.8309 -0.0334 -0.0201 0.0486  24 LEU D CD1 
879 C CD2 . LEU D 25 ? 0.5524 0.5509 0.6260 -0.0280 -0.0199 0.0525  24 LEU D CD2 
880 N N   . LYS D 26 ? 0.3859 0.3814 0.4582 -0.0345 -0.0134 0.0572  25 LYS D N   
881 C CA  . LYS D 26 ? 0.4349 0.4287 0.5078 -0.0359 -0.0136 0.0628  25 LYS D CA  
882 C C   . LYS D 26 ? 0.4153 0.4094 0.4836 -0.0399 -0.0133 0.0627  25 LYS D C   
883 O O   . LYS D 26 ? 0.5019 0.4955 0.5683 -0.0421 -0.0150 0.0670  25 LYS D O   
884 C CB  . LYS D 26 ? 0.4477 0.4390 0.5245 -0.0337 -0.0116 0.0643  25 LYS D CB  
885 C CG  . LYS D 26 ? 0.3767 0.3675 0.4573 -0.0296 -0.0115 0.0646  25 LYS D CG  
886 C CD  . LYS D 26 ? 0.3971 0.3848 0.4808 -0.0275 -0.0092 0.0660  25 LYS D CD  
887 C CE  . LYS D 26 ? 0.5054 0.4924 0.5925 -0.0233 -0.0087 0.0667  25 LYS D CE  
888 N NZ  . LYS D 26 ? 0.5167 0.4999 0.6060 -0.0211 -0.0062 0.0675  25 LYS D NZ  
889 N N   . ALA D 27 ? 0.3925 0.3874 0.4592 -0.0411 -0.0109 0.0579  26 ALA D N   
890 C CA  . ALA D 27 ? 0.4356 0.4309 0.4978 -0.0450 -0.0100 0.0574  26 ALA D CA  
891 C C   . ALA D 27 ? 0.4689 0.4656 0.5262 -0.0469 -0.0124 0.0575  26 ALA D C   
892 O O   . ALA D 27 ? 0.4576 0.4536 0.5107 -0.0499 -0.0131 0.0605  26 ALA D O   
893 C CB  . ALA D 27 ? 0.3567 0.3535 0.4188 -0.0457 -0.0072 0.0517  26 ALA D CB  
894 N N   . LEU D 28 ? 0.4843 0.4828 0.5419 -0.0451 -0.0138 0.0545  27 LEU D N   
895 C CA  . LEU D 28 ? 0.4064 0.4057 0.4593 -0.0467 -0.0162 0.0543  27 LEU D CA  
896 C C   . LEU D 28 ? 0.4842 0.4820 0.5369 -0.0473 -0.0196 0.0604  27 LEU D C   
897 O O   . LEU D 28 ? 0.5298 0.5272 0.5774 -0.0500 -0.0214 0.0622  27 LEU D O   
898 C CB  . LEU D 28 ? 0.4771 0.4780 0.5306 -0.0445 -0.0170 0.0496  27 LEU D CB  
899 C CG  . LEU D 28 ? 0.5428 0.5459 0.5951 -0.0447 -0.0144 0.0432  27 LEU D CG  
900 C CD1 . LEU D 28 ? 0.5720 0.5760 0.6254 -0.0419 -0.0156 0.0390  27 LEU D CD1 
901 C CD2 . LEU D 28 ? 0.6548 0.6584 0.7008 -0.0482 -0.0136 0.0422  27 LEU D CD2 
902 N N   . ALA D 29 ? 0.4716 0.4688 0.5299 -0.0446 -0.0204 0.0637  28 ALA D N   
903 C CA  . ALA D 29 ? 0.5241 0.5206 0.5837 -0.0449 -0.0236 0.0698  28 ALA D CA  
904 C C   . ALA D 29 ? 0.6875 0.6823 0.7445 -0.0477 -0.0239 0.0741  28 ALA D C   
905 O O   . ALA D 29 ? 0.6870 0.6815 0.7433 -0.0490 -0.0272 0.0788  28 ALA D O   
906 C CB  . ALA D 29 ? 0.4930 0.4893 0.5598 -0.0413 -0.0234 0.0723  28 ALA D CB  
907 N N   . GLN D 30 ? 0.5298 0.5237 0.5853 -0.0489 -0.0209 0.0727  29 GLN D N   
908 C CA  . GLN D 30 ? 0.6068 0.5986 0.6593 -0.0516 -0.0209 0.0767  29 GLN D CA  
909 C C   . GLN D 30 ? 0.8641 0.8561 0.9088 -0.0555 -0.0201 0.0743  29 GLN D C   
910 O O   . GLN D 30 ? 1.0449 1.0350 1.0851 -0.0583 -0.0215 0.0782  29 GLN D O   
911 C CB  . GLN D 30 ? 0.4466 0.4366 0.5029 -0.0506 -0.0179 0.0776  29 GLN D CB  
912 C CG  . GLN D 30 ? 0.4411 0.4283 0.4959 -0.0526 -0.0183 0.0831  29 GLN D CG  
913 C CD  . GLN D 30 ? 0.4882 0.4729 0.5481 -0.0506 -0.0161 0.0847  29 GLN D CD  
914 O OE1 . GLN D 30 ? 0.4810 0.4660 0.5435 -0.0489 -0.0134 0.0806  29 GLN D OE1 
915 N NE2 . GLN D 30 ? 0.4901 0.4724 0.5515 -0.0506 -0.0175 0.0906  29 GLN D NE2 
916 N N   . GLY D 31 ? 0.8830 0.8769 0.9258 -0.0555 -0.0180 0.0682  30 GLY D N   
917 C CA  . GLY D 31 ? 0.8050 0.7992 0.8408 -0.0589 -0.0164 0.0655  30 GLY D CA  
918 C C   . GLY D 31 ? 0.8732 0.8674 0.9023 -0.0606 -0.0193 0.0654  30 GLY D C   
919 O O   . GLY D 31 ? 1.0113 1.0048 1.0411 -0.0601 -0.0233 0.0688  30 GLY D O   
# 
